data_1Y1Q
#
_entry.id   1Y1Q
#
_cell.length_a   88.370
_cell.length_b   123.730
_cell.length_c   134.140
_cell.angle_alpha   90.00
_cell.angle_beta   90.00
_cell.angle_gamma   90.00
#
_symmetry.space_group_name_H-M   'P 21 21 21'
#
loop_
_entity.id
_entity.type
_entity.pdbx_description
1 polymer 'Uridine phosphorylase'
2 non-polymer 'SULFATE ION'
3 non-polymer "URIDINE-5'-MONOPHOSPHATE"
4 water water
#
_entity_poly.entity_id   1
_entity_poly.type   'polypeptide(L)'
_entity_poly.pdbx_seq_one_letter_code
;MSKSDVFHLGLTKNDLQGAQLAIVPGDPERVEKIAALMDKPVKLASHREFTSWRAELDGKAVIVCSTGIGGPSTSIAVEE
LAQLGIRTFLRIGTTGAIQPHINVGDVLVTTASVRLDGASLHFAPMEFPAVADFACTTALVEAAKSIGATTHVGVTASSD
TFYPGQERYDTYSGRVVRRFKGSMEEWQAMGVMNYEMESATLLTMCASQGLRAGMVAGVIVNRTQQEIPNAETMKQTESH
AVKIVVEAARRLL
;
_entity_poly.pdbx_strand_id   A,B,C,D,E,F
#
loop_
_chem_comp.id
_chem_comp.type
_chem_comp.name
_chem_comp.formula
SO4 non-polymer 'SULFATE ION' 'O4 S -2'
U5P non-polymer URIDINE-5'-MONOPHOSPHATE 'C9 H13 N2 O9 P'
#
# COMPACT_ATOMS: atom_id res chain seq x y z
N SER A 4 39.53 9.95 10.10
CA SER A 4 38.11 9.47 10.19
C SER A 4 37.97 7.98 9.86
N ASP A 5 37.07 7.31 10.59
CA ASP A 5 36.80 5.88 10.36
C ASP A 5 35.43 5.77 9.70
N VAL A 6 34.70 6.88 9.65
CA VAL A 6 33.37 6.90 9.03
C VAL A 6 33.37 7.94 7.93
N PHE A 7 32.61 7.68 6.87
CA PHE A 7 32.56 8.56 5.72
C PHE A 7 31.97 9.96 5.87
N HIS A 8 31.11 10.19 6.87
CA HIS A 8 30.51 11.51 7.02
C HIS A 8 30.89 12.32 8.24
N LEU A 9 30.94 11.69 9.41
CA LEU A 9 31.23 12.42 10.65
C LEU A 9 32.64 12.96 10.88
N GLY A 10 33.64 12.34 10.29
CA GLY A 10 35.00 12.82 10.50
C GLY A 10 35.44 12.45 11.90
N LEU A 11 35.02 11.28 12.35
CA LEU A 11 35.36 10.80 13.70
C LEU A 11 36.04 9.43 13.66
N THR A 12 36.78 9.13 14.71
CA THR A 12 37.46 7.84 14.86
C THR A 12 37.05 7.35 16.24
N LYS A 13 37.13 6.04 16.47
CA LYS A 13 36.76 5.51 17.78
C LYS A 13 37.61 6.18 18.84
N ASN A 14 38.85 6.50 18.49
CA ASN A 14 39.76 7.15 19.42
C ASN A 14 39.10 8.43 19.92
N ASP A 15 38.54 9.22 19.00
CA ASP A 15 37.86 10.46 19.37
C ASP A 15 36.85 10.23 20.49
N LEU A 16 36.23 9.06 20.50
CA LEU A 16 35.20 8.74 21.49
C LEU A 16 35.69 8.44 22.90
N GLN A 17 36.92 7.98 23.03
CA GLN A 17 37.47 7.66 24.34
C GLN A 17 36.53 6.72 25.07
N GLY A 18 36.09 5.68 24.36
CA GLY A 18 35.22 4.69 24.96
C GLY A 18 33.75 5.02 25.13
N ALA A 19 33.32 6.19 24.67
CA ALA A 19 31.90 6.56 24.81
C ALA A 19 30.98 5.52 24.17
N GLN A 20 29.79 5.38 24.72
CA GLN A 20 28.81 4.45 24.18
C GLN A 20 27.43 5.10 24.12
N LEU A 21 27.35 6.33 24.60
CA LEU A 21 26.09 7.06 24.58
C LEU A 21 26.24 8.39 23.85
N ALA A 22 25.27 8.69 23.00
CA ALA A 22 25.29 9.93 22.26
C ALA A 22 24.01 10.72 22.47
N ILE A 23 24.16 12.03 22.58
CA ILE A 23 23.03 12.93 22.71
C ILE A 23 22.98 13.54 21.31
N VAL A 24 21.90 13.29 20.59
CA VAL A 24 21.80 13.77 19.22
C VAL A 24 20.73 14.83 18.91
N PRO A 25 21.10 16.12 19.01
CA PRO A 25 20.15 17.21 18.72
C PRO A 25 20.10 17.36 17.21
N GLY A 26 19.18 18.18 16.71
CA GLY A 26 19.06 18.36 15.27
C GLY A 26 19.86 19.52 14.69
N ASP A 27 20.12 20.53 15.51
CA ASP A 27 20.86 21.71 15.07
C ASP A 27 22.31 21.68 15.51
N PRO A 28 23.26 21.67 14.55
CA PRO A 28 24.68 21.67 14.87
C PRO A 28 25.07 22.79 15.83
N GLU A 29 24.38 23.92 15.70
CA GLU A 29 24.63 25.08 16.54
C GLU A 29 24.28 24.80 18.00
N ARG A 30 23.44 23.80 18.23
CA ARG A 30 23.02 23.46 19.59
C ARG A 30 23.93 22.43 20.28
N VAL A 31 24.83 21.80 19.52
CA VAL A 31 25.70 20.79 20.11
C VAL A 31 26.54 21.36 21.25
N GLU A 32 27.21 22.48 21.01
CA GLU A 32 28.06 23.11 22.02
C GLU A 32 27.32 23.43 23.30
N LYS A 33 26.05 23.82 23.17
CA LYS A 33 25.22 24.17 24.32
C LYS A 33 24.87 22.95 25.17
N ILE A 34 24.58 21.82 24.54
CA ILE A 34 24.28 20.59 25.30
C ILE A 34 25.57 20.18 26.03
N ALA A 35 26.67 20.16 25.29
CA ALA A 35 27.96 19.78 25.85
C ALA A 35 28.33 20.67 27.04
N ALA A 36 27.82 21.90 27.07
CA ALA A 36 28.12 22.83 28.15
C ALA A 36 27.47 22.45 29.49
N LEU A 37 26.59 21.45 29.48
CA LEU A 37 25.94 20.98 30.69
C LEU A 37 26.76 19.85 31.28
N MET A 38 27.84 19.49 30.59
CA MET A 38 28.71 18.42 31.05
C MET A 38 30.15 18.89 31.28
N ASP A 39 30.98 18.02 31.86
CA ASP A 39 32.36 18.37 32.16
C ASP A 39 33.32 18.18 30.98
N LYS A 40 34.34 19.04 30.93
CA LYS A 40 35.38 19.00 29.90
C LYS A 40 34.95 18.82 28.45
N PRO A 41 33.98 19.60 27.98
CA PRO A 41 33.58 19.41 26.59
C PRO A 41 34.66 19.84 25.60
N VAL A 42 34.87 19.03 24.57
CA VAL A 42 35.86 19.29 23.53
C VAL A 42 35.19 19.14 22.17
N LYS A 43 35.49 20.05 21.25
CA LYS A 43 34.91 19.91 19.92
C LYS A 43 35.70 18.87 19.15
N LEU A 44 35.00 17.88 18.59
CA LEU A 44 35.67 16.83 17.83
C LEU A 44 35.79 17.16 16.34
N ALA A 45 34.67 17.58 15.74
CA ALA A 45 34.68 17.90 14.32
C ALA A 45 33.39 18.57 13.88
N SER A 46 33.36 18.94 12.60
CA SER A 46 32.19 19.56 12.00
C SER A 46 32.30 19.48 10.49
N HIS A 47 31.41 18.69 9.91
CA HIS A 47 31.33 18.47 8.46
C HIS A 47 29.89 18.44 8.04
N ARG A 48 29.54 19.28 7.10
CA ARG A 48 28.14 19.38 6.73
C ARG A 48 27.32 19.59 7.99
N GLU A 49 26.15 18.96 8.00
CA GLU A 49 25.17 19.04 9.08
C GLU A 49 25.65 18.43 10.40
N PHE A 50 26.74 17.66 10.35
CA PHE A 50 27.22 16.98 11.55
C PHE A 50 28.33 17.59 12.37
N THR A 51 27.96 18.24 13.47
CA THR A 51 28.92 18.86 14.38
C THR A 51 28.95 17.99 15.64
N SER A 52 30.14 17.54 16.03
CA SER A 52 30.28 16.66 17.18
C SER A 52 31.24 17.13 18.28
N TRP A 53 30.84 16.90 19.52
CA TRP A 53 31.62 17.27 20.69
C TRP A 53 31.71 16.09 21.63
N ARG A 54 32.72 16.09 22.47
CA ARG A 54 32.90 15.01 23.44
C ARG A 54 32.93 15.64 24.82
N ALA A 55 32.25 15.02 25.76
CA ALA A 55 32.24 15.53 27.11
C ALA A 55 32.30 14.37 28.08
N GLU A 56 32.39 14.69 29.37
CA GLU A 56 32.41 13.67 30.40
C GLU A 56 31.19 13.84 31.27
N LEU A 57 30.59 12.72 31.67
CA LEU A 57 29.42 12.75 32.51
C LEU A 57 29.67 11.72 33.61
N ASP A 58 29.82 12.23 34.84
CA ASP A 58 30.10 11.35 35.97
C ASP A 58 31.35 10.55 35.65
N GLY A 59 32.34 11.25 35.09
CA GLY A 59 33.59 10.62 34.73
C GLY A 59 33.57 9.72 33.52
N LYS A 60 32.45 9.69 32.79
CA LYS A 60 32.37 8.84 31.60
C LYS A 60 32.24 9.61 30.31
N ALA A 61 32.88 9.10 29.26
CA ALA A 61 32.86 9.75 27.96
C ALA A 61 31.47 9.71 27.37
N VAL A 62 31.06 10.85 26.83
CA VAL A 62 29.75 10.98 26.21
C VAL A 62 29.90 11.77 24.92
N ILE A 63 29.10 11.43 23.91
CA ILE A 63 29.15 12.13 22.63
C ILE A 63 27.89 12.96 22.40
N VAL A 64 28.07 14.17 21.89
CA VAL A 64 26.94 15.03 21.52
C VAL A 64 27.19 15.29 20.04
N CYS A 65 26.26 14.88 19.19
CA CYS A 65 26.42 15.07 17.74
C CYS A 65 25.11 15.39 17.04
N SER A 66 25.11 16.48 16.27
CA SER A 66 23.91 16.91 15.54
C SER A 66 23.56 15.96 14.40
N THR A 67 22.28 15.75 14.19
CA THR A 67 21.81 14.84 13.14
C THR A 67 21.35 15.55 11.87
N GLY A 68 20.97 16.82 12.01
CA GLY A 68 20.47 17.57 10.88
C GLY A 68 18.96 17.40 10.84
N ILE A 69 18.29 18.07 9.91
CA ILE A 69 16.84 17.97 9.81
C ILE A 69 16.35 16.79 8.97
N GLY A 70 15.61 15.88 9.59
CA GLY A 70 15.10 14.73 8.88
C GLY A 70 15.76 13.41 9.17
N GLY A 71 15.05 12.33 8.87
CA GLY A 71 15.58 10.99 9.07
C GLY A 71 16.71 10.64 8.13
N PRO A 72 16.70 11.13 6.89
CA PRO A 72 17.82 10.76 6.02
C PRO A 72 19.15 11.17 6.65
N SER A 73 19.23 12.43 7.05
CA SER A 73 20.45 12.93 7.67
C SER A 73 20.69 12.24 9.01
N THR A 74 19.61 11.96 9.74
CA THR A 74 19.70 11.31 11.04
C THR A 74 20.21 9.87 10.94
N SER A 75 19.77 9.15 9.90
CA SER A 75 20.18 7.78 9.70
C SER A 75 21.68 7.65 9.48
N ILE A 76 22.28 8.67 8.86
CA ILE A 76 23.72 8.66 8.59
C ILE A 76 24.51 8.84 9.87
N ALA A 77 24.13 9.85 10.65
CA ALA A 77 24.81 10.11 11.90
C ALA A 77 24.71 8.92 12.84
N VAL A 78 23.51 8.40 13.02
CA VAL A 78 23.30 7.26 13.89
C VAL A 78 24.10 6.04 13.44
N GLU A 79 24.02 5.75 12.15
CA GLU A 79 24.72 4.61 11.56
C GLU A 79 26.23 4.65 11.80
N GLU A 80 26.84 5.78 11.48
CA GLU A 80 28.28 5.93 11.65
C GLU A 80 28.69 5.99 13.11
N LEU A 81 27.84 6.57 13.95
CA LEU A 81 28.13 6.63 15.37
C LEU A 81 28.12 5.21 15.92
N ALA A 82 27.19 4.39 15.44
CA ALA A 82 27.12 2.99 15.90
C ALA A 82 28.38 2.23 15.50
N GLN A 83 28.91 2.52 14.32
CA GLN A 83 30.14 1.88 13.87
C GLN A 83 31.27 2.28 14.82
N LEU A 84 31.22 3.52 15.32
CA LEU A 84 32.25 4.04 16.23
C LEU A 84 32.11 3.52 17.66
N GLY A 85 31.08 2.72 17.91
CA GLY A 85 30.87 2.17 19.23
C GLY A 85 29.60 2.58 19.95
N ILE A 86 29.06 3.76 19.65
CA ILE A 86 27.85 4.21 20.32
C ILE A 86 26.72 3.16 20.26
N ARG A 87 26.09 2.92 21.41
CA ARG A 87 25.01 1.95 21.51
C ARG A 87 23.74 2.56 22.08
N THR A 88 23.84 3.77 22.62
CA THR A 88 22.68 4.43 23.19
C THR A 88 22.54 5.84 22.67
N PHE A 89 21.40 6.15 22.07
CA PHE A 89 21.16 7.48 21.50
C PHE A 89 20.01 8.19 22.18
N LEU A 90 20.27 9.41 22.64
CA LEU A 90 19.24 10.22 23.29
C LEU A 90 19.02 11.46 22.45
N ARG A 91 17.83 11.59 21.88
CA ARG A 91 17.55 12.77 21.06
C ARG A 91 16.81 13.82 21.85
N ILE A 92 17.30 15.06 21.74
CA ILE A 92 16.69 16.19 22.41
C ILE A 92 16.26 17.16 21.29
N GLY A 93 15.02 17.64 21.37
CA GLY A 93 14.55 18.56 20.35
C GLY A 93 13.50 19.54 20.83
N THR A 94 13.08 20.41 19.92
CA THR A 94 12.05 21.40 20.21
C THR A 94 10.84 20.92 19.43
N THR A 95 9.65 21.33 19.84
CA THR A 95 8.46 20.88 19.13
C THR A 95 7.28 21.81 19.27
N GLY A 96 6.24 21.51 18.50
CA GLY A 96 5.03 22.28 18.55
C GLY A 96 3.97 21.25 18.89
N ALA A 97 3.27 21.48 19.99
CA ALA A 97 2.25 20.53 20.42
C ALA A 97 0.96 20.69 19.63
N ILE A 98 0.21 19.59 19.51
CA ILE A 98 -1.06 19.62 18.81
C ILE A 98 -2.21 19.34 19.76
N GLN A 99 -1.89 19.19 21.04
CA GLN A 99 -2.94 18.94 22.05
C GLN A 99 -3.17 20.23 22.83
N PRO A 100 -4.45 20.59 23.07
CA PRO A 100 -4.84 21.80 23.80
C PRO A 100 -4.26 21.90 25.22
N HIS A 101 -4.22 20.78 25.93
CA HIS A 101 -3.74 20.74 27.30
C HIS A 101 -2.21 20.77 27.48
N ILE A 102 -1.47 20.59 26.39
CA ILE A 102 -0.02 20.63 26.47
C ILE A 102 0.42 22.10 26.29
N ASN A 103 0.96 22.67 27.37
CA ASN A 103 1.40 24.07 27.38
C ASN A 103 2.84 24.27 26.95
N VAL A 104 3.13 25.46 26.44
CA VAL A 104 4.48 25.81 26.03
C VAL A 104 5.37 25.70 27.27
N GLY A 105 6.60 25.25 27.08
CA GLY A 105 7.50 25.10 28.21
C GLY A 105 7.46 23.71 28.81
N ASP A 106 6.46 22.92 28.44
CA ASP A 106 6.37 21.56 28.98
C ASP A 106 7.38 20.68 28.28
N VAL A 107 7.65 19.53 28.86
CA VAL A 107 8.61 18.58 28.31
C VAL A 107 7.88 17.34 27.79
N LEU A 108 8.29 16.86 26.63
CA LEU A 108 7.68 15.68 26.03
C LEU A 108 8.65 14.52 25.86
N VAL A 109 8.25 13.36 26.37
CA VAL A 109 9.03 12.13 26.26
C VAL A 109 8.23 11.28 25.27
N THR A 110 8.90 10.64 24.32
CA THR A 110 8.19 9.86 23.32
C THR A 110 8.29 8.34 23.44
N THR A 111 7.14 7.68 23.59
CA THR A 111 7.11 6.22 23.70
C THR A 111 7.26 5.56 22.33
N ALA A 112 6.64 6.18 21.32
CA ALA A 112 6.71 5.68 19.94
C ALA A 112 6.22 6.79 19.03
N SER A 113 6.48 6.64 17.73
CA SER A 113 6.08 7.67 16.78
C SER A 113 5.27 7.16 15.60
N VAL A 114 4.44 8.04 15.06
CA VAL A 114 3.65 7.74 13.87
C VAL A 114 4.71 7.90 12.78
N ARG A 115 4.91 6.87 11.97
CA ARG A 115 5.91 6.94 10.93
C ARG A 115 5.49 7.71 9.68
N LEU A 116 5.46 9.03 9.77
CA LEU A 116 5.11 9.85 8.62
C LEU A 116 6.40 10.23 7.88
N ASP A 117 7.34 9.28 7.81
CA ASP A 117 8.62 9.51 7.13
C ASP A 117 8.86 8.43 6.09
N GLY A 118 10.05 8.42 5.52
CA GLY A 118 10.40 7.42 4.52
C GLY A 118 11.62 6.60 4.89
N ALA A 119 12.53 7.18 5.68
CA ALA A 119 13.76 6.47 6.08
C ALA A 119 13.55 5.28 7.00
N SER A 120 12.54 5.32 7.86
CA SER A 120 12.28 4.20 8.75
C SER A 120 12.01 2.94 7.95
N LEU A 121 11.39 3.12 6.78
CA LEU A 121 11.06 2.00 5.89
C LEU A 121 12.32 1.38 5.31
N HIS A 122 13.45 2.06 5.50
CA HIS A 122 14.71 1.53 5.01
C HIS A 122 15.34 0.57 6.03
N PHE A 123 14.67 0.44 7.18
CA PHE A 123 15.13 -0.46 8.24
C PHE A 123 14.08 -1.48 8.65
N ALA A 124 12.82 -1.18 8.37
CA ALA A 124 11.75 -2.09 8.73
C ALA A 124 10.42 -1.70 8.05
N PRO A 125 9.57 -2.70 7.72
CA PRO A 125 8.29 -2.41 7.07
C PRO A 125 7.37 -1.61 8.01
N MET A 126 6.42 -0.89 7.44
CA MET A 126 5.53 -0.06 8.23
C MET A 126 4.91 -0.73 9.46
N GLU A 127 4.73 -2.05 9.39
CA GLU A 127 4.14 -2.82 10.50
C GLU A 127 4.95 -2.76 11.80
N PHE A 128 6.26 -2.70 11.69
CA PHE A 128 7.13 -2.63 12.85
C PHE A 128 6.90 -1.31 13.56
N PRO A 129 6.93 -1.31 14.90
CA PRO A 129 6.70 -0.08 15.67
C PRO A 129 7.93 0.78 15.86
N ALA A 130 7.75 2.09 15.76
CA ALA A 130 8.83 3.04 15.95
C ALA A 130 8.80 3.39 17.44
N VAL A 131 9.11 2.39 18.27
CA VAL A 131 9.09 2.52 19.73
C VAL A 131 10.44 2.79 20.36
N ALA A 132 10.44 3.62 21.39
CA ALA A 132 11.67 3.97 22.08
C ALA A 132 12.08 2.81 22.97
N ASP A 133 13.34 2.80 23.37
CA ASP A 133 13.86 1.76 24.26
C ASP A 133 13.23 2.02 25.62
N PHE A 134 13.02 0.97 26.41
CA PHE A 134 12.37 1.15 27.72
C PHE A 134 13.23 1.90 28.74
N ALA A 135 14.49 1.51 28.83
CA ALA A 135 15.45 2.12 29.74
C ALA A 135 15.67 3.62 29.45
N CYS A 136 15.77 3.96 28.17
CA CYS A 136 15.99 5.36 27.75
C CYS A 136 14.82 6.27 28.11
N THR A 137 13.61 5.72 27.97
CA THR A 137 12.38 6.43 28.26
C THR A 137 12.25 6.58 29.77
N THR A 138 12.66 5.53 30.48
CA THR A 138 12.63 5.53 31.94
C THR A 138 13.56 6.62 32.47
N ALA A 139 14.76 6.72 31.89
CA ALA A 139 15.74 7.72 32.32
C ALA A 139 15.22 9.13 32.10
N LEU A 140 14.56 9.35 30.97
CA LEU A 140 14.02 10.65 30.64
C LEU A 140 12.85 11.05 31.54
N VAL A 141 11.98 10.08 31.84
CA VAL A 141 10.84 10.34 32.70
C VAL A 141 11.33 10.61 34.11
N GLU A 142 12.32 9.84 34.55
CA GLU A 142 12.87 10.02 35.89
C GLU A 142 13.64 11.33 36.01
N ALA A 143 14.46 11.64 35.02
CA ALA A 143 15.23 12.88 35.03
C ALA A 143 14.30 14.09 35.03
N ALA A 144 13.22 14.01 34.26
CA ALA A 144 12.26 15.11 34.19
C ALA A 144 11.71 15.36 35.59
N LYS A 145 11.57 14.28 36.35
CA LYS A 145 11.08 14.38 37.73
C LYS A 145 12.17 15.05 38.59
N SER A 146 13.42 14.67 38.36
CA SER A 146 14.55 15.26 39.09
C SER A 146 14.61 16.77 38.84
N ILE A 147 14.41 17.16 37.58
CA ILE A 147 14.45 18.56 37.20
C ILE A 147 13.20 19.32 37.64
N GLY A 148 12.03 18.70 37.47
CA GLY A 148 10.79 19.32 37.91
C GLY A 148 9.85 19.83 36.83
N ALA A 149 10.13 19.54 35.57
CA ALA A 149 9.29 20.01 34.47
C ALA A 149 7.89 19.40 34.44
N THR A 150 6.99 20.00 33.68
CA THR A 150 5.65 19.45 33.52
C THR A 150 5.85 18.51 32.33
N THR A 151 5.65 17.22 32.57
CA THR A 151 5.90 16.23 31.54
C THR A 151 4.70 15.42 31.03
N HIS A 152 4.76 15.13 29.73
CA HIS A 152 3.75 14.35 29.03
C HIS A 152 4.47 13.20 28.31
N VAL A 153 3.92 12.00 28.44
CA VAL A 153 4.52 10.83 27.83
C VAL A 153 3.50 10.13 26.91
N GLY A 154 3.89 9.91 25.66
CA GLY A 154 3.00 9.25 24.74
C GLY A 154 3.52 9.24 23.31
N VAL A 155 2.59 9.20 22.36
CA VAL A 155 2.91 9.16 20.93
C VAL A 155 3.20 10.50 20.27
N THR A 156 4.09 10.47 19.29
CA THR A 156 4.51 11.65 18.54
C THR A 156 4.37 11.38 17.05
N ALA A 157 4.09 12.43 16.28
CA ALA A 157 3.98 12.25 14.84
C ALA A 157 5.27 12.79 14.22
N SER A 158 6.06 11.91 13.61
CA SER A 158 7.31 12.31 12.99
C SER A 158 7.07 12.44 11.50
N SER A 159 7.17 13.67 11.01
CA SER A 159 6.93 13.98 9.60
C SER A 159 8.20 14.24 8.79
N ASP A 160 8.22 13.77 7.54
CA ASP A 160 9.36 13.98 6.67
C ASP A 160 9.39 15.42 6.15
N THR A 161 8.28 16.14 6.31
CA THR A 161 8.25 17.54 5.90
C THR A 161 7.88 18.40 7.10
N PHE A 162 8.19 19.69 6.99
CA PHE A 162 7.90 20.63 8.06
C PHE A 162 6.58 21.32 7.79
N TYR A 163 6.16 21.34 6.53
CA TYR A 163 4.92 22.02 6.19
C TYR A 163 3.68 21.17 5.88
N PRO A 164 3.62 20.52 4.69
CA PRO A 164 2.44 19.72 4.39
C PRO A 164 2.21 18.52 5.32
N GLY A 165 3.29 17.85 5.71
CA GLY A 165 3.16 16.70 6.59
C GLY A 165 2.58 17.05 7.95
N GLN A 166 2.72 18.31 8.37
CA GLN A 166 2.21 18.77 9.66
C GLN A 166 1.02 19.66 9.40
N GLU A 167 0.36 19.36 8.29
CA GLU A 167 -0.80 20.10 7.80
C GLU A 167 -0.71 21.62 7.98
N ARG A 168 0.37 22.23 7.49
CA ARG A 168 0.46 23.69 7.55
C ARG A 168 0.00 24.18 6.18
N TYR A 169 -0.77 25.26 6.13
CA TYR A 169 -1.24 25.81 4.87
C TYR A 169 -0.61 27.15 4.58
N ASP A 170 0.16 27.66 5.55
CA ASP A 170 0.83 28.95 5.39
C ASP A 170 2.05 28.76 4.49
N THR A 171 1.81 28.20 3.31
CA THR A 171 2.87 27.90 2.36
C THR A 171 2.72 28.57 0.99
N TYR A 172 3.78 28.48 0.19
CA TYR A 172 3.76 29.07 -1.14
C TYR A 172 2.53 28.61 -1.93
N SER A 173 2.36 27.29 -2.07
CA SER A 173 1.23 26.73 -2.81
C SER A 173 -0.07 26.82 -2.03
N GLY A 174 0.03 26.80 -0.70
CA GLY A 174 -1.14 26.88 0.15
C GLY A 174 -2.03 25.65 0.11
N ARG A 175 -1.52 24.54 -0.44
CA ARG A 175 -2.34 23.33 -0.52
C ARG A 175 -1.69 22.13 0.18
N VAL A 176 -2.52 21.20 0.64
CA VAL A 176 -2.06 20.00 1.31
C VAL A 176 -2.57 18.76 0.57
N VAL A 177 -1.64 17.88 0.15
CA VAL A 177 -2.02 16.68 -0.59
C VAL A 177 -3.05 15.83 0.17
N ARG A 178 -4.00 15.28 -0.57
CA ARG A 178 -5.09 14.46 -0.02
C ARG A 178 -4.79 13.68 1.26
N ARG A 179 -3.69 12.93 1.24
CA ARG A 179 -3.28 12.13 2.37
C ARG A 179 -3.22 12.88 3.69
N PHE A 180 -2.71 14.10 3.65
CA PHE A 180 -2.56 14.90 4.86
C PHE A 180 -3.67 15.91 5.13
N LYS A 181 -4.74 15.86 4.34
CA LYS A 181 -5.85 16.78 4.54
C LYS A 181 -6.63 16.31 5.74
N GLY A 182 -6.78 17.18 6.74
CA GLY A 182 -7.51 16.81 7.93
C GLY A 182 -6.80 15.76 8.76
N SER A 183 -5.50 15.61 8.52
CA SER A 183 -4.71 14.61 9.25
C SER A 183 -4.35 15.05 10.67
N MET A 184 -4.15 16.35 10.88
CA MET A 184 -3.81 16.85 12.20
C MET A 184 -4.94 16.57 13.18
N GLU A 185 -6.17 16.84 12.76
CA GLU A 185 -7.33 16.59 13.60
C GLU A 185 -7.41 15.10 13.93
N GLU A 186 -6.94 14.27 13.01
CA GLU A 186 -6.96 12.83 13.25
C GLU A 186 -5.93 12.45 14.33
N TRP A 187 -4.72 12.98 14.23
CA TRP A 187 -3.68 12.68 15.21
C TRP A 187 -4.08 13.20 16.59
N GLN A 188 -4.72 14.37 16.63
CA GLN A 188 -5.16 14.93 17.90
C GLN A 188 -6.14 13.96 18.54
N ALA A 189 -7.11 13.55 17.73
CA ALA A 189 -8.14 12.64 18.18
C ALA A 189 -7.55 11.33 18.67
N MET A 190 -6.44 10.91 18.07
CA MET A 190 -5.79 9.67 18.47
C MET A 190 -4.89 9.86 19.69
N GLY A 191 -4.83 11.10 20.18
CA GLY A 191 -4.02 11.41 21.34
C GLY A 191 -2.55 11.68 21.06
N VAL A 192 -2.22 11.98 19.81
CA VAL A 192 -0.83 12.28 19.46
C VAL A 192 -0.49 13.62 20.09
N MET A 193 0.68 13.68 20.72
CA MET A 193 1.11 14.89 21.41
C MET A 193 1.62 16.02 20.55
N ASN A 194 2.50 15.68 19.62
CA ASN A 194 3.13 16.71 18.81
C ASN A 194 3.65 16.20 17.48
N TYR A 195 4.31 17.12 16.78
CA TYR A 195 4.92 16.87 15.48
C TYR A 195 6.41 17.21 15.61
N GLU A 196 7.26 16.41 14.99
CA GLU A 196 8.69 16.68 14.96
C GLU A 196 9.17 15.87 13.75
N MET A 197 10.43 16.02 13.34
CA MET A 197 10.89 15.34 12.12
C MET A 197 12.02 14.28 12.12
N GLU A 198 12.41 13.75 13.27
CA GLU A 198 13.47 12.75 13.26
C GLU A 198 13.20 11.47 14.06
N SER A 199 12.26 11.51 15.01
CA SER A 199 12.01 10.33 15.84
C SER A 199 11.66 9.05 15.08
N ALA A 200 10.72 9.13 14.16
CA ALA A 200 10.33 7.93 13.41
C ALA A 200 11.54 7.11 12.95
N THR A 201 12.44 7.77 12.23
CA THR A 201 13.66 7.13 11.70
C THR A 201 14.54 6.62 12.81
N LEU A 202 14.88 7.51 13.74
CA LEU A 202 15.72 7.20 14.88
C LEU A 202 15.23 5.98 15.68
N LEU A 203 13.99 6.03 16.13
CA LEU A 203 13.42 4.94 16.91
C LEU A 203 13.34 3.63 16.12
N THR A 204 12.84 3.69 14.89
CA THR A 204 12.74 2.48 14.08
C THR A 204 14.08 1.80 13.73
N MET A 205 15.09 2.58 13.41
CA MET A 205 16.39 2.01 13.04
C MET A 205 17.18 1.49 14.23
N CYS A 206 16.92 2.05 15.41
CA CYS A 206 17.61 1.59 16.61
C CYS A 206 16.91 0.35 17.17
N ALA A 207 15.59 0.41 17.25
CA ALA A 207 14.79 -0.70 17.75
C ALA A 207 14.90 -1.95 16.88
N SER A 208 15.22 -1.76 15.61
CA SER A 208 15.35 -2.86 14.66
C SER A 208 16.80 -3.24 14.41
N GLN A 209 17.71 -2.67 15.19
CA GLN A 209 19.13 -2.99 15.04
C GLN A 209 19.87 -3.12 16.38
N GLY A 210 19.13 -3.47 17.43
CA GLY A 210 19.74 -3.65 18.73
C GLY A 210 20.46 -2.44 19.34
N LEU A 211 19.95 -1.26 19.06
CA LEU A 211 20.54 -0.03 19.62
C LEU A 211 19.45 0.63 20.46
N ARG A 212 19.86 1.28 21.55
CA ARG A 212 18.90 1.94 22.43
C ARG A 212 18.73 3.42 22.09
N ALA A 213 17.49 3.88 22.06
CA ALA A 213 17.21 5.25 21.71
C ALA A 213 16.12 5.89 22.55
N GLY A 214 16.29 7.18 22.82
CA GLY A 214 15.32 7.91 23.61
C GLY A 214 14.99 9.19 22.85
N MET A 215 13.91 9.86 23.25
CA MET A 215 13.49 11.08 22.59
C MET A 215 12.73 11.97 23.57
N VAL A 216 13.25 13.19 23.78
CA VAL A 216 12.64 14.15 24.67
C VAL A 216 12.69 15.50 23.99
N ALA A 217 11.66 16.32 24.19
CA ALA A 217 11.62 17.61 23.57
C ALA A 217 10.94 18.66 24.43
N GLY A 218 11.17 19.92 24.10
CA GLY A 218 10.56 21.02 24.82
C GLY A 218 9.56 21.67 23.89
N VAL A 219 8.31 21.78 24.32
CA VAL A 219 7.30 22.39 23.47
C VAL A 219 7.54 23.89 23.38
N ILE A 220 7.93 24.34 22.20
CA ILE A 220 8.19 25.75 22.03
C ILE A 220 7.03 26.50 21.39
N VAL A 221 5.93 25.79 21.09
CA VAL A 221 4.77 26.45 20.47
C VAL A 221 3.57 25.51 20.37
N ASN A 222 2.35 26.07 20.36
CA ASN A 222 1.15 25.24 20.25
C ASN A 222 0.30 25.58 19.03
N ARG A 223 0.09 24.58 18.17
CA ARG A 223 -0.69 24.75 16.94
C ARG A 223 -2.15 25.10 17.20
N THR A 224 -2.63 24.81 18.40
CA THR A 224 -4.02 25.12 18.74
C THR A 224 -4.14 26.46 19.45
N GLN A 225 -3.02 26.97 19.96
CA GLN A 225 -3.02 28.27 20.65
C GLN A 225 -2.80 29.38 19.63
N GLN A 226 -3.28 30.58 19.95
CA GLN A 226 -3.15 31.72 19.04
C GLN A 226 -1.86 32.50 19.18
N GLU A 227 -1.43 32.73 20.42
CA GLU A 227 -0.19 33.47 20.66
C GLU A 227 1.06 32.60 20.61
N ILE A 228 2.02 33.02 19.78
CA ILE A 228 3.28 32.33 19.60
C ILE A 228 4.26 32.59 20.74
N PRO A 229 4.89 31.53 21.29
CA PRO A 229 5.85 31.57 22.39
C PRO A 229 6.43 32.93 22.74
N ASN A 230 6.18 33.33 23.98
CA ASN A 230 6.62 34.62 24.53
C ASN A 230 8.03 35.02 24.11
N ALA A 231 8.10 35.89 23.09
CA ALA A 231 9.36 36.37 22.55
C ALA A 231 10.27 35.20 22.21
N GLU A 232 11.52 35.28 22.66
CA GLU A 232 12.49 34.23 22.41
C GLU A 232 13.04 33.74 23.73
N THR A 233 12.83 34.51 24.79
CA THR A 233 13.31 34.11 26.10
C THR A 233 12.43 32.98 26.63
N MET A 234 11.19 32.92 26.12
CA MET A 234 10.28 31.86 26.53
C MET A 234 10.85 30.57 25.96
N LYS A 235 11.63 30.72 24.90
CA LYS A 235 12.31 29.59 24.27
C LYS A 235 13.52 29.23 25.14
N GLN A 236 13.28 29.16 26.46
CA GLN A 236 14.29 28.79 27.44
C GLN A 236 13.87 27.35 27.74
N THR A 237 12.75 26.96 27.13
CA THR A 237 12.20 25.62 27.27
C THR A 237 13.26 24.71 26.67
N GLU A 238 13.95 25.23 25.67
CA GLU A 238 15.01 24.50 24.99
C GLU A 238 16.05 24.14 26.03
N SER A 239 16.37 25.11 26.89
CA SER A 239 17.36 24.90 27.94
C SER A 239 16.82 23.97 29.02
N HIS A 240 15.50 23.90 29.13
CA HIS A 240 14.87 23.05 30.13
C HIS A 240 15.01 21.59 29.67
N ALA A 241 14.51 21.30 28.47
CA ALA A 241 14.57 19.94 27.92
C ALA A 241 16.02 19.47 27.83
N VAL A 242 16.94 20.40 27.54
CA VAL A 242 18.35 20.07 27.46
C VAL A 242 18.86 19.46 28.78
N LYS A 243 18.61 20.15 29.89
CA LYS A 243 19.06 19.65 31.20
C LYS A 243 18.53 18.27 31.49
N ILE A 244 17.26 18.04 31.12
CA ILE A 244 16.63 16.73 31.35
C ILE A 244 17.31 15.62 30.54
N VAL A 245 17.62 15.89 29.28
CA VAL A 245 18.26 14.88 28.44
C VAL A 245 19.63 14.53 29.00
N VAL A 246 20.33 15.53 29.55
CA VAL A 246 21.65 15.32 30.12
C VAL A 246 21.57 14.53 31.42
N GLU A 247 20.58 14.86 32.26
CA GLU A 247 20.40 14.16 33.52
C GLU A 247 20.07 12.69 33.25
N ALA A 248 19.23 12.46 32.25
CA ALA A 248 18.82 11.11 31.87
C ALA A 248 20.00 10.27 31.40
N ALA A 249 20.92 10.88 30.66
CA ALA A 249 22.11 10.17 30.18
C ALA A 249 22.87 9.59 31.36
N ARG A 250 22.94 10.34 32.45
CA ARG A 250 23.64 9.90 33.65
C ARG A 250 23.26 8.49 34.08
N ARG A 251 21.97 8.19 34.03
CA ARG A 251 21.44 6.90 34.47
C ARG A 251 21.59 5.80 33.44
N LEU A 252 22.20 6.11 32.30
CA LEU A 252 22.36 5.11 31.26
C LEU A 252 23.82 4.83 30.93
N LEU A 253 24.73 5.26 31.82
CA LEU A 253 26.17 5.21 31.54
C LEU A 253 27.09 4.01 31.64
N SER B 4 -3.77 -35.71 21.06
CA SER B 4 -4.51 -35.22 19.87
C SER B 4 -3.58 -35.15 18.65
N ASP B 5 -4.16 -35.18 17.46
CA ASP B 5 -3.35 -35.08 16.25
C ASP B 5 -3.10 -33.61 15.98
N VAL B 6 -4.03 -32.76 16.41
CA VAL B 6 -3.92 -31.32 16.23
C VAL B 6 -3.67 -30.65 17.57
N PHE B 7 -3.08 -29.46 17.54
CA PHE B 7 -2.74 -28.75 18.77
C PHE B 7 -3.89 -28.00 19.43
N HIS B 8 -4.94 -27.67 18.69
CA HIS B 8 -6.04 -26.91 19.28
C HIS B 8 -7.41 -27.55 19.49
N LEU B 9 -7.88 -28.33 18.52
CA LEU B 9 -9.21 -28.92 18.64
C LEU B 9 -9.34 -30.16 19.52
N GLY B 10 -8.22 -30.71 19.98
CA GLY B 10 -8.28 -31.92 20.78
C GLY B 10 -8.99 -33.06 20.06
N LEU B 11 -8.53 -33.39 18.85
CA LEU B 11 -9.14 -34.45 18.03
C LEU B 11 -8.09 -35.32 17.32
N THR B 12 -8.53 -36.47 16.84
CA THR B 12 -7.65 -37.37 16.09
C THR B 12 -8.39 -37.73 14.80
N LYS B 13 -7.63 -38.03 13.75
CA LYS B 13 -8.22 -38.38 12.46
C LYS B 13 -9.26 -39.47 12.72
N ASN B 14 -9.00 -40.29 13.72
CA ASN B 14 -9.90 -41.37 14.09
C ASN B 14 -11.28 -40.83 14.50
N ASP B 15 -11.29 -39.75 15.27
CA ASP B 15 -12.53 -39.13 15.75
C ASP B 15 -13.49 -38.72 14.63
N LEU B 16 -12.95 -38.37 13.46
CA LEU B 16 -13.80 -37.95 12.37
C LEU B 16 -14.56 -39.08 11.70
N GLN B 17 -14.03 -40.29 11.81
CA GLN B 17 -14.70 -41.45 11.22
C GLN B 17 -14.74 -41.32 9.71
N GLY B 18 -13.73 -40.69 9.12
CA GLY B 18 -13.68 -40.55 7.68
C GLY B 18 -14.40 -39.32 7.14
N ALA B 19 -15.06 -38.57 8.01
CA ALA B 19 -15.79 -37.38 7.56
C ALA B 19 -14.89 -36.50 6.71
N GLN B 20 -15.47 -35.84 5.72
CA GLN B 20 -14.70 -34.95 4.84
C GLN B 20 -15.39 -33.60 4.73
N LEU B 21 -16.53 -33.47 5.39
CA LEU B 21 -17.29 -32.22 5.38
C LEU B 21 -17.63 -31.78 6.79
N ALA B 22 -17.59 -30.46 7.01
CA ALA B 22 -17.88 -29.90 8.32
C ALA B 22 -18.73 -28.64 8.22
N ILE B 23 -19.74 -28.54 9.08
CA ILE B 23 -20.59 -27.36 9.13
C ILE B 23 -19.91 -26.58 10.24
N VAL B 24 -19.55 -25.33 9.97
CA VAL B 24 -18.85 -24.57 10.98
C VAL B 24 -19.48 -23.27 11.42
N PRO B 25 -20.24 -23.29 12.53
CA PRO B 25 -20.88 -22.07 13.04
C PRO B 25 -19.85 -21.33 13.89
N GLY B 26 -20.22 -20.17 14.41
CA GLY B 26 -19.30 -19.42 15.24
C GLY B 26 -19.44 -19.83 16.70
N ASP B 27 -20.64 -19.65 17.24
CA ASP B 27 -20.91 -19.97 18.64
C ASP B 27 -20.98 -21.47 18.95
N PRO B 28 -20.14 -21.93 19.89
CA PRO B 28 -20.08 -23.32 20.30
C PRO B 28 -21.44 -23.86 20.72
N GLU B 29 -22.24 -22.99 21.32
CA GLU B 29 -23.56 -23.34 21.81
C GLU B 29 -24.44 -23.86 20.69
N ARG B 30 -24.26 -23.31 19.50
CA ARG B 30 -25.06 -23.73 18.35
C ARG B 30 -24.60 -25.04 17.73
N VAL B 31 -23.43 -25.52 18.13
CA VAL B 31 -22.90 -26.75 17.57
C VAL B 31 -23.81 -27.95 17.72
N GLU B 32 -24.20 -28.26 18.96
CA GLU B 32 -25.05 -29.42 19.21
C GLU B 32 -26.41 -29.36 18.54
N LYS B 33 -27.05 -28.20 18.60
CA LYS B 33 -28.36 -28.05 18.00
C LYS B 33 -28.31 -28.44 16.52
N ILE B 34 -27.19 -28.15 15.87
CA ILE B 34 -27.03 -28.46 14.45
C ILE B 34 -26.80 -29.95 14.20
N ALA B 35 -26.01 -30.59 15.05
CA ALA B 35 -25.71 -32.00 14.89
C ALA B 35 -26.94 -32.84 15.25
N ALA B 36 -27.80 -32.26 16.08
CA ALA B 36 -29.02 -32.92 16.54
C ALA B 36 -30.00 -33.13 15.39
N LEU B 37 -29.84 -32.36 14.32
CA LEU B 37 -30.74 -32.51 13.18
C LEU B 37 -30.29 -33.63 12.27
N MET B 38 -29.21 -34.30 12.64
CA MET B 38 -28.72 -35.40 11.82
C MET B 38 -28.79 -36.73 12.54
N ASP B 39 -27.96 -37.69 12.14
CA ASP B 39 -27.99 -39.01 12.75
C ASP B 39 -26.82 -39.31 13.67
N LYS B 40 -27.11 -40.05 14.74
CA LYS B 40 -26.10 -40.45 15.71
C LYS B 40 -25.13 -39.32 16.06
N PRO B 41 -25.67 -38.23 16.65
CA PRO B 41 -24.87 -37.08 17.04
C PRO B 41 -24.15 -37.40 18.35
N VAL B 42 -22.84 -37.22 18.37
CA VAL B 42 -22.07 -37.50 19.57
C VAL B 42 -21.05 -36.40 19.81
N LYS B 43 -20.91 -35.99 21.06
CA LYS B 43 -19.94 -34.96 21.42
C LYS B 43 -18.54 -35.52 21.21
N LEU B 44 -17.66 -34.69 20.63
CA LEU B 44 -16.28 -35.09 20.38
C LEU B 44 -15.32 -34.40 21.33
N ALA B 45 -15.37 -33.07 21.35
CA ALA B 45 -14.45 -32.30 22.21
C ALA B 45 -14.90 -30.86 22.41
N SER B 46 -14.21 -30.18 23.33
CA SER B 46 -14.51 -28.79 23.62
C SER B 46 -13.30 -28.17 24.29
N HIS B 47 -12.66 -27.26 23.56
CA HIS B 47 -11.49 -26.55 24.07
C HIS B 47 -11.64 -25.14 23.57
N ARG B 48 -11.84 -24.21 24.51
CA ARG B 48 -12.05 -22.86 24.13
C ARG B 48 -13.24 -22.83 23.21
N GLU B 49 -13.29 -21.92 22.24
CA GLU B 49 -14.46 -21.85 21.40
C GLU B 49 -14.61 -22.94 20.34
N PHE B 50 -13.72 -23.92 20.39
CA PHE B 50 -13.76 -25.04 19.45
C PHE B 50 -14.41 -26.28 20.05
N THR B 51 -15.74 -26.39 19.96
CA THR B 51 -16.41 -27.58 20.46
C THR B 51 -16.93 -28.32 19.23
N SER B 52 -16.46 -29.54 19.04
CA SER B 52 -16.86 -30.33 17.88
C SER B 52 -17.74 -31.52 18.21
N TRP B 53 -18.67 -31.78 17.30
CA TRP B 53 -19.60 -32.90 17.41
C TRP B 53 -19.49 -33.67 16.12
N ARG B 54 -19.87 -34.94 16.15
CA ARG B 54 -19.81 -35.75 14.94
C ARG B 54 -21.13 -36.46 14.74
N ALA B 55 -21.71 -36.31 13.56
CA ALA B 55 -22.99 -36.94 13.23
C ALA B 55 -22.94 -37.65 11.88
N GLU B 56 -24.08 -38.21 11.48
CA GLU B 56 -24.19 -38.92 10.21
C GLU B 56 -25.28 -38.31 9.37
N LEU B 57 -25.03 -38.21 8.08
CA LEU B 57 -26.02 -37.68 7.17
C LEU B 57 -26.01 -38.69 6.02
N ASP B 58 -27.09 -39.46 5.93
CA ASP B 58 -27.24 -40.47 4.89
C ASP B 58 -26.08 -41.47 4.84
N GLY B 59 -25.65 -41.96 5.99
CA GLY B 59 -24.57 -42.94 6.04
C GLY B 59 -23.15 -42.42 6.11
N LYS B 60 -22.95 -41.14 5.86
CA LYS B 60 -21.62 -40.54 5.89
C LYS B 60 -21.44 -39.64 7.11
N ALA B 61 -20.27 -39.74 7.75
CA ALA B 61 -19.96 -38.94 8.93
C ALA B 61 -19.67 -37.50 8.57
N VAL B 62 -20.21 -36.58 9.36
CA VAL B 62 -20.01 -35.16 9.15
C VAL B 62 -19.65 -34.55 10.51
N ILE B 63 -18.81 -33.54 10.48
CA ILE B 63 -18.38 -32.87 11.71
C ILE B 63 -19.01 -31.49 11.78
N VAL B 64 -19.43 -31.10 12.98
CA VAL B 64 -19.97 -29.78 13.19
C VAL B 64 -19.01 -29.19 14.20
N CYS B 65 -18.31 -28.12 13.83
CA CYS B 65 -17.34 -27.52 14.72
C CYS B 65 -17.44 -26.01 14.73
N SER B 66 -17.44 -25.44 15.94
CA SER B 66 -17.54 -23.99 16.09
C SER B 66 -16.17 -23.39 15.80
N THR B 67 -16.15 -22.14 15.38
CA THR B 67 -14.89 -21.47 15.06
C THR B 67 -14.56 -20.37 16.03
N GLY B 68 -15.60 -19.71 16.53
CA GLY B 68 -15.42 -18.62 17.47
C GLY B 68 -15.66 -17.31 16.72
N ILE B 69 -15.24 -16.20 17.31
CA ILE B 69 -15.40 -14.90 16.69
C ILE B 69 -14.12 -14.44 16.00
N GLY B 70 -14.24 -14.03 14.73
CA GLY B 70 -13.08 -13.54 13.99
C GLY B 70 -12.36 -14.53 13.10
N GLY B 71 -11.55 -14.00 12.18
CA GLY B 71 -10.80 -14.83 11.27
C GLY B 71 -9.67 -15.59 11.92
N PRO B 72 -8.88 -14.97 12.83
CA PRO B 72 -7.78 -15.68 13.48
C PRO B 72 -8.25 -16.98 14.16
N SER B 73 -9.41 -16.89 14.81
CA SER B 73 -10.02 -18.02 15.49
C SER B 73 -10.49 -19.02 14.43
N THR B 74 -11.12 -18.49 13.40
CA THR B 74 -11.61 -19.32 12.30
C THR B 74 -10.44 -20.06 11.62
N SER B 75 -9.35 -19.34 11.40
CA SER B 75 -8.17 -19.89 10.74
C SER B 75 -7.54 -21.13 11.41
N ILE B 76 -7.70 -21.26 12.72
CA ILE B 76 -7.14 -22.41 13.45
C ILE B 76 -8.00 -23.65 13.29
N ALA B 77 -9.32 -23.47 13.32
CA ALA B 77 -10.27 -24.56 13.16
C ALA B 77 -10.24 -25.14 11.75
N VAL B 78 -10.29 -24.26 10.75
CA VAL B 78 -10.28 -24.70 9.35
C VAL B 78 -9.01 -25.52 9.08
N GLU B 79 -7.87 -24.90 9.31
CA GLU B 79 -6.58 -25.55 9.12
C GLU B 79 -6.56 -26.93 9.78
N GLU B 80 -6.75 -26.94 11.09
CA GLU B 80 -6.72 -28.18 11.87
C GLU B 80 -7.81 -29.18 11.47
N LEU B 81 -8.98 -28.70 11.08
CA LEU B 81 -10.05 -29.59 10.63
C LEU B 81 -9.64 -30.19 9.28
N ALA B 82 -8.94 -29.39 8.47
CA ALA B 82 -8.48 -29.84 7.17
C ALA B 82 -7.33 -30.84 7.34
N GLN B 83 -6.62 -30.76 8.46
CA GLN B 83 -5.51 -31.67 8.71
C GLN B 83 -6.10 -33.03 9.06
N LEU B 84 -7.28 -33.00 9.69
CA LEU B 84 -7.94 -34.23 10.08
C LEU B 84 -8.69 -34.83 8.88
N GLY B 85 -8.68 -34.10 7.76
CA GLY B 85 -9.33 -34.61 6.57
C GLY B 85 -10.49 -33.82 5.99
N ILE B 86 -10.96 -32.80 6.71
CA ILE B 86 -12.07 -32.01 6.19
C ILE B 86 -11.68 -31.30 4.89
N ARG B 87 -12.48 -31.50 3.85
CA ARG B 87 -12.22 -30.90 2.55
C ARG B 87 -13.36 -29.97 2.12
N THR B 88 -14.45 -29.99 2.87
CA THR B 88 -15.58 -29.13 2.56
C THR B 88 -16.05 -28.41 3.83
N PHE B 89 -16.24 -27.10 3.72
CA PHE B 89 -16.69 -26.30 4.86
C PHE B 89 -17.95 -25.52 4.53
N LEU B 90 -18.91 -25.54 5.46
CA LEU B 90 -20.15 -24.82 5.28
C LEU B 90 -20.43 -23.96 6.51
N ARG B 91 -20.31 -22.64 6.35
CA ARG B 91 -20.57 -21.75 7.46
C ARG B 91 -22.03 -21.34 7.56
N ILE B 92 -22.59 -21.54 8.74
CA ILE B 92 -23.97 -21.15 8.96
C ILE B 92 -23.92 -20.01 9.97
N GLY B 93 -24.78 -19.02 9.79
CA GLY B 93 -24.80 -17.90 10.71
C GLY B 93 -26.03 -17.05 10.58
N THR B 94 -26.15 -16.06 11.45
CA THR B 94 -27.26 -15.12 11.41
C THR B 94 -26.53 -13.79 11.26
N THR B 95 -27.18 -12.81 10.67
CA THR B 95 -26.52 -11.55 10.42
C THR B 95 -27.50 -10.40 10.27
N GLY B 96 -26.95 -9.20 10.10
CA GLY B 96 -27.78 -8.03 9.90
C GLY B 96 -27.86 -7.86 8.40
N ALA B 97 -27.92 -6.62 7.94
CA ALA B 97 -27.98 -6.34 6.52
C ALA B 97 -27.94 -4.84 6.35
N ILE B 98 -27.24 -4.39 5.31
CA ILE B 98 -27.11 -2.96 5.04
C ILE B 98 -27.95 -2.54 3.83
N GLN B 99 -28.70 -3.49 3.28
CA GLN B 99 -29.57 -3.20 2.14
C GLN B 99 -31.01 -3.12 2.64
N PRO B 100 -31.80 -2.17 2.13
CA PRO B 100 -33.19 -2.00 2.53
C PRO B 100 -34.13 -3.09 2.02
N HIS B 101 -33.75 -3.79 0.96
CA HIS B 101 -34.61 -4.84 0.43
C HIS B 101 -34.43 -6.22 1.08
N ILE B 102 -33.63 -6.29 2.13
CA ILE B 102 -33.41 -7.54 2.85
C ILE B 102 -34.18 -7.40 4.18
N ASN B 103 -35.14 -8.29 4.43
CA ASN B 103 -35.92 -8.21 5.68
C ASN B 103 -35.63 -9.39 6.60
N VAL B 104 -35.87 -9.21 7.89
CA VAL B 104 -35.62 -10.29 8.85
C VAL B 104 -36.29 -11.58 8.37
N GLY B 105 -35.63 -12.71 8.60
CA GLY B 105 -36.17 -13.98 8.16
C GLY B 105 -35.65 -14.37 6.78
N ASP B 106 -35.03 -13.41 6.10
CA ASP B 106 -34.47 -13.66 4.78
C ASP B 106 -33.19 -14.47 4.93
N VAL B 107 -32.84 -15.19 3.87
CA VAL B 107 -31.64 -16.02 3.85
C VAL B 107 -30.59 -15.42 2.93
N LEU B 108 -29.34 -15.45 3.36
CA LEU B 108 -28.24 -14.89 2.59
C LEU B 108 -27.19 -15.93 2.21
N VAL B 109 -26.87 -15.94 0.91
CA VAL B 109 -25.86 -16.85 0.39
C VAL B 109 -24.78 -16.00 -0.25
N THR B 110 -23.59 -16.03 0.36
CA THR B 110 -22.45 -15.25 -0.10
C THR B 110 -21.64 -15.95 -1.20
N THR B 111 -21.52 -15.28 -2.35
CA THR B 111 -20.75 -15.81 -3.47
C THR B 111 -19.26 -15.53 -3.27
N ALA B 112 -18.98 -14.47 -2.52
CA ALA B 112 -17.61 -14.04 -2.23
C ALA B 112 -17.74 -12.85 -1.31
N SER B 113 -16.64 -12.40 -0.72
CA SER B 113 -16.76 -11.26 0.18
C SER B 113 -15.63 -10.25 0.16
N VAL B 114 -15.94 -9.03 0.61
CA VAL B 114 -14.95 -7.97 0.67
C VAL B 114 -14.02 -8.31 1.84
N ARG B 115 -12.71 -8.18 1.62
CA ARG B 115 -11.76 -8.53 2.65
C ARG B 115 -11.35 -7.38 3.55
N LEU B 116 -12.13 -7.16 4.59
CA LEU B 116 -11.83 -6.11 5.54
C LEU B 116 -11.29 -6.78 6.79
N ASP B 117 -10.55 -7.86 6.57
CA ASP B 117 -9.92 -8.61 7.65
C ASP B 117 -8.41 -8.59 7.45
N GLY B 118 -7.72 -9.47 8.15
CA GLY B 118 -6.27 -9.52 8.05
C GLY B 118 -5.73 -10.93 7.96
N ALA B 119 -6.45 -11.88 8.55
CA ALA B 119 -6.01 -13.26 8.51
C ALA B 119 -6.02 -13.75 7.07
N SER B 120 -6.97 -13.25 6.27
CA SER B 120 -7.07 -13.67 4.87
C SER B 120 -5.77 -13.36 4.12
N LEU B 121 -5.13 -12.24 4.46
CA LEU B 121 -3.87 -11.85 3.83
C LEU B 121 -2.69 -12.76 4.18
N HIS B 122 -2.91 -13.73 5.07
CA HIS B 122 -1.84 -14.62 5.46
C HIS B 122 -1.83 -15.86 4.59
N PHE B 123 -2.82 -15.95 3.70
CA PHE B 123 -2.96 -17.07 2.79
C PHE B 123 -2.87 -16.65 1.32
N ALA B 124 -3.35 -15.45 1.01
CA ALA B 124 -3.33 -14.95 -0.35
C ALA B 124 -3.25 -13.43 -0.39
N PRO B 125 -2.66 -12.86 -1.46
CA PRO B 125 -2.52 -11.42 -1.61
C PRO B 125 -3.91 -10.81 -1.69
N MET B 126 -4.03 -9.54 -1.30
CA MET B 126 -5.31 -8.85 -1.30
C MET B 126 -6.02 -8.92 -2.67
N GLU B 127 -5.25 -9.12 -3.74
CA GLU B 127 -5.84 -9.21 -5.06
C GLU B 127 -6.52 -10.57 -5.30
N PHE B 128 -6.25 -11.53 -4.44
CA PHE B 128 -6.87 -12.84 -4.57
C PHE B 128 -8.31 -12.70 -4.07
N PRO B 129 -9.27 -13.25 -4.84
CA PRO B 129 -10.70 -13.19 -4.49
C PRO B 129 -11.14 -14.12 -3.38
N ALA B 130 -11.83 -13.57 -2.38
CA ALA B 130 -12.35 -14.36 -1.26
C ALA B 130 -13.65 -14.94 -1.80
N VAL B 131 -13.51 -15.83 -2.77
CA VAL B 131 -14.66 -16.42 -3.45
C VAL B 131 -15.08 -17.79 -2.89
N ALA B 132 -16.39 -18.00 -2.87
CA ALA B 132 -16.95 -19.25 -2.38
C ALA B 132 -16.77 -20.33 -3.43
N ASP B 133 -16.95 -21.59 -3.03
CA ASP B 133 -16.83 -22.69 -3.97
C ASP B 133 -18.17 -22.76 -4.69
N PHE B 134 -18.13 -22.97 -6.00
CA PHE B 134 -19.35 -23.00 -6.80
C PHE B 134 -20.35 -24.09 -6.39
N ALA B 135 -19.85 -25.29 -6.11
CA ALA B 135 -20.67 -26.42 -5.73
C ALA B 135 -21.38 -26.19 -4.40
N CYS B 136 -20.65 -25.60 -3.45
CA CYS B 136 -21.18 -25.31 -2.13
C CYS B 136 -22.26 -24.25 -2.23
N THR B 137 -22.02 -23.24 -3.06
CA THR B 137 -22.97 -22.15 -3.23
C THR B 137 -24.23 -22.62 -3.93
N THR B 138 -24.07 -23.59 -4.82
CA THR B 138 -25.18 -24.16 -5.55
C THR B 138 -26.04 -24.95 -4.58
N ALA B 139 -25.40 -25.84 -3.82
CA ALA B 139 -26.10 -26.65 -2.84
C ALA B 139 -26.88 -25.79 -1.84
N LEU B 140 -26.35 -24.63 -1.51
CA LEU B 140 -27.02 -23.74 -0.57
C LEU B 140 -28.25 -23.09 -1.18
N VAL B 141 -28.12 -22.62 -2.42
CA VAL B 141 -29.22 -21.96 -3.11
C VAL B 141 -30.34 -22.95 -3.39
N GLU B 142 -29.97 -24.15 -3.83
CA GLU B 142 -30.96 -25.18 -4.12
C GLU B 142 -31.70 -25.55 -2.83
N ALA B 143 -30.95 -25.63 -1.73
CA ALA B 143 -31.51 -25.98 -0.43
C ALA B 143 -32.40 -24.87 0.09
N ALA B 144 -31.96 -23.63 -0.04
CA ALA B 144 -32.76 -22.49 0.41
C ALA B 144 -34.02 -22.40 -0.43
N LYS B 145 -33.95 -22.91 -1.65
CA LYS B 145 -35.08 -22.87 -2.56
C LYS B 145 -36.07 -23.99 -2.24
N SER B 146 -35.55 -25.10 -1.74
CA SER B 146 -36.38 -26.25 -1.39
C SER B 146 -37.36 -25.99 -0.25
N ILE B 147 -37.02 -25.06 0.65
CA ILE B 147 -37.94 -24.78 1.75
C ILE B 147 -38.71 -23.48 1.53
N GLY B 148 -38.39 -22.80 0.44
CA GLY B 148 -39.08 -21.56 0.13
C GLY B 148 -38.52 -20.28 0.72
N ALA B 149 -37.39 -20.37 1.40
CA ALA B 149 -36.78 -19.19 2.00
C ALA B 149 -36.36 -18.17 0.94
N THR B 150 -36.86 -16.95 1.06
CA THR B 150 -36.52 -15.88 0.13
C THR B 150 -35.00 -15.65 0.25
N THR B 151 -34.27 -16.04 -0.79
CA THR B 151 -32.82 -15.93 -0.77
C THR B 151 -32.21 -14.78 -1.59
N HIS B 152 -31.13 -14.22 -1.05
CA HIS B 152 -30.39 -13.13 -1.68
C HIS B 152 -28.96 -13.64 -1.89
N VAL B 153 -28.55 -13.82 -3.15
CA VAL B 153 -27.20 -14.32 -3.42
C VAL B 153 -26.27 -13.20 -3.90
N GLY B 154 -25.23 -12.92 -3.11
CA GLY B 154 -24.30 -11.87 -3.49
C GLY B 154 -23.08 -11.72 -2.59
N VAL B 155 -22.52 -10.50 -2.59
CA VAL B 155 -21.33 -10.16 -1.82
C VAL B 155 -21.58 -9.73 -0.39
N THR B 156 -20.67 -10.13 0.50
CA THR B 156 -20.75 -9.81 1.91
C THR B 156 -19.49 -9.07 2.35
N ALA B 157 -19.63 -8.17 3.31
CA ALA B 157 -18.49 -7.44 3.84
C ALA B 157 -18.03 -8.14 5.11
N SER B 158 -16.82 -8.70 5.08
CA SER B 158 -16.27 -9.41 6.22
C SER B 158 -15.27 -8.53 6.97
N SER B 159 -15.66 -8.12 8.17
CA SER B 159 -14.84 -7.23 8.98
C SER B 159 -14.18 -7.85 10.21
N ASP B 160 -12.97 -7.40 10.49
CA ASP B 160 -12.21 -7.88 11.65
C ASP B 160 -12.78 -7.29 12.94
N THR B 161 -13.43 -6.14 12.85
CA THR B 161 -14.02 -5.52 14.03
C THR B 161 -15.54 -5.47 13.88
N PHE B 162 -16.21 -5.46 15.02
CA PHE B 162 -17.66 -5.38 15.06
C PHE B 162 -18.07 -3.90 15.10
N TYR B 163 -17.19 -3.03 15.58
CA TYR B 163 -17.55 -1.63 15.68
C TYR B 163 -17.09 -0.71 14.56
N PRO B 164 -15.83 -0.23 14.57
CA PRO B 164 -15.43 0.66 13.49
C PRO B 164 -15.46 0.05 12.07
N GLY B 165 -15.08 -1.22 11.96
CA GLY B 165 -15.07 -1.88 10.65
C GLY B 165 -16.43 -1.92 9.98
N GLN B 166 -17.48 -1.73 10.79
CA GLN B 166 -18.85 -1.74 10.32
C GLN B 166 -19.40 -0.31 10.43
N GLU B 167 -18.45 0.63 10.50
CA GLU B 167 -18.71 2.05 10.65
C GLU B 167 -19.75 2.40 11.69
N ARG B 168 -19.52 1.92 12.91
CA ARG B 168 -20.43 2.20 14.02
C ARG B 168 -19.84 3.36 14.81
N TYR B 169 -20.65 4.38 15.09
CA TYR B 169 -20.15 5.51 15.84
C TYR B 169 -20.56 5.46 17.31
N ASP B 170 -21.55 4.62 17.61
CA ASP B 170 -22.05 4.48 18.98
C ASP B 170 -21.03 3.69 19.81
N THR B 171 -19.92 4.34 20.13
CA THR B 171 -18.85 3.69 20.87
C THR B 171 -18.22 4.60 21.92
N TYR B 172 -17.22 4.06 22.61
CA TYR B 172 -16.49 4.80 23.64
C TYR B 172 -15.83 6.06 23.09
N SER B 173 -15.30 5.96 21.88
CA SER B 173 -14.63 7.11 21.26
C SER B 173 -15.55 7.82 20.28
N GLY B 174 -16.51 7.08 19.73
CA GLY B 174 -17.43 7.68 18.78
C GLY B 174 -16.65 8.15 17.55
N ARG B 175 -15.51 7.51 17.33
CA ARG B 175 -14.63 7.83 16.22
C ARG B 175 -14.54 6.63 15.30
N VAL B 176 -14.36 6.90 14.01
CA VAL B 176 -14.19 5.88 13.00
C VAL B 176 -13.03 6.33 12.09
N VAL B 177 -11.94 5.57 12.14
CA VAL B 177 -10.73 5.86 11.36
C VAL B 177 -11.04 6.21 9.91
N ARG B 178 -10.20 7.05 9.31
CA ARG B 178 -10.40 7.50 7.94
C ARG B 178 -10.77 6.39 6.94
N ARG B 179 -10.01 5.30 6.93
CA ARG B 179 -10.29 4.21 6.01
C ARG B 179 -11.77 3.81 6.00
N PHE B 180 -12.40 3.74 7.18
CA PHE B 180 -13.79 3.32 7.27
C PHE B 180 -14.82 4.42 7.37
N LYS B 181 -14.41 5.68 7.31
CA LYS B 181 -15.39 6.75 7.37
C LYS B 181 -16.14 6.80 6.04
N GLY B 182 -17.47 6.76 6.11
CA GLY B 182 -18.30 6.78 4.93
C GLY B 182 -18.21 5.52 4.08
N SER B 183 -17.77 4.43 4.68
CA SER B 183 -17.62 3.17 3.98
C SER B 183 -18.92 2.37 3.80
N MET B 184 -19.76 2.33 4.83
CA MET B 184 -20.99 1.56 4.72
C MET B 184 -21.78 1.94 3.45
N GLU B 185 -22.04 3.22 3.27
CA GLU B 185 -22.79 3.68 2.09
C GLU B 185 -22.08 3.21 0.81
N GLU B 186 -20.75 3.16 0.86
CA GLU B 186 -19.97 2.69 -0.29
C GLU B 186 -20.35 1.23 -0.58
N TRP B 187 -20.26 0.40 0.45
CA TRP B 187 -20.59 -1.00 0.33
C TRP B 187 -22.03 -1.18 -0.14
N GLN B 188 -22.91 -0.29 0.32
CA GLN B 188 -24.30 -0.37 -0.08
C GLN B 188 -24.45 -0.06 -1.57
N ALA B 189 -23.83 1.01 -2.00
CA ALA B 189 -23.91 1.38 -3.41
C ALA B 189 -23.41 0.24 -4.30
N MET B 190 -22.37 -0.47 -3.83
CA MET B 190 -21.79 -1.58 -4.58
C MET B 190 -22.59 -2.87 -4.46
N GLY B 191 -23.73 -2.77 -3.78
CA GLY B 191 -24.58 -3.94 -3.62
C GLY B 191 -24.23 -4.96 -2.54
N VAL B 192 -23.29 -4.64 -1.66
CA VAL B 192 -22.93 -5.59 -0.62
C VAL B 192 -24.19 -5.83 0.21
N MET B 193 -24.39 -7.07 0.64
CA MET B 193 -25.60 -7.39 1.38
C MET B 193 -25.52 -7.13 2.87
N ASN B 194 -24.47 -7.62 3.52
CA ASN B 194 -24.33 -7.49 4.95
C ASN B 194 -22.89 -7.48 5.44
N TYR B 195 -22.75 -7.33 6.76
CA TYR B 195 -21.47 -7.34 7.44
C TYR B 195 -21.46 -8.61 8.28
N GLU B 196 -20.29 -9.22 8.41
CA GLU B 196 -20.10 -10.39 9.27
C GLU B 196 -18.58 -10.41 9.53
N MET B 197 -18.06 -11.39 10.27
CA MET B 197 -16.64 -11.33 10.62
C MET B 197 -15.69 -12.51 10.36
N GLU B 198 -16.16 -13.59 9.76
CA GLU B 198 -15.26 -14.71 9.51
C GLU B 198 -15.21 -15.18 8.06
N SER B 199 -16.22 -14.82 7.26
CA SER B 199 -16.27 -15.26 5.86
C SER B 199 -15.03 -14.95 5.04
N ALA B 200 -14.55 -13.71 5.07
CA ALA B 200 -13.36 -13.36 4.29
C ALA B 200 -12.18 -14.30 4.56
N THR B 201 -11.96 -14.64 5.83
CA THR B 201 -10.87 -15.54 6.19
C THR B 201 -11.15 -16.95 5.69
N LEU B 202 -12.35 -17.43 5.97
CA LEU B 202 -12.78 -18.76 5.55
C LEU B 202 -12.71 -18.97 4.04
N LEU B 203 -13.25 -18.02 3.28
CA LEU B 203 -13.26 -18.12 1.83
C LEU B 203 -11.90 -17.99 1.15
N THR B 204 -11.07 -17.07 1.63
CA THR B 204 -9.76 -16.91 1.04
C THR B 204 -8.82 -18.09 1.29
N MET B 205 -8.84 -18.63 2.51
CA MET B 205 -7.94 -19.72 2.84
C MET B 205 -8.35 -21.07 2.23
N CYS B 206 -9.63 -21.22 1.90
CA CYS B 206 -10.08 -22.46 1.29
C CYS B 206 -9.85 -22.39 -0.22
N ALA B 207 -10.23 -21.28 -0.83
CA ALA B 207 -10.09 -21.10 -2.28
C ALA B 207 -8.64 -21.09 -2.73
N SER B 208 -7.71 -20.92 -1.79
CA SER B 208 -6.29 -20.90 -2.14
C SER B 208 -5.56 -22.16 -1.66
N GLN B 209 -6.28 -23.10 -1.07
CA GLN B 209 -5.67 -24.33 -0.57
C GLN B 209 -6.40 -25.62 -0.97
N GLY B 210 -7.16 -25.55 -2.07
CA GLY B 210 -7.89 -26.72 -2.55
C GLY B 210 -9.02 -27.20 -1.68
N LEU B 211 -9.54 -26.33 -0.81
CA LEU B 211 -10.64 -26.69 0.07
C LEU B 211 -11.92 -26.02 -0.41
N ARG B 212 -13.06 -26.69 -0.23
CA ARG B 212 -14.33 -26.12 -0.66
C ARG B 212 -15.05 -25.41 0.48
N ALA B 213 -15.61 -24.24 0.19
CA ALA B 213 -16.31 -23.48 1.21
C ALA B 213 -17.58 -22.80 0.68
N GLY B 214 -18.51 -22.56 1.60
CA GLY B 214 -19.75 -21.90 1.27
C GLY B 214 -20.21 -21.29 2.57
N MET B 215 -21.19 -20.40 2.50
CA MET B 215 -21.70 -19.77 3.70
C MET B 215 -23.12 -19.27 3.51
N VAL B 216 -23.96 -19.55 4.50
CA VAL B 216 -25.33 -19.12 4.48
C VAL B 216 -25.62 -18.48 5.83
N ALA B 217 -26.49 -17.46 5.82
CA ALA B 217 -26.83 -16.74 7.03
C ALA B 217 -28.25 -16.19 6.97
N GLY B 218 -28.94 -16.21 8.10
CA GLY B 218 -30.29 -15.69 8.15
C GLY B 218 -30.27 -14.28 8.71
N VAL B 219 -31.05 -13.40 8.11
CA VAL B 219 -31.11 -12.01 8.56
C VAL B 219 -31.96 -11.88 9.81
N ILE B 220 -31.37 -11.38 10.89
CA ILE B 220 -32.11 -11.22 12.14
C ILE B 220 -32.23 -9.76 12.54
N VAL B 221 -31.64 -8.88 11.75
CA VAL B 221 -31.70 -7.45 12.01
C VAL B 221 -31.26 -6.68 10.77
N ASN B 222 -31.78 -5.47 10.61
CA ASN B 222 -31.45 -4.64 9.45
C ASN B 222 -31.08 -3.21 9.86
N ARG B 223 -29.80 -2.87 9.72
CA ARG B 223 -29.34 -1.54 10.09
C ARG B 223 -30.12 -0.43 9.38
N THR B 224 -30.26 -0.54 8.07
CA THR B 224 -30.95 0.47 7.28
C THR B 224 -32.47 0.41 7.43
N GLN B 225 -32.94 -0.47 8.30
CA GLN B 225 -34.37 -0.61 8.53
C GLN B 225 -34.75 -0.18 9.94
N THR B 237 -35.88 -17.50 12.10
CA THR B 237 -35.04 -17.36 10.92
C THR B 237 -33.73 -18.14 11.10
N GLU B 238 -33.30 -18.29 12.36
CA GLU B 238 -32.09 -19.03 12.67
C GLU B 238 -32.25 -20.51 12.33
N SER B 239 -33.43 -21.05 12.61
CA SER B 239 -33.71 -22.46 12.31
C SER B 239 -33.71 -22.68 10.81
N HIS B 240 -34.36 -21.79 10.07
CA HIS B 240 -34.41 -21.93 8.63
C HIS B 240 -33.00 -22.07 8.11
N ALA B 241 -32.15 -21.10 8.44
CA ALA B 241 -30.77 -21.12 8.03
C ALA B 241 -30.16 -22.51 8.26
N VAL B 242 -30.24 -22.97 9.51
CA VAL B 242 -29.70 -24.27 9.92
C VAL B 242 -30.25 -25.41 9.06
N LYS B 243 -31.55 -25.39 8.80
CA LYS B 243 -32.19 -26.41 7.99
C LYS B 243 -31.51 -26.43 6.63
N ILE B 244 -31.34 -25.23 6.07
CA ILE B 244 -30.74 -25.05 4.75
C ILE B 244 -29.28 -25.51 4.65
N VAL B 245 -28.50 -25.34 5.72
CA VAL B 245 -27.11 -25.76 5.64
C VAL B 245 -26.98 -27.28 5.72
N VAL B 246 -27.85 -27.93 6.49
CA VAL B 246 -27.79 -29.39 6.60
C VAL B 246 -28.30 -29.99 5.30
N GLU B 247 -29.38 -29.43 4.76
CA GLU B 247 -29.94 -29.88 3.50
C GLU B 247 -28.88 -29.78 2.41
N ALA B 248 -28.15 -28.67 2.40
CA ALA B 248 -27.09 -28.44 1.42
C ALA B 248 -25.92 -29.40 1.64
N ALA B 249 -25.51 -29.56 2.90
CA ALA B 249 -24.42 -30.46 3.22
C ALA B 249 -24.76 -31.84 2.68
N ARG B 250 -26.05 -32.16 2.69
CA ARG B 250 -26.55 -33.44 2.21
C ARG B 250 -26.12 -33.77 0.79
N ARG B 251 -26.28 -32.81 -0.11
CA ARG B 251 -25.95 -33.02 -1.51
C ARG B 251 -24.49 -32.80 -1.92
N LEU B 252 -23.60 -32.62 -0.95
CA LEU B 252 -22.17 -32.39 -1.22
C LEU B 252 -21.29 -33.46 -0.57
N LEU B 253 -21.89 -34.56 -0.14
CA LEU B 253 -21.14 -35.61 0.55
C LEU B 253 -20.52 -36.67 -0.37
N SER C 4 -25.07 8.75 -32.97
CA SER C 4 -24.51 8.00 -31.81
C SER C 4 -24.54 8.79 -30.53
N ASP C 5 -25.29 8.31 -29.55
CA ASP C 5 -25.36 9.00 -28.27
C ASP C 5 -24.49 8.30 -27.22
N VAL C 6 -23.47 7.59 -27.70
CA VAL C 6 -22.51 6.90 -26.84
C VAL C 6 -21.15 7.09 -27.51
N PHE C 7 -20.38 8.01 -26.94
CA PHE C 7 -19.06 8.41 -27.42
C PHE C 7 -18.12 7.43 -28.17
N HIS C 8 -17.88 6.24 -27.63
CA HIS C 8 -16.97 5.30 -28.27
C HIS C 8 -17.57 4.24 -29.21
N LEU C 9 -18.66 3.60 -28.79
CA LEU C 9 -19.26 2.54 -29.59
C LEU C 9 -20.05 3.00 -30.82
N GLY C 10 -20.41 4.29 -30.86
CA GLY C 10 -21.16 4.77 -32.01
C GLY C 10 -22.51 4.10 -32.15
N LEU C 11 -23.13 3.78 -31.03
CA LEU C 11 -24.44 3.13 -31.01
C LEU C 11 -25.45 3.99 -30.27
N THR C 12 -26.72 3.90 -30.67
CA THR C 12 -27.78 4.65 -30.01
C THR C 12 -28.63 3.63 -29.28
N LYS C 13 -29.54 4.12 -28.45
CA LYS C 13 -30.42 3.27 -27.66
C LYS C 13 -31.29 2.35 -28.54
N ASN C 14 -31.72 2.86 -29.69
CA ASN C 14 -32.57 2.08 -30.60
C ASN C 14 -31.83 0.97 -31.34
N ASP C 15 -30.52 1.12 -31.51
CA ASP C 15 -29.74 0.10 -32.21
C ASP C 15 -29.79 -1.22 -31.45
N LEU C 16 -30.10 -1.16 -30.17
CA LEU C 16 -30.16 -2.36 -29.34
C LEU C 16 -31.50 -3.09 -29.42
N GLN C 17 -32.56 -2.37 -29.79
CA GLN C 17 -33.88 -2.98 -29.92
C GLN C 17 -34.39 -3.60 -28.63
N GLY C 18 -33.99 -3.04 -27.49
CA GLY C 18 -34.46 -3.58 -26.23
C GLY C 18 -33.50 -4.59 -25.61
N ALA C 19 -32.42 -4.92 -26.32
CA ALA C 19 -31.43 -5.87 -25.80
C ALA C 19 -31.07 -5.51 -24.36
N GLN C 20 -30.84 -6.54 -23.56
CA GLN C 20 -30.46 -6.36 -22.16
C GLN C 20 -29.28 -7.23 -21.82
N LEU C 21 -28.98 -8.16 -22.73
CA LEU C 21 -27.86 -9.07 -22.55
C LEU C 21 -26.86 -8.84 -23.68
N ALA C 22 -25.57 -9.01 -23.36
CA ALA C 22 -24.54 -8.80 -24.34
C ALA C 22 -23.45 -9.84 -24.22
N ILE C 23 -22.96 -10.32 -25.37
CA ILE C 23 -21.88 -11.28 -25.37
C ILE C 23 -20.67 -10.45 -25.76
N VAL C 24 -19.64 -10.48 -24.92
CA VAL C 24 -18.46 -9.67 -25.18
C VAL C 24 -17.12 -10.37 -25.41
N PRO C 25 -16.82 -10.71 -26.66
CA PRO C 25 -15.56 -11.38 -26.97
C PRO C 25 -14.53 -10.24 -27.04
N GLY C 26 -13.25 -10.58 -27.09
CA GLY C 26 -12.24 -9.54 -27.13
C GLY C 26 -11.83 -9.12 -28.53
N ASP C 27 -12.00 -10.03 -29.48
CA ASP C 27 -11.62 -9.76 -30.86
C ASP C 27 -12.82 -9.35 -31.70
N PRO C 28 -12.76 -8.16 -32.33
CA PRO C 28 -13.85 -7.67 -33.17
C PRO C 28 -14.16 -8.62 -34.32
N GLU C 29 -13.20 -9.45 -34.69
CA GLU C 29 -13.40 -10.39 -35.79
C GLU C 29 -14.22 -11.59 -35.35
N ARG C 30 -14.34 -11.78 -34.05
CA ARG C 30 -15.11 -12.89 -33.49
C ARG C 30 -16.59 -12.52 -33.30
N VAL C 31 -16.88 -11.22 -33.27
CA VAL C 31 -18.24 -10.72 -33.08
C VAL C 31 -19.23 -11.31 -34.06
N GLU C 32 -18.99 -11.05 -35.34
CA GLU C 32 -19.84 -11.53 -36.41
C GLU C 32 -20.10 -13.04 -36.30
N LYS C 33 -19.02 -13.81 -36.14
CA LYS C 33 -19.12 -15.26 -36.04
C LYS C 33 -20.10 -15.69 -34.95
N ILE C 34 -19.98 -15.05 -33.79
CA ILE C 34 -20.87 -15.36 -32.67
C ILE C 34 -22.29 -14.94 -33.01
N ALA C 35 -22.42 -13.76 -33.60
CA ALA C 35 -23.71 -13.23 -33.98
C ALA C 35 -24.40 -14.09 -35.03
N ALA C 36 -23.59 -14.72 -35.89
CA ALA C 36 -24.14 -15.57 -36.96
C ALA C 36 -24.66 -16.90 -36.42
N LEU C 37 -24.63 -17.07 -35.10
CA LEU C 37 -25.14 -18.30 -34.50
C LEU C 37 -26.60 -18.12 -34.12
N MET C 38 -27.08 -16.89 -34.19
CA MET C 38 -28.46 -16.57 -33.83
C MET C 38 -29.18 -15.91 -35.00
N ASP C 39 -30.49 -15.73 -34.86
CA ASP C 39 -31.30 -15.13 -35.91
C ASP C 39 -31.06 -13.63 -36.09
N LYS C 40 -31.49 -13.13 -37.23
CA LYS C 40 -31.38 -11.71 -37.60
C LYS C 40 -30.06 -11.02 -37.29
N PRO C 41 -28.93 -11.64 -37.67
CA PRO C 41 -27.64 -10.98 -37.40
C PRO C 41 -27.48 -9.69 -38.22
N VAL C 42 -27.31 -8.57 -37.51
CA VAL C 42 -27.16 -7.25 -38.14
C VAL C 42 -25.94 -6.52 -37.57
N LYS C 43 -25.19 -5.85 -38.44
CA LYS C 43 -24.02 -5.09 -38.00
C LYS C 43 -24.54 -3.73 -37.58
N LEU C 44 -24.19 -3.30 -36.37
CA LEU C 44 -24.62 -2.01 -35.87
C LEU C 44 -23.53 -0.98 -36.10
N ALA C 45 -22.28 -1.37 -35.84
CA ALA C 45 -21.17 -0.44 -36.02
C ALA C 45 -19.83 -1.06 -35.77
N SER C 46 -18.79 -0.29 -36.03
CA SER C 46 -17.41 -0.72 -35.84
C SER C 46 -16.45 0.47 -35.72
N HIS C 47 -16.08 0.79 -34.48
CA HIS C 47 -15.15 1.88 -34.20
C HIS C 47 -14.03 1.34 -33.31
N ARG C 48 -12.79 1.72 -33.61
CA ARG C 48 -11.62 1.26 -32.84
C ARG C 48 -11.71 -0.25 -32.61
N GLU C 49 -11.49 -0.69 -31.37
CA GLU C 49 -11.54 -2.11 -31.04
C GLU C 49 -12.97 -2.63 -30.89
N PHE C 50 -13.95 -1.73 -30.95
CA PHE C 50 -15.34 -2.11 -30.76
C PHE C 50 -16.24 -2.30 -31.98
N THR C 51 -16.48 -3.56 -32.36
CA THR C 51 -17.38 -3.86 -33.47
C THR C 51 -18.62 -4.47 -32.84
N SER C 52 -19.75 -3.80 -32.96
CA SER C 52 -20.98 -4.31 -32.37
C SER C 52 -22.00 -4.78 -33.39
N TRP C 53 -22.60 -5.91 -33.07
CA TRP C 53 -23.60 -6.55 -33.90
C TRP C 53 -24.84 -6.83 -33.07
N ARG C 54 -25.97 -6.97 -33.73
CA ARG C 54 -27.19 -7.30 -33.02
C ARG C 54 -27.70 -8.62 -33.57
N ALA C 55 -28.27 -9.42 -32.69
CA ALA C 55 -28.81 -10.71 -33.07
C ALA C 55 -30.15 -10.82 -32.36
N GLU C 56 -30.80 -11.96 -32.55
CA GLU C 56 -32.08 -12.19 -31.91
C GLU C 56 -32.08 -13.62 -31.43
N LEU C 57 -32.09 -13.79 -30.11
CA LEU C 57 -32.10 -15.11 -29.50
C LEU C 57 -33.46 -15.39 -28.85
N ASP C 58 -34.10 -16.46 -29.30
CA ASP C 58 -35.43 -16.84 -28.81
C ASP C 58 -36.38 -15.65 -28.79
N GLY C 59 -36.39 -14.90 -29.90
CA GLY C 59 -37.27 -13.75 -30.01
C GLY C 59 -36.82 -12.50 -29.28
N LYS C 60 -35.76 -12.62 -28.48
CA LYS C 60 -35.27 -11.48 -27.73
C LYS C 60 -33.93 -10.97 -28.26
N ALA C 61 -33.84 -9.65 -28.42
CA ALA C 61 -32.64 -9.00 -28.92
C ALA C 61 -31.42 -9.29 -28.03
N VAL C 62 -30.31 -9.61 -28.68
CA VAL C 62 -29.04 -9.90 -28.01
C VAL C 62 -27.96 -9.10 -28.72
N ILE C 63 -26.95 -8.66 -27.98
CA ILE C 63 -25.86 -7.89 -28.57
C ILE C 63 -24.52 -8.59 -28.37
N VAL C 64 -23.66 -8.49 -29.39
CA VAL C 64 -22.33 -9.06 -29.29
C VAL C 64 -21.43 -7.87 -29.59
N CYS C 65 -20.56 -7.52 -28.64
CA CYS C 65 -19.67 -6.38 -28.82
C CYS C 65 -18.27 -6.66 -28.31
N SER C 66 -17.27 -6.51 -29.18
CA SER C 66 -15.88 -6.75 -28.79
C SER C 66 -15.44 -5.70 -27.79
N THR C 67 -14.50 -6.08 -26.95
CA THR C 67 -13.98 -5.22 -25.90
C THR C 67 -12.57 -4.76 -26.17
N GLY C 68 -11.85 -5.53 -26.98
CA GLY C 68 -10.46 -5.22 -27.27
C GLY C 68 -9.64 -5.90 -26.18
N ILE C 69 -8.32 -5.73 -26.23
CA ILE C 69 -7.46 -6.34 -25.21
C ILE C 69 -7.27 -5.45 -23.97
N GLY C 70 -7.49 -6.05 -22.81
CA GLY C 70 -7.29 -5.35 -21.55
C GLY C 70 -8.48 -4.76 -20.83
N GLY C 71 -8.31 -4.52 -19.54
CA GLY C 71 -9.38 -3.95 -18.76
C GLY C 71 -9.76 -2.54 -19.18
N PRO C 72 -8.79 -1.70 -19.61
CA PRO C 72 -9.15 -0.34 -20.02
C PRO C 72 -10.20 -0.26 -21.13
N SER C 73 -9.95 -0.92 -22.27
CA SER C 73 -10.92 -0.89 -23.36
C SER C 73 -12.22 -1.60 -22.96
N THR C 74 -12.09 -2.63 -22.12
CA THR C 74 -13.28 -3.37 -21.69
C THR C 74 -14.20 -2.47 -20.87
N SER C 75 -13.62 -1.59 -20.06
CA SER C 75 -14.43 -0.70 -19.21
C SER C 75 -15.22 0.31 -20.03
N ILE C 76 -14.75 0.61 -21.23
CA ILE C 76 -15.45 1.57 -22.09
C ILE C 76 -16.65 0.86 -22.70
N ALA C 77 -16.43 -0.36 -23.20
CA ALA C 77 -17.50 -1.13 -23.79
C ALA C 77 -18.62 -1.46 -22.80
N VAL C 78 -18.23 -1.97 -21.64
CA VAL C 78 -19.21 -2.33 -20.62
C VAL C 78 -20.03 -1.11 -20.18
N GLU C 79 -19.35 0.01 -19.92
CA GLU C 79 -20.02 1.23 -19.47
C GLU C 79 -20.96 1.84 -20.50
N GLU C 80 -20.52 1.92 -21.74
CA GLU C 80 -21.35 2.51 -22.78
C GLU C 80 -22.49 1.60 -23.20
N LEU C 81 -22.33 0.30 -22.95
CA LEU C 81 -23.39 -0.65 -23.26
C LEU C 81 -24.42 -0.61 -22.12
N ALA C 82 -23.96 -0.35 -20.91
CA ALA C 82 -24.86 -0.28 -19.75
C ALA C 82 -25.63 1.03 -19.81
N GLN C 83 -25.02 2.06 -20.40
CA GLN C 83 -25.69 3.34 -20.53
C GLN C 83 -26.85 3.14 -21.51
N LEU C 84 -26.65 2.22 -22.45
CA LEU C 84 -27.66 1.92 -23.47
C LEU C 84 -28.73 0.92 -22.97
N GLY C 85 -28.50 0.35 -21.78
CA GLY C 85 -29.48 -0.58 -21.23
C GLY C 85 -29.08 -2.02 -20.98
N ILE C 86 -27.81 -2.35 -21.18
CA ILE C 86 -27.38 -3.72 -20.96
C ILE C 86 -27.13 -3.96 -19.47
N ARG C 87 -27.62 -5.09 -18.96
CA ARG C 87 -27.45 -5.40 -17.54
C ARG C 87 -26.71 -6.73 -17.32
N THR C 88 -26.75 -7.61 -18.33
CA THR C 88 -26.09 -8.91 -18.24
C THR C 88 -24.99 -9.01 -19.30
N PHE C 89 -23.79 -9.33 -18.86
CA PHE C 89 -22.64 -9.44 -19.78
C PHE C 89 -22.00 -10.81 -19.73
N LEU C 90 -21.81 -11.41 -20.90
CA LEU C 90 -21.18 -12.72 -20.96
C LEU C 90 -19.95 -12.63 -21.83
N ARG C 91 -18.79 -12.81 -21.20
CA ARG C 91 -17.54 -12.78 -21.95
C ARG C 91 -17.13 -14.18 -22.38
N ILE C 92 -16.83 -14.29 -23.66
CA ILE C 92 -16.39 -15.54 -24.24
C ILE C 92 -14.95 -15.33 -24.67
N GLY C 93 -14.06 -16.25 -24.31
CA GLY C 93 -12.67 -16.11 -24.69
C GLY C 93 -11.91 -17.41 -24.91
N THR C 94 -10.66 -17.28 -25.34
CA THR C 94 -9.79 -18.42 -25.55
C THR C 94 -8.70 -18.18 -24.52
N THR C 95 -8.18 -19.24 -23.93
CA THR C 95 -7.19 -19.04 -22.89
C THR C 95 -6.21 -20.18 -22.74
N GLY C 96 -5.30 -20.03 -21.78
CA GLY C 96 -4.32 -21.05 -21.49
C GLY C 96 -4.32 -21.35 -20.00
N ALA C 97 -4.50 -22.62 -19.65
CA ALA C 97 -4.50 -23.05 -18.26
C ALA C 97 -3.07 -23.12 -17.71
N ILE C 98 -2.93 -22.92 -16.40
CA ILE C 98 -1.62 -23.01 -15.79
C ILE C 98 -1.53 -24.23 -14.89
N GLN C 99 -2.57 -25.07 -14.95
CA GLN C 99 -2.60 -26.29 -14.15
C GLN C 99 -2.37 -27.48 -15.09
N PRO C 100 -1.38 -28.34 -14.77
CA PRO C 100 -1.07 -29.50 -15.60
C PRO C 100 -2.22 -30.48 -15.83
N HIS C 101 -3.25 -30.43 -15.00
CA HIS C 101 -4.38 -31.34 -15.18
C HIS C 101 -5.48 -30.77 -16.08
N ILE C 102 -5.20 -29.63 -16.73
CA ILE C 102 -6.17 -29.01 -17.64
C ILE C 102 -5.65 -29.15 -19.07
N ASN C 103 -6.41 -29.83 -19.92
CA ASN C 103 -6.01 -30.07 -21.31
C ASN C 103 -6.59 -29.09 -22.33
N VAL C 104 -5.96 -29.04 -23.51
CA VAL C 104 -6.43 -28.15 -24.57
C VAL C 104 -7.82 -28.62 -25.00
N GLY C 105 -8.75 -27.67 -25.19
CA GLY C 105 -10.09 -28.04 -25.59
C GLY C 105 -11.02 -28.12 -24.41
N ASP C 106 -10.50 -27.77 -23.24
CA ASP C 106 -11.28 -27.77 -22.01
C ASP C 106 -11.94 -26.41 -21.88
N VAL C 107 -13.07 -26.38 -21.19
CA VAL C 107 -13.82 -25.14 -20.97
C VAL C 107 -13.68 -24.70 -19.52
N LEU C 108 -13.29 -23.44 -19.34
CA LEU C 108 -13.11 -22.87 -18.02
C LEU C 108 -14.18 -21.84 -17.71
N VAL C 109 -14.83 -21.99 -16.56
CA VAL C 109 -15.85 -21.05 -16.10
C VAL C 109 -15.22 -20.35 -14.91
N THR C 110 -15.26 -19.02 -14.92
CA THR C 110 -14.65 -18.24 -13.85
C THR C 110 -15.62 -17.79 -12.77
N THR C 111 -15.33 -18.17 -11.53
CA THR C 111 -16.16 -17.78 -10.39
C THR C 111 -15.70 -16.41 -9.90
N ALA C 112 -14.38 -16.21 -9.88
CA ALA C 112 -13.80 -14.95 -9.42
C ALA C 112 -12.39 -14.79 -10.00
N SER C 113 -11.89 -13.56 -10.08
CA SER C 113 -10.57 -13.34 -10.63
C SER C 113 -9.56 -12.66 -9.72
N VAL C 114 -8.30 -13.12 -9.81
CA VAL C 114 -7.23 -12.50 -9.04
C VAL C 114 -7.04 -11.18 -9.79
N ARG C 115 -7.18 -10.07 -9.07
CA ARG C 115 -7.05 -8.73 -9.68
C ARG C 115 -5.63 -8.26 -9.92
N LEU C 116 -5.03 -8.70 -11.03
CA LEU C 116 -3.69 -8.30 -11.38
C LEU C 116 -3.80 -7.28 -12.51
N ASP C 117 -4.88 -6.51 -12.48
CA ASP C 117 -5.11 -5.47 -13.47
C ASP C 117 -5.11 -4.16 -12.70
N GLY C 118 -5.52 -3.07 -13.35
CA GLY C 118 -5.55 -1.78 -12.68
C GLY C 118 -6.86 -1.03 -12.82
N ALA C 119 -7.69 -1.44 -13.77
CA ALA C 119 -8.96 -0.78 -13.99
C ALA C 119 -10.02 -1.17 -12.97
N SER C 120 -9.88 -2.33 -12.34
CA SER C 120 -10.85 -2.77 -11.34
C SER C 120 -10.80 -1.85 -10.12
N LEU C 121 -9.61 -1.37 -9.80
CA LEU C 121 -9.42 -0.47 -8.66
C LEU C 121 -10.12 0.86 -8.91
N HIS C 122 -10.51 1.10 -10.17
CA HIS C 122 -11.22 2.34 -10.48
C HIS C 122 -12.71 2.17 -10.19
N PHE C 123 -13.11 0.95 -9.83
CA PHE C 123 -14.50 0.68 -9.52
C PHE C 123 -14.67 0.22 -8.08
N ALA C 124 -13.59 -0.28 -7.48
CA ALA C 124 -13.66 -0.75 -6.10
C ALA C 124 -12.28 -1.00 -5.52
N PRO C 125 -12.12 -0.80 -4.19
CA PRO C 125 -10.82 -1.04 -3.56
C PRO C 125 -10.43 -2.51 -3.70
N MET C 126 -9.12 -2.76 -3.76
CA MET C 126 -8.60 -4.12 -3.92
C MET C 126 -9.31 -5.20 -3.11
N GLU C 127 -9.79 -4.85 -1.93
CA GLU C 127 -10.46 -5.81 -1.05
C GLU C 127 -11.75 -6.36 -1.64
N PHE C 128 -12.38 -5.61 -2.54
CA PHE C 128 -13.62 -6.08 -3.16
C PHE C 128 -13.29 -7.26 -4.09
N PRO C 129 -14.12 -8.31 -4.08
CA PRO C 129 -13.88 -9.50 -4.92
C PRO C 129 -14.37 -9.39 -6.36
N ALA C 130 -13.47 -9.71 -7.29
CA ALA C 130 -13.77 -9.72 -8.71
C ALA C 130 -14.54 -11.01 -8.92
N VAL C 131 -15.75 -11.04 -8.38
CA VAL C 131 -16.60 -12.22 -8.44
C VAL C 131 -17.67 -12.18 -9.52
N ALA C 132 -17.93 -13.30 -10.16
CA ALA C 132 -18.93 -13.38 -11.21
C ALA C 132 -20.35 -13.43 -10.63
N ASP C 133 -21.34 -13.24 -11.48
CA ASP C 133 -22.72 -13.28 -11.04
C ASP C 133 -23.17 -14.74 -10.97
N PHE C 134 -23.88 -15.09 -9.91
CA PHE C 134 -24.33 -16.47 -9.72
C PHE C 134 -25.18 -17.02 -10.86
N ALA C 135 -26.23 -16.29 -11.24
CA ALA C 135 -27.08 -16.73 -12.34
C ALA C 135 -26.21 -17.03 -13.55
N CYS C 136 -25.52 -16.00 -14.04
CA CYS C 136 -24.64 -16.13 -15.18
C CYS C 136 -23.74 -17.36 -15.08
N THR C 137 -23.08 -17.50 -13.94
CA THR C 137 -22.16 -18.61 -13.71
C THR C 137 -22.86 -19.97 -13.79
N THR C 138 -24.05 -20.05 -13.21
CA THR C 138 -24.81 -21.29 -13.22
C THR C 138 -25.18 -21.65 -14.66
N ALA C 139 -25.62 -20.64 -15.40
CA ALA C 139 -26.01 -20.82 -16.81
C ALA C 139 -24.87 -21.39 -17.65
N LEU C 140 -23.70 -20.74 -17.58
CA LEU C 140 -22.53 -21.19 -18.32
C LEU C 140 -22.15 -22.61 -17.94
N VAL C 141 -22.24 -22.92 -16.65
CA VAL C 141 -21.89 -24.25 -16.17
C VAL C 141 -22.84 -25.29 -16.75
N GLU C 142 -24.15 -25.01 -16.69
CA GLU C 142 -25.15 -25.94 -17.21
C GLU C 142 -25.03 -26.12 -18.71
N ALA C 143 -24.69 -25.05 -19.42
CA ALA C 143 -24.56 -25.11 -20.86
C ALA C 143 -23.40 -26.00 -21.28
N ALA C 144 -22.29 -25.93 -20.56
CA ALA C 144 -21.13 -26.74 -20.87
C ALA C 144 -21.45 -28.21 -20.60
N LYS C 145 -22.37 -28.43 -19.66
CA LYS C 145 -22.78 -29.79 -19.33
C LYS C 145 -23.71 -30.31 -20.42
N SER C 146 -24.70 -29.51 -20.80
CA SER C 146 -25.64 -29.94 -21.85
C SER C 146 -24.86 -30.27 -23.12
N ILE C 147 -23.83 -29.48 -23.40
CA ILE C 147 -22.97 -29.70 -24.57
C ILE C 147 -22.07 -30.89 -24.23
N GLY C 148 -21.97 -31.16 -22.94
CA GLY C 148 -21.17 -32.27 -22.46
C GLY C 148 -19.66 -32.12 -22.64
N ALA C 149 -19.14 -30.91 -22.45
CA ALA C 149 -17.70 -30.69 -22.61
C ALA C 149 -17.01 -30.62 -21.25
N THR C 150 -15.73 -30.98 -21.22
CA THR C 150 -14.96 -30.95 -19.98
C THR C 150 -15.01 -29.54 -19.41
N THR C 151 -15.38 -29.42 -18.14
CA THR C 151 -15.49 -28.10 -17.54
C THR C 151 -14.83 -27.96 -16.18
N HIS C 152 -14.03 -26.91 -16.05
CA HIS C 152 -13.36 -26.60 -14.81
C HIS C 152 -13.93 -25.26 -14.36
N VAL C 153 -14.42 -25.22 -13.13
CA VAL C 153 -15.00 -24.01 -12.57
C VAL C 153 -14.09 -23.54 -11.45
N GLY C 154 -13.55 -22.34 -11.58
CA GLY C 154 -12.66 -21.83 -10.55
C GLY C 154 -12.17 -20.41 -10.76
N VAL C 155 -11.04 -20.13 -10.12
CA VAL C 155 -10.42 -18.82 -10.16
C VAL C 155 -9.47 -18.60 -11.34
N THR C 156 -9.51 -17.39 -11.87
CA THR C 156 -8.67 -17.01 -12.99
C THR C 156 -7.79 -15.81 -12.60
N ALA C 157 -6.54 -15.83 -13.03
CA ALA C 157 -5.64 -14.72 -12.75
C ALA C 157 -5.81 -13.76 -13.93
N SER C 158 -6.29 -12.54 -13.66
CA SER C 158 -6.52 -11.54 -14.70
C SER C 158 -5.41 -10.50 -14.70
N SER C 159 -4.51 -10.61 -15.67
CA SER C 159 -3.34 -9.73 -15.78
C SER C 159 -3.45 -8.58 -16.78
N ASP C 160 -2.78 -7.46 -16.46
CA ASP C 160 -2.80 -6.30 -17.32
C ASP C 160 -1.83 -6.42 -18.50
N THR C 161 -0.86 -7.32 -18.39
CA THR C 161 0.07 -7.54 -19.48
C THR C 161 -0.02 -8.98 -19.93
N PHE C 162 0.54 -9.26 -21.11
CA PHE C 162 0.52 -10.60 -21.66
C PHE C 162 1.81 -11.34 -21.31
N TYR C 163 2.91 -10.60 -21.14
CA TYR C 163 4.17 -11.25 -20.84
C TYR C 163 4.63 -11.19 -19.38
N PRO C 164 5.07 -10.02 -18.89
CA PRO C 164 5.51 -9.91 -17.49
C PRO C 164 4.49 -10.42 -16.47
N GLY C 165 3.31 -9.81 -16.46
CA GLY C 165 2.25 -10.20 -15.54
C GLY C 165 1.87 -11.67 -15.57
N GLN C 166 2.20 -12.39 -16.64
CA GLN C 166 1.90 -13.81 -16.74
C GLN C 166 3.21 -14.56 -16.67
N GLU C 167 4.20 -13.86 -16.14
CA GLU C 167 5.56 -14.34 -15.97
C GLU C 167 6.14 -15.03 -17.21
N ARG C 168 6.29 -14.26 -18.29
CA ARG C 168 6.91 -14.78 -19.51
C ARG C 168 8.28 -14.13 -19.60
N TYR C 169 9.31 -14.94 -19.83
CA TYR C 169 10.68 -14.44 -19.93
C TYR C 169 11.24 -14.38 -21.35
N ASP C 170 10.55 -15.01 -22.29
CA ASP C 170 11.01 -15.00 -23.69
C ASP C 170 10.53 -13.71 -24.33
N THR C 171 11.08 -12.60 -23.84
CA THR C 171 10.72 -11.27 -24.30
C THR C 171 11.98 -10.47 -24.64
N TYR C 172 11.79 -9.27 -25.16
CA TYR C 172 12.91 -8.41 -25.53
C TYR C 172 13.91 -8.19 -24.40
N SER C 173 13.42 -7.95 -23.19
CA SER C 173 14.29 -7.72 -22.03
C SER C 173 14.63 -9.01 -21.30
N GLY C 174 13.69 -9.95 -21.27
CA GLY C 174 13.93 -11.22 -20.59
C GLY C 174 13.86 -11.16 -19.08
N ARG C 175 13.53 -9.99 -18.53
CA ARG C 175 13.43 -9.84 -17.08
C ARG C 175 11.99 -9.61 -16.66
N VAL C 176 11.64 -10.13 -15.49
CA VAL C 176 10.29 -9.92 -14.95
C VAL C 176 10.45 -9.17 -13.63
N VAL C 177 9.65 -8.13 -13.44
CA VAL C 177 9.69 -7.30 -12.25
C VAL C 177 9.45 -8.13 -10.98
N ARG C 178 10.19 -7.83 -9.93
CA ARG C 178 10.10 -8.55 -8.66
C ARG C 178 8.70 -9.03 -8.29
N ARG C 179 7.70 -8.14 -8.40
CA ARG C 179 6.32 -8.46 -8.06
C ARG C 179 5.81 -9.78 -8.66
N PHE C 180 6.22 -10.07 -9.90
CA PHE C 180 5.79 -11.29 -10.58
C PHE C 180 6.85 -12.37 -10.69
N LYS C 181 8.02 -12.11 -10.11
CA LYS C 181 9.09 -13.10 -10.16
C LYS C 181 8.64 -14.28 -9.31
N GLY C 182 8.35 -15.40 -9.95
CA GLY C 182 7.92 -16.58 -9.23
C GLY C 182 6.41 -16.63 -9.01
N SER C 183 5.69 -15.66 -9.57
CA SER C 183 4.25 -15.58 -9.39
C SER C 183 3.42 -16.72 -9.99
N MET C 184 3.88 -17.31 -11.09
CA MET C 184 3.08 -18.38 -11.66
C MET C 184 2.99 -19.60 -10.75
N GLU C 185 4.10 -19.99 -10.14
CA GLU C 185 4.07 -21.14 -9.22
C GLU C 185 3.07 -20.89 -8.12
N GLU C 186 3.09 -19.68 -7.57
CA GLU C 186 2.18 -19.29 -6.50
C GLU C 186 0.74 -19.54 -6.92
N TRP C 187 0.35 -18.96 -8.04
CA TRP C 187 -1.01 -19.11 -8.55
C TRP C 187 -1.37 -20.59 -8.69
N GLN C 188 -0.45 -21.40 -9.21
CA GLN C 188 -0.76 -22.82 -9.37
C GLN C 188 -1.07 -23.48 -8.02
N ALA C 189 -0.23 -23.26 -7.03
CA ALA C 189 -0.45 -23.85 -5.70
C ALA C 189 -1.75 -23.34 -5.05
N MET C 190 -2.20 -22.16 -5.45
CA MET C 190 -3.44 -21.60 -4.91
C MET C 190 -4.68 -22.13 -5.64
N GLY C 191 -4.46 -22.85 -6.74
CA GLY C 191 -5.57 -23.43 -7.48
C GLY C 191 -6.03 -22.63 -8.71
N VAL C 192 -5.28 -21.58 -9.04
CA VAL C 192 -5.62 -20.75 -10.19
C VAL C 192 -5.58 -21.61 -11.45
N MET C 193 -6.66 -21.58 -12.23
CA MET C 193 -6.74 -22.38 -13.45
C MET C 193 -5.98 -21.82 -14.65
N ASN C 194 -6.02 -20.51 -14.82
CA ASN C 194 -5.39 -19.93 -15.98
C ASN C 194 -5.13 -18.43 -15.90
N TYR C 195 -4.74 -17.88 -17.04
CA TYR C 195 -4.47 -16.45 -17.20
C TYR C 195 -5.32 -15.93 -18.35
N GLU C 196 -5.73 -14.67 -18.25
CA GLU C 196 -6.49 -14.00 -19.30
C GLU C 196 -6.32 -12.51 -18.96
N MET C 197 -6.93 -11.61 -19.71
CA MET C 197 -6.67 -10.20 -19.41
C MET C 197 -7.83 -9.23 -19.30
N GLU C 198 -9.05 -9.74 -19.11
CA GLU C 198 -10.19 -8.84 -19.01
C GLU C 198 -11.18 -9.08 -17.87
N SER C 199 -11.26 -10.32 -17.37
CA SER C 199 -12.22 -10.67 -16.31
C SER C 199 -12.17 -9.86 -15.02
N ALA C 200 -10.97 -9.57 -14.52
CA ALA C 200 -10.84 -8.79 -13.28
C ALA C 200 -11.58 -7.46 -13.40
N THR C 201 -11.38 -6.77 -14.52
CA THR C 201 -12.04 -5.49 -14.73
C THR C 201 -13.53 -5.70 -14.96
N LEU C 202 -13.87 -6.65 -15.83
CA LEU C 202 -15.28 -6.93 -16.13
C LEU C 202 -16.07 -7.27 -14.86
N LEU C 203 -15.68 -8.38 -14.24
CA LEU C 203 -16.31 -8.87 -13.03
C LEU C 203 -16.44 -7.82 -11.90
N THR C 204 -15.38 -7.07 -11.64
CA THR C 204 -15.38 -6.08 -10.58
C THR C 204 -16.25 -4.88 -10.89
N MET C 205 -16.19 -4.38 -12.13
CA MET C 205 -16.98 -3.23 -12.49
C MET C 205 -18.46 -3.56 -12.61
N CYS C 206 -18.77 -4.86 -12.73
CA CYS C 206 -20.15 -5.27 -12.82
C CYS C 206 -20.75 -5.55 -11.44
N ALA C 207 -20.01 -6.30 -10.62
CA ALA C 207 -20.45 -6.65 -9.29
C ALA C 207 -20.61 -5.45 -8.35
N SER C 208 -19.92 -4.36 -8.66
CA SER C 208 -20.00 -3.17 -7.83
C SER C 208 -20.90 -2.08 -8.39
N GLN C 209 -21.65 -2.40 -9.44
CA GLN C 209 -22.54 -1.44 -10.07
C GLN C 209 -23.90 -2.06 -10.41
N GLY C 210 -24.11 -3.29 -9.94
CA GLY C 210 -25.38 -3.97 -10.17
C GLY C 210 -25.60 -4.52 -11.58
N LEU C 211 -24.56 -5.13 -12.15
CA LEU C 211 -24.67 -5.69 -13.48
C LEU C 211 -24.20 -7.15 -13.42
N ARG C 212 -25.02 -8.08 -13.93
CA ARG C 212 -24.68 -9.49 -13.92
C ARG C 212 -23.61 -9.79 -14.95
N ALA C 213 -22.60 -10.53 -14.55
CA ALA C 213 -21.52 -10.87 -15.47
C ALA C 213 -20.97 -12.28 -15.27
N GLY C 214 -20.70 -12.95 -16.38
CA GLY C 214 -20.17 -14.30 -16.35
C GLY C 214 -18.99 -14.39 -17.28
N MET C 215 -18.19 -15.44 -17.16
CA MET C 215 -17.02 -15.57 -18.00
C MET C 215 -16.71 -17.02 -18.32
N VAL C 216 -16.70 -17.35 -19.62
CA VAL C 216 -16.36 -18.70 -20.06
C VAL C 216 -15.24 -18.58 -21.07
N ALA C 217 -14.41 -19.62 -21.16
CA ALA C 217 -13.30 -19.63 -22.08
C ALA C 217 -12.85 -21.06 -22.41
N GLY C 218 -12.30 -21.25 -23.62
CA GLY C 218 -11.82 -22.56 -24.03
C GLY C 218 -10.31 -22.60 -23.96
N VAL C 219 -9.74 -23.72 -23.52
CA VAL C 219 -8.28 -23.82 -23.40
C VAL C 219 -7.63 -24.12 -24.76
N ILE C 220 -6.77 -23.21 -25.21
CA ILE C 220 -6.09 -23.38 -26.47
C ILE C 220 -4.59 -23.60 -26.30
N VAL C 221 -4.15 -23.66 -25.05
CA VAL C 221 -2.74 -23.85 -24.75
C VAL C 221 -2.53 -24.08 -23.24
N ASN C 222 -1.52 -24.86 -22.89
CA ASN C 222 -1.21 -25.14 -21.49
C ASN C 222 0.25 -24.82 -21.27
N ARG C 223 0.54 -23.91 -20.33
CA ARG C 223 1.91 -23.51 -20.02
C ARG C 223 2.80 -24.67 -19.55
N THR C 224 2.24 -25.58 -18.76
CA THR C 224 3.00 -26.71 -18.23
C THR C 224 3.14 -27.87 -19.22
N GLN C 225 2.96 -27.58 -20.50
CA GLN C 225 3.07 -28.59 -21.56
C GLN C 225 3.72 -28.02 -22.82
N GLN C 236 -13.02 -26.47 -32.71
CA GLN C 236 -14.00 -27.03 -31.77
C GLN C 236 -13.97 -26.39 -30.39
N THR C 237 -12.78 -25.97 -29.95
CA THR C 237 -12.65 -25.35 -28.64
C THR C 237 -13.38 -24.02 -28.60
N GLU C 238 -13.06 -23.14 -29.55
CA GLU C 238 -13.72 -21.84 -29.58
C GLU C 238 -15.20 -22.09 -29.85
N SER C 239 -15.50 -23.06 -30.70
CA SER C 239 -16.88 -23.40 -31.01
C SER C 239 -17.58 -23.81 -29.73
N HIS C 240 -17.00 -24.78 -29.02
CA HIS C 240 -17.57 -25.24 -27.78
C HIS C 240 -17.77 -24.06 -26.83
N ALA C 241 -16.75 -23.20 -26.74
CA ALA C 241 -16.82 -22.03 -25.89
C ALA C 241 -17.93 -21.11 -26.38
N VAL C 242 -17.94 -20.85 -27.68
CA VAL C 242 -18.94 -19.97 -28.29
C VAL C 242 -20.35 -20.52 -28.19
N LYS C 243 -20.49 -21.82 -28.35
CA LYS C 243 -21.80 -22.46 -28.27
C LYS C 243 -22.33 -22.41 -26.85
N ILE C 244 -21.45 -22.68 -25.89
CA ILE C 244 -21.81 -22.66 -24.49
C ILE C 244 -22.31 -21.28 -24.07
N VAL C 245 -21.60 -20.23 -24.50
CA VAL C 245 -21.98 -18.88 -24.15
C VAL C 245 -23.27 -18.43 -24.85
N VAL C 246 -23.54 -18.97 -26.04
CA VAL C 246 -24.78 -18.60 -26.72
C VAL C 246 -25.89 -19.38 -26.05
N GLU C 247 -25.56 -20.59 -25.59
CA GLU C 247 -26.52 -21.43 -24.89
C GLU C 247 -26.78 -20.81 -23.53
N ALA C 248 -25.72 -20.40 -22.86
CA ALA C 248 -25.85 -19.79 -21.54
C ALA C 248 -26.76 -18.56 -21.61
N ALA C 249 -26.55 -17.71 -22.61
CA ALA C 249 -27.36 -16.51 -22.78
C ALA C 249 -28.85 -16.83 -22.91
N ARG C 250 -29.18 -17.96 -23.54
CA ARG C 250 -30.58 -18.34 -23.68
C ARG C 250 -31.24 -18.48 -22.30
N ARG C 251 -30.49 -19.03 -21.35
CA ARG C 251 -31.00 -19.22 -20.00
C ARG C 251 -31.14 -17.90 -19.24
N LEU C 252 -30.23 -16.98 -19.50
CA LEU C 252 -30.21 -15.67 -18.84
C LEU C 252 -31.11 -14.65 -19.51
N LEU C 253 -31.79 -15.08 -20.57
CA LEU C 253 -32.68 -14.19 -21.32
C LEU C 253 -33.92 -13.77 -20.56
N SER D 4 -27.86 -5.84 30.83
CA SER D 4 -26.53 -5.61 30.20
C SER D 4 -26.48 -4.30 29.44
N ASP D 5 -25.41 -3.52 29.67
CA ASP D 5 -25.24 -2.24 29.00
C ASP D 5 -24.41 -2.35 27.71
N VAL D 6 -23.89 -3.55 27.45
CA VAL D 6 -23.08 -3.83 26.26
C VAL D 6 -23.66 -5.01 25.48
N PHE D 7 -23.45 -5.01 24.16
CA PHE D 7 -23.98 -6.04 23.28
C PHE D 7 -23.31 -7.42 23.31
N HIS D 8 -22.24 -7.58 24.08
CA HIS D 8 -21.54 -8.86 24.10
C HIS D 8 -21.14 -9.42 25.47
N LEU D 9 -20.50 -8.58 26.27
CA LEU D 9 -19.98 -9.01 27.56
C LEU D 9 -21.02 -9.43 28.59
N GLY D 10 -22.24 -8.91 28.45
CA GLY D 10 -23.29 -9.25 29.39
C GLY D 10 -23.06 -8.60 30.75
N LEU D 11 -22.43 -7.43 30.76
CA LEU D 11 -22.15 -6.70 31.99
C LEU D 11 -22.81 -5.31 32.04
N THR D 12 -23.04 -4.81 33.25
CA THR D 12 -23.60 -3.48 33.43
C THR D 12 -22.46 -2.74 34.15
N LYS D 13 -22.52 -1.42 34.24
CA LYS D 13 -21.45 -0.71 34.94
C LYS D 13 -21.46 -1.12 36.42
N ASN D 14 -22.65 -1.43 36.92
CA ASN D 14 -22.80 -1.79 38.32
C ASN D 14 -22.03 -3.07 38.65
N ASP D 15 -21.88 -3.96 37.67
CA ASP D 15 -21.16 -5.20 37.88
C ASP D 15 -19.67 -4.95 38.13
N LEU D 16 -19.18 -3.80 37.67
CA LEU D 16 -17.76 -3.45 37.82
C LEU D 16 -17.44 -2.69 39.10
N GLN D 17 -18.46 -2.15 39.74
CA GLN D 17 -18.29 -1.40 40.98
C GLN D 17 -17.20 -0.35 40.92
N GLY D 18 -17.28 0.51 39.91
CA GLY D 18 -16.30 1.57 39.78
C GLY D 18 -14.91 1.12 39.34
N ALA D 19 -14.80 -0.11 38.85
CA ALA D 19 -13.50 -0.61 38.40
C ALA D 19 -13.03 0.18 37.18
N GLN D 20 -11.72 0.40 37.11
CA GLN D 20 -11.12 1.14 36.00
C GLN D 20 -9.96 0.38 35.37
N LEU D 21 -9.63 -0.77 35.94
CA LEU D 21 -8.55 -1.60 35.41
C LEU D 21 -9.04 -3.02 35.19
N ALA D 22 -8.64 -3.59 34.06
CA ALA D 22 -9.01 -4.95 33.73
C ALA D 22 -7.77 -5.70 33.30
N ILE D 23 -7.65 -6.93 33.77
CA ILE D 23 -6.54 -7.79 33.41
C ILE D 23 -7.16 -8.64 32.31
N VAL D 24 -6.54 -8.67 31.15
CA VAL D 24 -7.11 -9.40 30.04
C VAL D 24 -6.33 -10.60 29.49
N PRO D 25 -6.71 -11.80 29.92
CA PRO D 25 -6.03 -13.01 29.43
C PRO D 25 -6.79 -13.43 28.17
N GLY D 26 -6.25 -14.38 27.43
CA GLY D 26 -6.96 -14.80 26.24
C GLY D 26 -7.94 -15.90 26.55
N ASP D 27 -7.49 -16.92 27.27
CA ASP D 27 -8.29 -18.09 27.64
C ASP D 27 -9.23 -17.87 28.84
N PRO D 28 -10.55 -18.04 28.61
CA PRO D 28 -11.56 -17.88 29.66
C PRO D 28 -11.26 -18.63 30.95
N GLU D 29 -10.66 -19.81 30.84
CA GLU D 29 -10.33 -20.63 32.01
C GLU D 29 -9.30 -20.02 32.95
N ARG D 30 -8.51 -19.10 32.44
CA ARG D 30 -7.49 -18.46 33.27
C ARG D 30 -8.07 -17.30 34.06
N VAL D 31 -9.32 -16.93 33.80
CA VAL D 31 -9.90 -15.80 34.52
C VAL D 31 -9.95 -16.04 36.02
N GLU D 32 -10.75 -17.02 36.43
CA GLU D 32 -10.89 -17.35 37.85
C GLU D 32 -9.55 -17.52 38.56
N LYS D 33 -8.58 -18.13 37.88
CA LYS D 33 -7.28 -18.34 38.50
C LYS D 33 -6.53 -17.03 38.71
N ILE D 34 -6.85 -16.01 37.91
CA ILE D 34 -6.20 -14.71 38.04
C ILE D 34 -6.88 -14.00 39.22
N ALA D 35 -8.21 -14.00 39.18
CA ALA D 35 -9.02 -13.37 40.22
C ALA D 35 -8.71 -13.97 41.59
N ALA D 36 -8.54 -15.29 41.61
CA ALA D 36 -8.25 -16.03 42.83
C ALA D 36 -7.10 -15.45 43.62
N LEU D 37 -6.24 -14.67 42.97
CA LEU D 37 -5.10 -14.05 43.66
C LEU D 37 -5.41 -12.71 44.29
N MET D 38 -6.59 -12.16 44.02
CA MET D 38 -6.97 -10.87 44.58
C MET D 38 -8.07 -11.08 45.62
N ASP D 39 -8.51 -10.00 46.26
CA ASP D 39 -9.54 -10.08 47.31
C ASP D 39 -10.96 -10.13 46.78
N LYS D 40 -11.85 -10.66 47.60
CA LYS D 40 -13.27 -10.79 47.31
C LYS D 40 -13.56 -11.11 45.85
N PRO D 41 -12.96 -12.17 45.31
CA PRO D 41 -13.16 -12.58 43.92
C PRO D 41 -14.49 -13.27 43.66
N VAL D 42 -15.24 -12.75 42.69
CA VAL D 42 -16.51 -13.35 42.34
C VAL D 42 -16.70 -13.38 40.83
N LYS D 43 -17.45 -14.37 40.36
CA LYS D 43 -17.77 -14.54 38.96
C LYS D 43 -18.74 -13.44 38.55
N LEU D 44 -18.59 -12.95 37.32
CA LEU D 44 -19.49 -11.92 36.81
C LEU D 44 -20.36 -12.50 35.70
N ALA D 45 -19.75 -12.82 34.56
CA ALA D 45 -20.50 -13.37 33.44
C ALA D 45 -19.66 -14.14 32.43
N SER D 46 -20.34 -14.93 31.60
CA SER D 46 -19.69 -15.72 30.55
C SER D 46 -20.57 -15.84 29.31
N HIS D 47 -20.10 -15.27 28.20
CA HIS D 47 -20.82 -15.29 26.92
C HIS D 47 -19.78 -15.42 25.81
N ARG D 48 -19.87 -16.48 25.02
CA ARG D 48 -18.86 -16.72 24.00
C ARG D 48 -17.51 -16.77 24.69
N GLU D 49 -16.46 -16.27 24.05
CA GLU D 49 -15.13 -16.29 24.66
C GLU D 49 -15.00 -15.29 25.80
N PHE D 50 -16.07 -14.55 26.10
CA PHE D 50 -16.01 -13.52 27.13
C PHE D 50 -16.49 -13.88 28.55
N THR D 51 -15.59 -14.39 29.39
CA THR D 51 -15.99 -14.69 30.76
C THR D 51 -15.24 -13.69 31.64
N SER D 52 -16.00 -12.95 32.43
CA SER D 52 -15.47 -11.92 33.31
C SER D 52 -15.62 -12.22 34.80
N TRP D 53 -14.73 -11.62 35.58
CA TRP D 53 -14.71 -11.76 37.04
C TRP D 53 -14.31 -10.40 37.60
N ARG D 54 -14.66 -10.15 38.85
CA ARG D 54 -14.29 -8.92 39.51
C ARG D 54 -13.65 -9.30 40.85
N ALA D 55 -12.62 -8.56 41.25
CA ALA D 55 -11.97 -8.83 42.51
C ALA D 55 -11.68 -7.49 43.17
N GLU D 56 -10.75 -7.47 44.10
CA GLU D 56 -10.44 -6.23 44.78
C GLU D 56 -8.97 -6.21 45.15
N LEU D 57 -8.35 -5.04 44.98
CA LEU D 57 -6.94 -4.83 45.27
C LEU D 57 -6.84 -3.52 46.07
N ASP D 58 -6.51 -3.64 47.35
CA ASP D 58 -6.41 -2.46 48.19
C ASP D 58 -7.74 -1.72 48.19
N GLY D 59 -8.83 -2.47 48.28
CA GLY D 59 -10.15 -1.85 48.30
C GLY D 59 -10.53 -1.19 47.00
N LYS D 60 -9.80 -1.50 45.93
CA LYS D 60 -10.07 -0.94 44.60
C LYS D 60 -10.59 -2.05 43.69
N ALA D 61 -11.76 -1.84 43.11
CA ALA D 61 -12.33 -2.84 42.21
C ALA D 61 -11.43 -3.05 41.00
N VAL D 62 -11.24 -4.32 40.66
CA VAL D 62 -10.42 -4.71 39.52
C VAL D 62 -11.20 -5.81 38.80
N ILE D 63 -11.09 -5.88 37.48
CA ILE D 63 -11.81 -6.92 36.77
C ILE D 63 -10.88 -7.74 35.90
N VAL D 64 -11.23 -9.01 35.70
CA VAL D 64 -10.46 -9.91 34.84
C VAL D 64 -11.45 -10.36 33.78
N CYS D 65 -11.07 -10.24 32.51
CA CYS D 65 -11.94 -10.63 31.40
C CYS D 65 -11.13 -11.29 30.31
N SER D 66 -11.63 -12.41 29.78
CA SER D 66 -10.92 -13.10 28.71
C SER D 66 -11.27 -12.40 27.38
N THR D 67 -10.33 -12.44 26.44
CA THR D 67 -10.54 -11.79 25.16
C THR D 67 -10.70 -12.75 23.99
N GLY D 68 -10.54 -14.05 24.25
CA GLY D 68 -10.65 -15.04 23.21
C GLY D 68 -9.41 -15.02 22.32
N ILE D 69 -9.44 -15.76 21.22
CA ILE D 69 -8.31 -15.81 20.30
C ILE D 69 -8.43 -14.74 19.21
N GLY D 70 -7.37 -13.96 19.01
CA GLY D 70 -7.40 -12.95 17.96
C GLY D 70 -7.86 -11.53 18.25
N GLY D 71 -7.48 -10.63 17.34
CA GLY D 71 -7.84 -9.23 17.45
C GLY D 71 -9.32 -8.94 17.29
N PRO D 72 -10.06 -9.70 16.45
CA PRO D 72 -11.49 -9.43 16.29
C PRO D 72 -12.21 -9.58 17.63
N SER D 73 -11.88 -10.64 18.35
CA SER D 73 -12.47 -10.91 19.65
C SER D 73 -12.07 -9.80 20.62
N THR D 74 -10.76 -9.61 20.75
CA THR D 74 -10.18 -8.60 21.63
C THR D 74 -10.76 -7.19 21.47
N SER D 75 -11.03 -6.80 20.22
CA SER D 75 -11.57 -5.47 19.93
C SER D 75 -12.95 -5.27 20.54
N ILE D 76 -13.73 -6.35 20.60
CA ILE D 76 -15.06 -6.30 21.19
C ILE D 76 -14.92 -6.12 22.70
N ALA D 77 -14.11 -6.98 23.32
CA ALA D 77 -13.89 -6.93 24.76
C ALA D 77 -13.33 -5.58 25.23
N VAL D 78 -12.31 -5.07 24.54
CA VAL D 78 -11.71 -3.80 24.93
C VAL D 78 -12.73 -2.68 24.80
N GLU D 79 -13.39 -2.62 23.65
CA GLU D 79 -14.38 -1.59 23.37
C GLU D 79 -15.49 -1.57 24.40
N GLU D 80 -16.06 -2.72 24.70
CA GLU D 80 -17.15 -2.76 25.66
C GLU D 80 -16.72 -2.53 27.11
N LEU D 81 -15.54 -3.00 27.49
CA LEU D 81 -15.09 -2.72 28.85
C LEU D 81 -14.90 -1.21 28.94
N ALA D 82 -14.29 -0.64 27.90
CA ALA D 82 -14.07 0.79 27.85
C ALA D 82 -15.40 1.51 28.07
N GLN D 83 -16.44 1.08 27.36
CA GLN D 83 -17.77 1.67 27.51
C GLN D 83 -18.26 1.58 28.96
N LEU D 84 -17.99 0.45 29.61
CA LEU D 84 -18.40 0.26 31.00
C LEU D 84 -17.57 1.06 32.00
N GLY D 85 -16.38 1.50 31.58
CA GLY D 85 -15.57 2.30 32.48
C GLY D 85 -14.09 1.97 32.62
N ILE D 86 -13.63 0.84 32.08
CA ILE D 86 -12.20 0.51 32.21
C ILE D 86 -11.34 1.48 31.40
N ARG D 87 -10.19 1.86 31.95
CA ARG D 87 -9.29 2.78 31.26
C ARG D 87 -7.88 2.19 31.13
N THR D 88 -7.60 1.15 31.90
CA THR D 88 -6.30 0.49 31.84
C THR D 88 -6.49 -0.99 31.56
N PHE D 89 -5.75 -1.49 30.57
CA PHE D 89 -5.82 -2.90 30.18
C PHE D 89 -4.47 -3.58 30.27
N LEU D 90 -4.39 -4.64 31.08
CA LEU D 90 -3.15 -5.39 31.22
C LEU D 90 -3.35 -6.80 30.71
N ARG D 91 -2.65 -7.14 29.63
CA ARG D 91 -2.78 -8.46 29.05
C ARG D 91 -1.75 -9.46 29.59
N ILE D 92 -2.25 -10.58 30.05
CA ILE D 92 -1.38 -11.64 30.56
C ILE D 92 -1.58 -12.83 29.63
N GLY D 93 -0.50 -13.54 29.35
CA GLY D 93 -0.58 -14.69 28.48
C GLY D 93 0.77 -15.34 28.36
N THR D 94 0.81 -16.60 27.92
CA THR D 94 2.07 -17.29 27.76
C THR D 94 2.37 -17.34 26.28
N THR D 95 3.66 -17.24 25.93
CA THR D 95 4.05 -17.20 24.54
C THR D 95 5.26 -18.06 24.18
N GLY D 96 5.61 -18.02 22.90
CA GLY D 96 6.76 -18.75 22.40
C GLY D 96 7.75 -17.74 21.83
N ALA D 97 9.02 -17.90 22.19
CA ALA D 97 10.07 -16.99 21.75
C ALA D 97 10.71 -17.34 20.41
N ILE D 98 11.14 -16.31 19.68
CA ILE D 98 11.79 -16.55 18.40
C ILE D 98 13.23 -16.04 18.50
N GLN D 99 13.62 -15.68 19.72
CA GLN D 99 14.97 -15.17 19.97
C GLN D 99 15.79 -16.20 20.77
N PRO D 100 17.02 -16.49 20.31
CA PRO D 100 17.92 -17.45 20.96
C PRO D 100 18.32 -17.16 22.41
N HIS D 101 18.38 -15.89 22.80
CA HIS D 101 18.78 -15.57 24.17
C HIS D 101 17.60 -15.52 25.14
N ILE D 102 16.38 -15.73 24.63
CA ILE D 102 15.18 -15.75 25.48
C ILE D 102 14.80 -17.19 25.80
N ASN D 103 15.03 -17.60 27.04
CA ASN D 103 14.77 -18.97 27.48
C ASN D 103 13.42 -19.24 28.12
N VAL D 104 13.04 -20.51 28.14
CA VAL D 104 11.76 -20.92 28.73
C VAL D 104 11.79 -20.46 30.18
N GLY D 105 10.65 -19.95 30.66
CA GLY D 105 10.59 -19.47 32.03
C GLY D 105 10.88 -17.99 32.09
N ASP D 106 11.38 -17.42 31.00
CA ASP D 106 11.65 -15.99 30.94
C ASP D 106 10.34 -15.21 30.91
N VAL D 107 10.39 -13.95 31.30
CA VAL D 107 9.22 -13.09 31.32
C VAL D 107 9.39 -11.97 30.30
N LEU D 108 8.43 -11.84 29.40
CA LEU D 108 8.49 -10.82 28.37
C LEU D 108 7.46 -9.72 28.60
N VAL D 109 7.94 -8.48 28.54
CA VAL D 109 7.08 -7.32 28.71
C VAL D 109 7.20 -6.59 27.38
N THR D 110 6.07 -6.41 26.71
CA THR D 110 6.00 -5.79 25.40
C THR D 110 5.90 -4.28 25.35
N THR D 111 6.92 -3.64 24.77
CA THR D 111 6.93 -2.18 24.65
C THR D 111 6.02 -1.76 23.49
N ALA D 112 6.13 -2.47 22.38
CA ALA D 112 5.33 -2.18 21.20
C ALA D 112 5.21 -3.47 20.39
N SER D 113 4.33 -3.51 19.40
CA SER D 113 4.18 -4.72 18.60
C SER D 113 4.22 -4.50 17.09
N VAL D 114 4.68 -5.53 16.39
CA VAL D 114 4.71 -5.49 14.93
C VAL D 114 3.26 -5.83 14.58
N ARG D 115 2.62 -4.96 13.79
CA ARG D 115 1.22 -5.11 13.41
C ARG D 115 0.96 -6.04 12.22
N LEU D 116 1.00 -7.35 12.45
CA LEU D 116 0.74 -8.33 11.41
C LEU D 116 -0.69 -8.83 11.58
N ASP D 117 -1.59 -7.90 11.86
CA ASP D 117 -3.00 -8.24 12.07
C ASP D 117 -3.86 -7.39 11.16
N GLY D 118 -5.17 -7.47 11.37
CA GLY D 118 -6.09 -6.69 10.57
C GLY D 118 -6.92 -5.69 11.36
N ALA D 119 -7.42 -6.11 12.52
CA ALA D 119 -8.26 -5.25 13.37
C ALA D 119 -7.57 -3.96 13.78
N SER D 120 -6.25 -3.98 13.82
CA SER D 120 -5.47 -2.80 14.20
C SER D 120 -5.76 -1.60 13.28
N LEU D 121 -5.92 -1.90 11.98
CA LEU D 121 -6.18 -0.86 10.98
C LEU D 121 -7.58 -0.28 11.07
N HIS D 122 -8.44 -0.92 11.85
CA HIS D 122 -9.79 -0.41 12.03
C HIS D 122 -9.80 0.72 13.06
N PHE D 123 -8.62 1.00 13.64
CA PHE D 123 -8.49 2.05 14.64
C PHE D 123 -7.46 3.10 14.29
N ALA D 124 -6.41 2.69 13.58
CA ALA D 124 -5.36 3.62 13.19
C ALA D 124 -4.55 3.09 12.02
N PRO D 125 -4.12 3.99 11.12
CA PRO D 125 -3.33 3.60 9.95
C PRO D 125 -2.07 2.88 10.38
N MET D 126 -1.47 2.13 9.47
CA MET D 126 -0.28 1.34 9.79
C MET D 126 0.92 2.13 10.31
N GLU D 127 1.03 3.40 9.94
CA GLU D 127 2.15 4.23 10.40
C GLU D 127 2.07 4.46 11.91
N PHE D 128 0.88 4.26 12.47
CA PHE D 128 0.67 4.44 13.90
C PHE D 128 1.25 3.24 14.66
N PRO D 129 2.04 3.51 15.71
CA PRO D 129 2.67 2.47 16.52
C PRO D 129 1.77 1.79 17.55
N ALA D 130 1.73 0.46 17.51
CA ALA D 130 0.96 -0.32 18.48
C ALA D 130 1.87 -0.36 19.71
N VAL D 131 1.99 0.80 20.36
CA VAL D 131 2.84 0.99 21.53
C VAL D 131 2.10 0.82 22.86
N ALA D 132 2.79 0.26 23.85
CA ALA D 132 2.21 0.05 25.17
C ALA D 132 2.29 1.33 25.98
N ASP D 133 1.39 1.49 26.94
CA ASP D 133 1.39 2.65 27.80
C ASP D 133 2.64 2.54 28.69
N PHE D 134 3.28 3.68 28.93
CA PHE D 134 4.49 3.71 29.75
C PHE D 134 4.29 3.32 31.21
N ALA D 135 3.28 3.88 31.88
CA ALA D 135 3.04 3.54 33.27
C ALA D 135 2.81 2.03 33.40
N CYS D 136 1.92 1.49 32.58
CA CYS D 136 1.61 0.05 32.59
C CYS D 136 2.88 -0.77 32.41
N THR D 137 3.71 -0.33 31.48
CA THR D 137 4.94 -1.05 31.18
C THR D 137 5.93 -1.00 32.33
N THR D 138 6.00 0.14 33.01
CA THR D 138 6.91 0.28 34.14
C THR D 138 6.37 -0.53 35.33
N ALA D 139 5.05 -0.60 35.43
CA ALA D 139 4.42 -1.36 36.51
C ALA D 139 4.73 -2.84 36.33
N LEU D 140 4.66 -3.31 35.09
CA LEU D 140 4.94 -4.70 34.75
C LEU D 140 6.43 -5.00 34.91
N VAL D 141 7.28 -4.10 34.43
CA VAL D 141 8.73 -4.29 34.53
C VAL D 141 9.17 -4.34 36.00
N GLU D 142 8.59 -3.47 36.81
CA GLU D 142 8.93 -3.44 38.23
C GLU D 142 8.34 -4.65 38.97
N ALA D 143 7.12 -5.05 38.64
CA ALA D 143 6.54 -6.22 39.31
C ALA D 143 7.35 -7.47 38.97
N ALA D 144 7.91 -7.52 37.76
CA ALA D 144 8.70 -8.65 37.32
C ALA D 144 10.01 -8.79 38.11
N LYS D 145 10.65 -7.67 38.41
CA LYS D 145 11.91 -7.70 39.14
C LYS D 145 11.71 -7.94 40.63
N SER D 146 10.56 -7.50 41.15
CA SER D 146 10.27 -7.69 42.57
C SER D 146 10.12 -9.17 42.88
N ILE D 147 9.87 -9.96 41.84
CA ILE D 147 9.69 -11.40 41.96
C ILE D 147 10.99 -12.11 41.56
N GLY D 148 11.96 -11.32 41.13
CA GLY D 148 13.23 -11.88 40.72
C GLY D 148 13.19 -12.61 39.39
N ALA D 149 12.17 -12.33 38.59
CA ALA D 149 12.02 -12.96 37.27
C ALA D 149 13.07 -12.46 36.28
N THR D 150 13.43 -13.31 35.31
CA THR D 150 14.39 -12.94 34.27
C THR D 150 13.56 -12.31 33.16
N THR D 151 13.62 -10.98 33.05
CA THR D 151 12.82 -10.28 32.08
C THR D 151 13.47 -9.80 30.79
N HIS D 152 12.62 -9.58 29.80
CA HIS D 152 13.01 -9.09 28.48
C HIS D 152 11.93 -8.06 28.09
N VAL D 153 12.34 -6.81 27.96
CA VAL D 153 11.43 -5.73 27.60
C VAL D 153 11.71 -5.35 26.15
N GLY D 154 10.74 -5.58 25.27
CA GLY D 154 10.95 -5.26 23.87
C GLY D 154 9.77 -5.40 22.93
N VAL D 155 10.09 -5.60 21.66
CA VAL D 155 9.11 -5.73 20.58
C VAL D 155 8.61 -7.15 20.35
N THR D 156 7.29 -7.27 20.17
CA THR D 156 6.66 -8.56 19.94
C THR D 156 6.00 -8.53 18.57
N ALA D 157 5.89 -9.68 17.91
CA ALA D 157 5.23 -9.75 16.61
C ALA D 157 3.85 -10.33 16.88
N SER D 158 2.81 -9.58 16.53
CA SER D 158 1.43 -9.98 16.77
C SER D 158 0.73 -10.40 15.47
N SER D 159 0.58 -11.71 15.28
CA SER D 159 -0.04 -12.25 14.07
C SER D 159 -1.53 -12.62 14.13
N ASP D 160 -2.21 -12.52 13.00
CA ASP D 160 -3.63 -12.88 12.90
C ASP D 160 -3.79 -14.39 12.65
N THR D 161 -2.68 -15.11 12.56
CA THR D 161 -2.72 -16.55 12.36
C THR D 161 -1.72 -17.24 13.25
N PHE D 162 -2.06 -18.46 13.65
CA PHE D 162 -1.19 -19.26 14.47
C PHE D 162 -0.15 -19.95 13.57
N TYR D 163 -0.48 -20.13 12.30
CA TYR D 163 0.44 -20.82 11.39
C TYR D 163 1.23 -20.04 10.33
N PRO D 164 0.64 -19.76 9.16
CA PRO D 164 1.41 -19.03 8.14
C PRO D 164 2.08 -17.72 8.60
N GLY D 165 1.32 -16.89 9.33
CA GLY D 165 1.83 -15.61 9.81
C GLY D 165 2.99 -15.74 10.76
N GLN D 166 3.18 -16.95 11.30
CA GLN D 166 4.27 -17.24 12.22
C GLN D 166 5.23 -18.19 11.52
N GLU D 167 5.14 -18.13 10.20
CA GLU D 167 5.95 -18.94 9.29
C GLU D 167 6.06 -20.40 9.69
N ARG D 168 4.89 -21.04 9.84
CA ARG D 168 4.83 -22.45 10.18
C ARG D 168 4.55 -23.22 8.89
N TYR D 169 5.36 -24.23 8.61
CA TYR D 169 5.18 -25.04 7.40
C TYR D 169 4.63 -26.43 7.72
N ASP D 170 4.49 -26.77 8.99
CA ASP D 170 3.96 -28.07 9.37
C ASP D 170 2.44 -28.01 9.33
N THR D 171 1.93 -27.59 8.18
CA THR D 171 0.50 -27.44 8.00
C THR D 171 -0.03 -28.27 6.84
N TYR D 172 -1.35 -28.24 6.66
CA TYR D 172 -2.01 -28.97 5.60
C TYR D 172 -1.48 -28.70 4.18
N SER D 173 -1.20 -27.44 3.87
CA SER D 173 -0.71 -27.06 2.54
C SER D 173 0.81 -27.04 2.43
N GLY D 174 1.49 -26.90 3.56
CA GLY D 174 2.93 -26.86 3.56
C GLY D 174 3.48 -25.57 2.98
N ARG D 175 2.60 -24.70 2.46
CA ARG D 175 3.04 -23.44 1.88
C ARG D 175 2.77 -22.21 2.76
N VAL D 176 3.56 -21.17 2.56
CA VAL D 176 3.42 -19.92 3.28
C VAL D 176 3.49 -18.81 2.25
N VAL D 177 2.43 -18.00 2.17
CA VAL D 177 2.35 -16.90 1.23
C VAL D 177 3.61 -16.03 1.25
N ARG D 178 4.01 -15.58 0.05
CA ARG D 178 5.19 -14.74 -0.15
C ARG D 178 5.45 -13.74 0.98
N ARG D 179 4.46 -12.93 1.29
CA ARG D 179 4.60 -11.91 2.33
C ARG D 179 5.30 -12.41 3.59
N PHE D 180 5.01 -13.64 4.01
CA PHE D 180 5.65 -14.18 5.22
C PHE D 180 6.81 -15.15 5.02
N LYS D 181 7.19 -15.41 3.77
CA LYS D 181 8.31 -16.32 3.50
C LYS D 181 9.60 -15.66 3.97
N GLY D 182 10.34 -16.37 4.82
CA GLY D 182 11.59 -15.83 5.33
C GLY D 182 11.35 -14.67 6.30
N SER D 183 10.11 -14.53 6.76
CA SER D 183 9.73 -13.45 7.67
C SER D 183 10.21 -13.63 9.12
N MET D 184 10.20 -14.86 9.62
CA MET D 184 10.64 -15.11 10.99
C MET D 184 12.09 -14.72 11.23
N GLU D 185 12.98 -15.05 10.29
CA GLU D 185 14.38 -14.70 10.45
C GLU D 185 14.61 -13.19 10.43
N GLU D 186 13.76 -12.47 9.70
CA GLU D 186 13.87 -11.02 9.62
C GLU D 186 13.42 -10.39 10.93
N TRP D 187 12.41 -10.96 11.55
CA TRP D 187 11.92 -10.45 12.82
C TRP D 187 13.02 -10.64 13.85
N GLN D 188 13.68 -11.80 13.80
CA GLN D 188 14.77 -12.10 14.72
C GLN D 188 15.90 -11.08 14.51
N ALA D 189 16.31 -10.90 13.26
CA ALA D 189 17.36 -9.95 12.93
C ALA D 189 16.99 -8.55 13.39
N MET D 190 15.68 -8.29 13.51
CA MET D 190 15.22 -6.99 13.95
C MET D 190 14.99 -6.93 15.46
N GLY D 191 15.31 -8.02 16.16
CA GLY D 191 15.18 -8.03 17.61
C GLY D 191 13.84 -8.35 18.24
N VAL D 192 12.87 -8.78 17.43
CA VAL D 192 11.54 -9.12 17.94
C VAL D 192 11.67 -10.34 18.87
N MET D 193 11.08 -10.25 20.06
CA MET D 193 11.17 -11.33 21.03
C MET D 193 10.30 -12.55 20.78
N ASN D 194 9.05 -12.34 20.40
CA ASN D 194 8.15 -13.47 20.23
C ASN D 194 7.00 -13.23 19.26
N TYR D 195 6.09 -14.21 19.24
CA TYR D 195 4.89 -14.18 18.42
C TYR D 195 3.69 -14.36 19.36
N GLU D 196 2.59 -13.68 19.05
CA GLU D 196 1.38 -13.80 19.82
C GLU D 196 0.27 -13.34 18.88
N MET D 197 -0.99 -13.34 19.33
CA MET D 197 -2.08 -12.99 18.43
C MET D 197 -3.10 -11.93 18.87
N GLU D 198 -2.77 -11.08 19.83
CA GLU D 198 -3.75 -10.08 20.25
C GLU D 198 -3.17 -8.70 20.60
N SER D 199 -1.87 -8.60 20.80
CA SER D 199 -1.27 -7.33 21.22
C SER D 199 -1.30 -6.17 20.22
N ALA D 200 -1.32 -6.47 18.93
CA ALA D 200 -1.36 -5.42 17.93
C ALA D 200 -2.68 -4.65 18.07
N THR D 201 -3.77 -5.40 18.16
CA THR D 201 -5.11 -4.82 18.32
C THR D 201 -5.21 -4.12 19.66
N LEU D 202 -4.96 -4.86 20.73
CA LEU D 202 -5.03 -4.30 22.07
C LEU D 202 -4.26 -2.98 22.20
N LEU D 203 -2.99 -3.01 21.83
CA LEU D 203 -2.13 -1.84 21.94
C LEU D 203 -2.49 -0.67 21.02
N THR D 204 -2.95 -0.97 19.79
CA THR D 204 -3.31 0.06 18.84
C THR D 204 -4.65 0.69 19.20
N MET D 205 -5.58 -0.14 19.67
CA MET D 205 -6.91 0.31 20.07
C MET D 205 -6.82 1.36 21.17
N CYS D 206 -6.14 0.99 22.24
CA CYS D 206 -5.97 1.83 23.41
C CYS D 206 -5.11 3.05 23.15
N ALA D 207 -3.93 2.84 22.59
CA ALA D 207 -3.02 3.93 22.33
C ALA D 207 -3.62 5.03 21.46
N SER D 208 -4.59 4.66 20.62
CA SER D 208 -5.21 5.63 19.73
C SER D 208 -6.61 6.09 20.14
N GLN D 209 -7.03 5.74 21.35
CA GLN D 209 -8.33 6.13 21.88
C GLN D 209 -8.28 6.59 23.34
N GLY D 210 -7.10 6.97 23.80
CA GLY D 210 -6.94 7.44 25.16
C GLY D 210 -7.09 6.42 26.27
N LEU D 211 -6.66 5.19 26.03
CA LEU D 211 -6.75 4.14 27.04
C LEU D 211 -5.33 3.68 27.35
N ARG D 212 -5.11 3.10 28.53
CA ARG D 212 -3.79 2.61 28.89
C ARG D 212 -3.73 1.10 28.76
N ALA D 213 -2.68 0.59 28.12
CA ALA D 213 -2.55 -0.85 27.95
C ALA D 213 -1.11 -1.31 28.01
N GLY D 214 -0.93 -2.54 28.46
CA GLY D 214 0.40 -3.13 28.56
C GLY D 214 0.24 -4.62 28.42
N MET D 215 1.35 -5.33 28.24
CA MET D 215 1.28 -6.78 28.14
C MET D 215 2.54 -7.45 28.70
N VAL D 216 2.31 -8.57 29.38
CA VAL D 216 3.36 -9.38 29.99
C VAL D 216 3.04 -10.82 29.64
N ALA D 217 4.07 -11.62 29.40
CA ALA D 217 3.85 -13.02 29.05
C ALA D 217 4.98 -13.91 29.54
N GLY D 218 4.66 -15.16 29.83
CA GLY D 218 5.67 -16.11 30.27
C GLY D 218 6.08 -16.95 29.08
N VAL D 219 7.36 -17.25 28.94
CA VAL D 219 7.78 -18.07 27.79
C VAL D 219 7.67 -19.54 28.17
N ILE D 220 6.84 -20.29 27.46
CA ILE D 220 6.69 -21.72 27.77
C ILE D 220 7.25 -22.64 26.68
N VAL D 221 8.00 -22.07 25.74
CA VAL D 221 8.62 -22.86 24.68
C VAL D 221 9.40 -21.98 23.70
N ASN D 222 10.58 -22.41 23.31
CA ASN D 222 11.38 -21.62 22.39
C ASN D 222 11.56 -22.34 21.06
N ARG D 223 10.93 -21.81 20.02
CA ARG D 223 10.99 -22.39 18.68
C ARG D 223 12.38 -22.74 18.17
N THR D 224 13.30 -21.78 18.21
CA THR D 224 14.65 -22.01 17.72
C THR D 224 15.26 -23.35 18.13
N GLN D 225 14.95 -23.81 19.34
CA GLN D 225 15.48 -25.09 19.82
C GLN D 225 14.42 -26.10 20.25
N ALA D 231 6.11 -29.98 31.49
CA ALA D 231 4.68 -29.95 31.77
C ALA D 231 4.48 -29.03 32.96
N GLU D 232 4.83 -29.52 34.14
CA GLU D 232 4.70 -28.76 35.38
C GLU D 232 5.65 -27.56 35.43
N THR D 233 6.57 -27.45 34.47
CA THR D 233 7.49 -26.32 34.42
C THR D 233 6.73 -25.13 33.86
N MET D 234 5.90 -25.39 32.87
CA MET D 234 5.07 -24.37 32.25
C MET D 234 4.13 -23.88 33.34
N LYS D 235 3.70 -24.82 34.17
CA LYS D 235 2.80 -24.56 35.29
C LYS D 235 3.30 -23.33 36.08
N GLN D 236 4.53 -23.42 36.56
CA GLN D 236 5.13 -22.34 37.33
C GLN D 236 5.37 -21.07 36.52
N THR D 237 5.61 -21.20 35.22
CA THR D 237 5.84 -20.04 34.37
C THR D 237 4.59 -19.16 34.28
N GLU D 238 3.43 -19.79 34.19
CA GLU D 238 2.17 -19.05 34.12
C GLU D 238 1.81 -18.50 35.49
N SER D 239 2.19 -19.24 36.53
CA SER D 239 1.90 -18.84 37.91
C SER D 239 2.67 -17.56 38.25
N HIS D 240 3.87 -17.43 37.68
CA HIS D 240 4.71 -16.26 37.92
C HIS D 240 4.25 -15.09 37.04
N ALA D 241 3.88 -15.39 35.80
CA ALA D 241 3.40 -14.36 34.90
C ALA D 241 2.15 -13.76 35.52
N VAL D 242 1.23 -14.61 35.95
CA VAL D 242 0.00 -14.13 36.59
C VAL D 242 0.35 -13.32 37.83
N LYS D 243 1.38 -13.77 38.55
CA LYS D 243 1.83 -13.08 39.75
C LYS D 243 2.30 -11.69 39.35
N ILE D 244 3.05 -11.63 38.26
CA ILE D 244 3.59 -10.38 37.76
C ILE D 244 2.51 -9.38 37.42
N VAL D 245 1.47 -9.83 36.73
CA VAL D 245 0.40 -8.93 36.31
C VAL D 245 -0.49 -8.40 37.43
N VAL D 246 -0.77 -9.25 38.42
CA VAL D 246 -1.61 -8.83 39.52
C VAL D 246 -0.87 -7.79 40.36
N GLU D 247 0.44 -7.99 40.52
CA GLU D 247 1.25 -7.03 41.28
C GLU D 247 1.39 -5.72 40.50
N ALA D 248 1.54 -5.81 39.19
CA ALA D 248 1.67 -4.60 38.38
C ALA D 248 0.35 -3.83 38.49
N ALA D 249 -0.74 -4.59 38.56
CA ALA D 249 -2.06 -4.00 38.67
C ALA D 249 -2.19 -3.13 39.92
N ARG D 250 -1.63 -3.60 41.04
CA ARG D 250 -1.71 -2.85 42.30
C ARG D 250 -1.16 -1.44 42.19
N ARG D 251 -0.08 -1.29 41.42
CA ARG D 251 0.56 0.00 41.22
C ARG D 251 -0.23 0.92 40.31
N LEU D 252 -1.12 0.35 39.51
CA LEU D 252 -1.91 1.13 38.55
C LEU D 252 -3.36 1.43 38.94
N LEU D 253 -3.67 1.41 40.23
CA LEU D 253 -5.04 1.64 40.69
C LEU D 253 -5.35 3.11 40.92
N SER E 4 14.21 38.21 9.34
CA SER E 4 13.94 36.97 8.56
C SER E 4 12.46 36.81 8.28
N ASP E 5 12.10 36.43 7.05
CA ASP E 5 10.71 36.24 6.68
C ASP E 5 10.34 34.75 6.66
N VAL E 6 11.33 33.90 6.90
CA VAL E 6 11.13 32.45 6.94
C VAL E 6 11.66 31.93 8.27
N PHE E 7 11.09 30.85 8.78
CA PHE E 7 11.52 30.35 10.07
C PHE E 7 12.89 29.65 10.15
N HIS E 8 13.38 29.09 9.04
CA HIS E 8 14.65 28.37 9.08
C HIS E 8 15.90 29.01 8.44
N LEU E 9 15.74 29.59 7.25
CA LEU E 9 16.85 30.16 6.53
C LEU E 9 17.50 31.41 7.11
N GLY E 10 16.72 32.28 7.73
CA GLY E 10 17.30 33.49 8.30
C GLY E 10 17.55 34.52 7.20
N LEU E 11 16.65 34.54 6.22
CA LEU E 11 16.74 35.47 5.11
C LEU E 11 15.45 36.26 4.97
N THR E 12 15.56 37.49 4.47
CA THR E 12 14.41 38.36 4.25
C THR E 12 14.21 38.41 2.74
N LYS E 13 13.02 38.80 2.28
CA LYS E 13 12.78 38.86 0.84
C LYS E 13 13.77 39.79 0.16
N ASN E 14 14.17 40.85 0.86
CA ASN E 14 15.11 41.81 0.30
C ASN E 14 16.51 41.24 0.14
N ASP E 15 16.88 40.27 0.97
CA ASP E 15 18.20 39.65 0.89
C ASP E 15 18.41 39.02 -0.48
N LEU E 16 17.32 38.53 -1.07
CA LEU E 16 17.38 37.90 -2.39
C LEU E 16 17.61 38.94 -3.48
N GLN E 17 17.29 40.19 -3.16
CA GLN E 17 17.49 41.29 -4.10
C GLN E 17 16.78 41.04 -5.43
N GLY E 18 15.65 40.35 -5.39
CA GLY E 18 14.89 40.07 -6.60
C GLY E 18 15.26 38.77 -7.31
N ALA E 19 16.09 37.95 -6.68
CA ALA E 19 16.50 36.67 -7.26
C ALA E 19 15.28 35.80 -7.54
N GLN E 20 15.33 35.01 -8.60
CA GLN E 20 14.21 34.14 -8.91
C GLN E 20 14.68 32.73 -9.22
N LEU E 21 15.98 32.53 -9.07
CA LEU E 21 16.60 31.23 -9.31
C LEU E 21 17.59 30.95 -8.19
N ALA E 22 17.83 29.68 -7.92
CA ALA E 22 18.78 29.30 -6.88
C ALA E 22 19.46 27.97 -7.19
N ILE E 23 20.76 27.94 -6.94
CA ILE E 23 21.53 26.73 -7.11
C ILE E 23 21.48 26.21 -5.67
N VAL E 24 21.03 24.98 -5.50
CA VAL E 24 20.93 24.39 -4.17
C VAL E 24 21.77 23.14 -4.01
N PRO E 25 23.02 23.29 -3.54
CA PRO E 25 23.89 22.14 -3.35
C PRO E 25 23.50 21.50 -2.03
N GLY E 26 24.00 20.30 -1.76
CA GLY E 26 23.66 19.63 -0.50
C GLY E 26 24.50 20.07 0.68
N ASP E 27 25.81 20.23 0.47
CA ASP E 27 26.77 20.62 1.50
C ASP E 27 26.91 22.15 1.63
N PRO E 28 26.66 22.70 2.83
CA PRO E 28 26.75 24.14 3.10
C PRO E 28 28.16 24.74 2.96
N GLU E 29 29.17 23.88 3.05
CA GLU E 29 30.55 24.32 2.94
C GLU E 29 30.97 24.49 1.50
N ARG E 30 30.09 24.10 0.57
CA ARG E 30 30.39 24.21 -0.85
C ARG E 30 29.68 25.40 -1.48
N VAL E 31 28.82 26.05 -0.70
CA VAL E 31 28.05 27.20 -1.16
C VAL E 31 28.87 28.41 -1.57
N GLU E 32 29.93 28.69 -0.81
CA GLU E 32 30.77 29.82 -1.15
C GLU E 32 31.51 29.59 -2.46
N LYS E 33 32.05 28.40 -2.65
CA LYS E 33 32.77 28.07 -3.87
C LYS E 33 31.93 28.42 -5.08
N ILE E 34 30.70 27.93 -5.10
CA ILE E 34 29.79 28.17 -6.21
C ILE E 34 29.51 29.66 -6.42
N ALA E 35 29.21 30.38 -5.35
CA ALA E 35 28.94 31.80 -5.46
C ALA E 35 30.20 32.48 -5.99
N ALA E 36 31.35 31.91 -5.65
CA ALA E 36 32.64 32.44 -6.07
C ALA E 36 32.83 32.48 -7.58
N LEU E 37 31.97 31.77 -8.32
CA LEU E 37 32.08 31.73 -9.78
C LEU E 37 31.26 32.80 -10.47
N MET E 38 30.45 33.51 -9.71
CA MET E 38 29.62 34.55 -10.27
C MET E 38 30.09 35.93 -9.78
N ASP E 39 29.28 36.96 -9.95
CA ASP E 39 29.71 38.30 -9.53
C ASP E 39 29.04 38.84 -8.27
N LYS E 40 29.67 39.83 -7.65
CA LYS E 40 29.15 40.45 -6.43
C LYS E 40 28.66 39.40 -5.44
N PRO E 41 29.49 38.35 -5.19
CA PRO E 41 29.14 37.28 -4.25
C PRO E 41 29.13 37.77 -2.80
N VAL E 42 27.97 37.67 -2.15
CA VAL E 42 27.83 38.12 -0.78
C VAL E 42 27.19 37.06 0.10
N LYS E 43 27.80 36.81 1.26
CA LYS E 43 27.27 35.84 2.21
C LYS E 43 26.03 36.48 2.83
N LEU E 44 24.95 35.73 2.94
CA LEU E 44 23.74 36.29 3.51
C LEU E 44 23.49 35.78 4.93
N ALA E 45 23.51 34.46 5.10
CA ALA E 45 23.26 33.92 6.43
C ALA E 45 23.66 32.47 6.53
N SER E 46 23.67 31.96 7.75
CA SER E 46 23.99 30.57 7.98
C SER E 46 23.32 30.06 9.24
N HIS E 47 22.30 29.23 9.05
CA HIS E 47 21.56 28.64 10.15
C HIS E 47 21.38 27.17 9.85
N ARG E 48 21.68 26.33 10.83
CA ARG E 48 21.52 24.92 10.63
C ARG E 48 22.31 24.52 9.38
N GLU E 49 21.71 23.63 8.61
CA GLU E 49 22.30 23.10 7.39
C GLU E 49 22.08 24.01 6.19
N PHE E 50 21.53 25.20 6.43
CA PHE E 50 21.25 26.11 5.33
C PHE E 50 22.10 27.36 5.31
N THR E 51 23.20 27.31 4.57
CA THR E 51 24.07 28.48 4.44
C THR E 51 23.73 29.06 3.08
N SER E 52 23.54 30.37 3.01
CA SER E 52 23.17 30.99 1.75
C SER E 52 23.99 32.21 1.35
N TRP E 53 24.23 32.32 0.05
CA TRP E 53 24.98 33.43 -0.51
C TRP E 53 24.15 33.97 -1.67
N ARG E 54 24.33 35.25 -1.98
CA ARG E 54 23.64 35.87 -3.09
C ARG E 54 24.75 36.25 -4.04
N ALA E 55 24.47 36.27 -5.33
CA ALA E 55 25.47 36.63 -6.31
C ALA E 55 24.78 37.21 -7.52
N GLU E 56 25.57 37.68 -8.48
CA GLU E 56 25.01 38.27 -9.67
C GLU E 56 25.51 37.51 -10.89
N LEU E 57 24.59 37.17 -11.77
CA LEU E 57 24.93 36.46 -12.99
C LEU E 57 24.23 37.20 -14.12
N ASP E 58 24.99 37.58 -15.16
CA ASP E 58 24.41 38.31 -16.28
C ASP E 58 23.65 39.55 -15.82
N GLY E 59 24.10 40.12 -14.69
CA GLY E 59 23.46 41.31 -14.16
C GLY E 59 22.20 41.07 -13.36
N LYS E 60 21.86 39.80 -13.12
CA LYS E 60 20.67 39.46 -12.35
C LYS E 60 21.01 38.68 -11.09
N ALA E 61 20.28 38.95 -10.02
CA ALA E 61 20.52 38.29 -8.74
C ALA E 61 20.29 36.78 -8.78
N VAL E 62 21.16 36.05 -8.10
CA VAL E 62 21.05 34.60 -8.02
C VAL E 62 21.38 34.19 -6.58
N ILE E 63 20.69 33.18 -6.08
CA ILE E 63 20.92 32.71 -4.72
C ILE E 63 21.58 31.34 -4.74
N VAL E 64 22.50 31.11 -3.81
CA VAL E 64 23.13 29.81 -3.67
C VAL E 64 22.76 29.39 -2.24
N CYS E 65 22.06 28.27 -2.10
CA CYS E 65 21.64 27.81 -0.78
C CYS E 65 21.79 26.30 -0.56
N SER E 66 22.47 25.92 0.51
CA SER E 66 22.66 24.52 0.81
C SER E 66 21.35 23.96 1.34
N THR E 67 21.08 22.71 1.03
CA THR E 67 19.84 22.07 1.46
C THR E 67 20.05 21.11 2.62
N GLY E 68 21.25 20.54 2.70
CA GLY E 68 21.53 19.56 3.72
C GLY E 68 21.27 18.21 3.10
N ILE E 69 21.39 17.14 3.88
CA ILE E 69 21.16 15.81 3.34
C ILE E 69 19.71 15.38 3.48
N GLY E 70 19.13 14.90 2.38
CA GLY E 70 17.76 14.40 2.40
C GLY E 70 16.62 15.32 2.00
N GLY E 71 15.48 14.71 1.67
CA GLY E 71 14.31 15.45 1.28
C GLY E 71 13.70 16.31 2.37
N PRO E 72 13.68 15.85 3.64
CA PRO E 72 13.10 16.70 4.68
C PRO E 72 13.78 18.07 4.76
N SER E 73 15.10 18.07 4.89
CA SER E 73 15.86 19.30 4.95
C SER E 73 15.69 20.10 3.64
N THR E 74 15.68 19.39 2.51
CA THR E 74 15.52 20.02 1.20
C THR E 74 14.12 20.65 1.03
N SER E 75 13.10 19.91 1.48
CA SER E 75 11.72 20.38 1.40
C SER E 75 11.56 21.72 2.16
N ILE E 76 12.32 21.88 3.24
CA ILE E 76 12.23 23.13 4.01
C ILE E 76 12.88 24.28 3.24
N ALA E 77 14.12 24.08 2.80
CA ALA E 77 14.84 25.10 2.03
C ALA E 77 14.08 25.56 0.78
N VAL E 78 13.52 24.60 0.05
CA VAL E 78 12.78 24.89 -1.17
C VAL E 78 11.49 25.67 -0.89
N GLU E 79 10.81 25.31 0.18
CA GLU E 79 9.55 25.96 0.53
C GLU E 79 9.77 27.41 0.94
N GLU E 80 10.77 27.63 1.79
CA GLU E 80 11.06 28.95 2.29
C GLU E 80 11.69 29.82 1.21
N LEU E 81 12.53 29.22 0.37
CA LEU E 81 13.13 29.94 -0.74
C LEU E 81 12.02 30.30 -1.73
N ALA E 82 11.02 29.43 -1.85
CA ALA E 82 9.90 29.70 -2.77
C ALA E 82 9.05 30.83 -2.17
N GLN E 83 8.95 30.83 -0.85
CA GLN E 83 8.21 31.86 -0.14
C GLN E 83 8.87 33.22 -0.38
N LEU E 84 10.20 33.23 -0.55
CA LEU E 84 10.94 34.47 -0.79
C LEU E 84 10.99 34.88 -2.26
N GLY E 85 10.38 34.08 -3.13
CA GLY E 85 10.35 34.41 -4.54
C GLY E 85 11.02 33.49 -5.55
N ILE E 86 11.93 32.61 -5.12
CA ILE E 86 12.61 31.71 -6.06
C ILE E 86 11.56 30.82 -6.74
N ARG E 87 11.67 30.69 -8.06
CA ARG E 87 10.73 29.89 -8.84
C ARG E 87 11.48 28.83 -9.66
N THR E 88 12.81 28.92 -9.65
CA THR E 88 13.64 27.95 -10.37
C THR E 88 14.70 27.43 -9.42
N PHE E 89 14.81 26.10 -9.32
CA PHE E 89 15.79 25.49 -8.44
C PHE E 89 16.69 24.56 -9.20
N LEU E 90 17.99 24.82 -9.16
CA LEU E 90 18.95 23.95 -9.83
C LEU E 90 19.77 23.27 -8.75
N ARG E 91 19.63 21.95 -8.68
CA ARG E 91 20.39 21.21 -7.69
C ARG E 91 21.68 20.71 -8.29
N ILE E 92 22.74 20.79 -7.50
CA ILE E 92 24.05 20.31 -7.90
C ILE E 92 24.56 19.42 -6.76
N GLY E 93 24.79 18.15 -7.05
CA GLY E 93 25.28 17.27 -6.02
C GLY E 93 26.38 16.32 -6.46
N THR E 94 26.67 15.34 -5.61
CA THR E 94 27.67 14.30 -5.86
C THR E 94 26.83 13.02 -6.01
N THR E 95 27.43 11.93 -6.44
CA THR E 95 26.64 10.72 -6.62
C THR E 95 27.45 9.47 -6.95
N GLY E 96 26.78 8.32 -6.79
CA GLY E 96 27.40 7.05 -7.09
C GLY E 96 26.68 6.40 -8.25
N ALA E 97 27.38 6.29 -9.36
CA ALA E 97 26.83 5.68 -10.56
C ALA E 97 26.65 4.18 -10.33
N ILE E 98 25.60 3.59 -10.87
CA ILE E 98 25.39 2.14 -10.70
C ILE E 98 25.36 1.43 -12.05
N GLN E 99 25.88 2.11 -13.06
CA GLN E 99 25.98 1.56 -14.40
C GLN E 99 27.46 1.40 -14.67
N PRO E 100 27.89 0.21 -15.09
CA PRO E 100 29.30 -0.06 -15.36
C PRO E 100 29.96 0.80 -16.46
N HIS E 101 29.14 1.42 -17.31
CA HIS E 101 29.70 2.25 -18.37
C HIS E 101 29.83 3.73 -17.99
N ILE E 102 29.42 4.06 -16.78
CA ILE E 102 29.52 5.44 -16.28
C ILE E 102 30.77 5.50 -15.40
N ASN E 103 31.66 6.43 -15.72
CA ASN E 103 32.93 6.57 -15.00
C ASN E 103 32.96 7.66 -13.97
N VAL E 104 33.94 7.58 -13.07
CA VAL E 104 34.08 8.62 -12.05
C VAL E 104 34.57 9.88 -12.75
N GLY E 105 33.94 11.00 -12.45
CA GLY E 105 34.33 12.25 -13.09
C GLY E 105 33.33 12.66 -14.14
N ASP E 106 32.44 11.74 -14.51
CA ASP E 106 31.40 11.99 -15.50
C ASP E 106 30.28 12.81 -14.84
N VAL E 107 29.49 13.50 -15.64
CA VAL E 107 28.37 14.28 -15.11
C VAL E 107 27.07 13.59 -15.49
N LEU E 108 26.03 13.79 -14.68
CA LEU E 108 24.73 13.16 -14.95
C LEU E 108 23.59 14.15 -14.78
N VAL E 109 22.67 14.15 -15.74
CA VAL E 109 21.53 15.03 -15.65
C VAL E 109 20.29 14.15 -15.49
N THR E 110 19.52 14.41 -14.44
CA THR E 110 18.32 13.63 -14.17
C THR E 110 17.08 14.17 -14.87
N THR E 111 16.32 13.27 -15.48
CA THR E 111 15.08 13.62 -16.16
C THR E 111 13.97 13.41 -15.13
N ALA E 112 14.04 12.26 -14.45
CA ALA E 112 13.08 11.93 -13.41
C ALA E 112 13.77 10.97 -12.44
N SER E 113 13.25 10.85 -11.23
CA SER E 113 13.87 9.96 -10.25
C SER E 113 12.98 8.87 -9.70
N VAL E 114 13.62 7.81 -9.21
CA VAL E 114 12.90 6.73 -8.58
C VAL E 114 12.64 7.30 -7.17
N ARG E 115 11.39 7.35 -6.74
CA ARG E 115 11.05 7.91 -5.44
C ARG E 115 11.24 6.94 -4.24
N LEU E 116 12.50 6.73 -3.86
CA LEU E 116 12.80 5.86 -2.73
C LEU E 116 12.90 6.71 -1.45
N ASP E 117 12.05 7.72 -1.38
CA ASP E 117 12.04 8.63 -0.24
C ASP E 117 10.66 8.68 0.42
N GLY E 118 10.42 9.76 1.17
CA GLY E 118 9.15 9.91 1.86
C GLY E 118 8.57 11.32 1.86
N ALA E 119 9.44 12.34 1.81
CA ALA E 119 8.96 13.71 1.80
C ALA E 119 8.16 13.95 0.53
N SER E 120 8.56 13.31 -0.56
CA SER E 120 7.88 13.48 -1.84
C SER E 120 6.41 13.07 -1.72
N LEU E 121 6.12 12.21 -0.74
CA LEU E 121 4.76 11.76 -0.54
C LEU E 121 3.95 12.83 0.17
N HIS E 122 4.63 13.87 0.64
CA HIS E 122 3.92 14.92 1.32
C HIS E 122 3.46 15.99 0.35
N PHE E 123 3.74 15.76 -0.94
CA PHE E 123 3.33 16.70 -1.98
C PHE E 123 2.50 16.01 -3.06
N ALA E 124 2.70 14.71 -3.23
CA ALA E 124 1.94 14.00 -4.25
C ALA E 124 1.97 12.51 -4.07
N PRO E 125 0.85 11.83 -4.38
CA PRO E 125 0.77 10.38 -4.26
C PRO E 125 1.91 9.78 -5.07
N MET E 126 2.19 8.50 -4.84
CA MET E 126 3.30 7.81 -5.50
C MET E 126 3.09 7.60 -7.00
N GLU E 127 1.88 7.84 -7.48
CA GLU E 127 1.61 7.67 -8.90
C GLU E 127 2.27 8.84 -9.63
N PHE E 128 2.21 10.02 -9.02
CA PHE E 128 2.79 11.20 -9.61
C PHE E 128 4.29 11.03 -9.87
N PRO E 129 4.76 11.50 -11.02
CA PRO E 129 6.19 11.37 -11.37
C PRO E 129 7.08 12.48 -10.81
N ALA E 130 8.28 12.10 -10.39
CA ALA E 130 9.25 13.05 -9.85
C ALA E 130 10.11 13.42 -11.04
N VAL E 131 9.53 14.22 -11.95
CA VAL E 131 10.23 14.64 -13.16
C VAL E 131 10.76 16.06 -13.12
N ALA E 132 11.96 16.25 -13.69
CA ALA E 132 12.58 17.56 -13.73
C ALA E 132 11.83 18.43 -14.74
N ASP E 133 12.06 19.74 -14.68
CA ASP E 133 11.43 20.67 -15.63
C ASP E 133 12.15 20.58 -16.98
N PHE E 134 11.41 20.67 -18.08
CA PHE E 134 12.05 20.56 -19.39
C PHE E 134 13.12 21.63 -19.66
N ALA E 135 12.76 22.91 -19.53
CA ALA E 135 13.72 23.97 -19.76
C ALA E 135 14.95 23.83 -18.83
N CYS E 136 14.76 23.32 -17.63
CA CYS E 136 15.88 23.14 -16.69
C CYS E 136 16.78 21.99 -17.12
N THR E 137 16.20 20.89 -17.58
CA THR E 137 16.98 19.75 -18.04
C THR E 137 17.76 20.18 -19.27
N THR E 138 17.09 20.90 -20.16
CA THR E 138 17.73 21.36 -21.38
C THR E 138 18.93 22.26 -21.09
N ALA E 139 18.76 23.24 -20.22
CA ALA E 139 19.85 24.15 -19.88
C ALA E 139 21.05 23.31 -19.43
N LEU E 140 20.80 22.37 -18.53
CA LEU E 140 21.84 21.48 -18.03
C LEU E 140 22.50 20.68 -19.16
N VAL E 141 21.70 20.01 -19.97
CA VAL E 141 22.26 19.25 -21.08
C VAL E 141 23.10 20.23 -21.93
N GLU E 142 22.53 21.40 -22.21
CA GLU E 142 23.23 22.42 -23.00
C GLU E 142 24.57 22.81 -22.35
N ALA E 143 24.52 23.23 -21.09
CA ALA E 143 25.72 23.64 -20.35
C ALA E 143 26.79 22.53 -20.32
N ALA E 144 26.37 21.27 -20.24
CA ALA E 144 27.33 20.17 -20.23
C ALA E 144 28.14 20.22 -21.54
N LYS E 145 27.47 20.52 -22.65
CA LYS E 145 28.14 20.59 -23.94
C LYS E 145 29.19 21.72 -23.98
N SER E 146 28.79 22.89 -23.49
CA SER E 146 29.68 24.05 -23.48
C SER E 146 30.90 23.85 -22.58
N ILE E 147 30.66 23.36 -21.37
CA ILE E 147 31.76 23.13 -20.43
C ILE E 147 32.59 21.93 -20.87
N GLY E 148 31.98 21.06 -21.68
CA GLY E 148 32.68 19.88 -22.16
C GLY E 148 32.92 18.87 -21.05
N ALA E 149 32.05 17.86 -20.98
CA ALA E 149 32.15 16.82 -19.95
C ALA E 149 31.44 15.55 -20.40
N THR E 150 31.89 14.41 -19.89
CA THR E 150 31.27 13.13 -20.24
C THR E 150 29.90 13.10 -19.56
N THR E 151 28.87 13.44 -20.31
CA THR E 151 27.52 13.52 -19.77
C THR E 151 26.59 12.35 -20.14
N HIS E 152 25.66 12.07 -19.21
CA HIS E 152 24.67 11.02 -19.34
C HIS E 152 23.35 11.58 -18.83
N VAL E 153 22.29 11.43 -19.62
CA VAL E 153 20.97 11.93 -19.26
C VAL E 153 19.99 10.80 -19.01
N GLY E 154 19.51 10.68 -17.78
CA GLY E 154 18.58 9.60 -17.49
C GLY E 154 17.88 9.62 -16.14
N VAL E 155 17.46 8.43 -15.71
CA VAL E 155 16.74 8.21 -14.45
C VAL E 155 17.69 8.05 -13.26
N THR E 156 17.32 8.67 -12.14
CA THR E 156 18.12 8.60 -10.93
C THR E 156 17.29 8.07 -9.76
N ALA E 157 17.89 7.21 -8.92
CA ALA E 157 17.20 6.67 -7.74
C ALA E 157 17.47 7.59 -6.57
N SER E 158 16.42 8.15 -5.97
CA SER E 158 16.58 9.06 -4.86
C SER E 158 16.24 8.32 -3.56
N SER E 159 17.24 8.15 -2.71
CA SER E 159 17.07 7.42 -1.47
C SER E 159 17.07 8.24 -0.17
N ASP E 160 16.23 7.84 0.78
CA ASP E 160 16.17 8.51 2.07
C ASP E 160 17.33 8.11 2.96
N THR E 161 18.03 7.04 2.62
CA THR E 161 19.21 6.64 3.39
C THR E 161 20.42 6.48 2.47
N PHE E 162 21.59 6.61 3.05
CA PHE E 162 22.85 6.48 2.33
C PHE E 162 23.33 5.03 2.39
N TYR E 163 22.82 4.26 3.34
CA TYR E 163 23.28 2.89 3.49
C TYR E 163 22.37 1.75 3.04
N PRO E 164 21.25 1.49 3.74
CA PRO E 164 20.41 0.36 3.28
C PRO E 164 19.63 0.66 1.99
N GLY E 165 19.20 1.91 1.83
CA GLY E 165 18.45 2.30 0.64
C GLY E 165 19.27 2.23 -0.63
N GLN E 166 20.59 2.30 -0.50
CA GLN E 166 21.52 2.23 -1.62
C GLN E 166 22.21 0.87 -1.59
N GLU E 167 21.55 -0.03 -0.86
CA GLU E 167 22.00 -1.39 -0.64
C GLU E 167 23.50 -1.55 -0.36
N ARG E 168 23.96 -0.86 0.69
CA ARG E 168 25.34 -0.94 1.15
C ARG E 168 25.29 -1.94 2.30
N TYR E 169 26.29 -2.80 2.42
CA TYR E 169 26.29 -3.79 3.50
C TYR E 169 27.31 -3.55 4.61
N ASP E 170 28.40 -2.84 4.30
CA ASP E 170 29.42 -2.55 5.29
C ASP E 170 28.92 -1.51 6.29
N THR E 171 27.94 -1.92 7.09
CA THR E 171 27.32 -1.06 8.09
C THR E 171 27.34 -1.78 9.44
N TYR E 172 26.76 -1.17 10.46
CA TYR E 172 26.73 -1.79 11.78
C TYR E 172 26.00 -3.13 11.80
N SER E 173 24.82 -3.18 11.18
CA SER E 173 24.04 -4.41 11.18
C SER E 173 24.46 -5.33 10.03
N GLY E 174 24.99 -4.73 8.97
CA GLY E 174 25.42 -5.51 7.83
C GLY E 174 24.28 -6.17 7.08
N ARG E 175 23.05 -5.87 7.49
CA ARG E 175 21.88 -6.45 6.83
C ARG E 175 21.08 -5.37 6.09
N VAL E 176 20.25 -5.82 5.16
CA VAL E 176 19.41 -4.91 4.40
C VAL E 176 17.98 -5.44 4.42
N VAL E 177 17.04 -4.54 4.69
CA VAL E 177 15.64 -4.92 4.78
C VAL E 177 15.11 -5.43 3.44
N ARG E 178 14.29 -6.47 3.51
CA ARG E 178 13.68 -7.12 2.35
C ARG E 178 13.45 -6.23 1.12
N ARG E 179 12.82 -5.08 1.33
CA ARG E 179 12.52 -4.14 0.25
C ARG E 179 13.73 -3.80 -0.61
N PHE E 180 14.87 -3.56 0.04
CA PHE E 180 16.08 -3.19 -0.68
C PHE E 180 17.08 -4.33 -0.95
N LYS E 181 16.77 -5.54 -0.47
CA LYS E 181 17.66 -6.68 -0.70
C LYS E 181 17.65 -6.97 -2.19
N GLY E 182 18.81 -6.82 -2.81
CA GLY E 182 18.90 -7.08 -4.25
C GLY E 182 18.19 -6.01 -5.07
N SER E 183 18.07 -4.81 -4.52
CA SER E 183 17.39 -3.73 -5.23
C SER E 183 18.29 -2.99 -6.22
N MET E 184 19.60 -2.99 -5.98
CA MET E 184 20.53 -2.30 -6.89
C MET E 184 20.59 -2.96 -8.26
N GLU E 185 20.78 -4.28 -8.26
CA GLU E 185 20.85 -5.01 -9.52
C GLU E 185 19.58 -4.71 -10.31
N GLU E 186 18.47 -4.58 -9.59
CA GLU E 186 17.18 -4.28 -10.21
C GLU E 186 17.18 -2.88 -10.83
N TRP E 187 17.55 -1.87 -10.06
CA TRP E 187 17.59 -0.51 -10.60
C TRP E 187 18.50 -0.50 -11.81
N GLN E 188 19.61 -1.23 -11.68
CA GLN E 188 20.60 -1.32 -12.74
C GLN E 188 20.00 -1.89 -14.02
N ALA E 189 19.31 -3.03 -13.91
CA ALA E 189 18.69 -3.65 -15.07
C ALA E 189 17.63 -2.77 -15.72
N MET E 190 17.08 -1.83 -14.95
CA MET E 190 16.06 -0.91 -15.44
C MET E 190 16.70 0.38 -15.97
N GLY E 191 18.02 0.36 -16.11
CA GLY E 191 18.74 1.50 -16.65
C GLY E 191 18.84 2.73 -15.76
N VAL E 192 18.70 2.56 -14.45
CA VAL E 192 18.82 3.70 -13.56
C VAL E 192 20.30 4.02 -13.52
N MET E 193 20.64 5.30 -13.56
CA MET E 193 22.04 5.68 -13.60
C MET E 193 22.79 5.73 -12.29
N ASN E 194 22.16 6.32 -11.28
CA ASN E 194 22.84 6.52 -10.01
C ASN E 194 21.94 6.59 -8.79
N TYR E 195 22.60 6.74 -7.65
CA TYR E 195 21.97 6.86 -6.35
C TYR E 195 22.35 8.24 -5.76
N GLU E 196 21.35 9.00 -5.33
CA GLU E 196 21.59 10.29 -4.69
C GLU E 196 20.49 10.44 -3.61
N MET E 197 20.44 11.55 -2.88
CA MET E 197 19.44 11.63 -1.80
C MET E 197 18.48 12.82 -1.68
N GLU E 198 18.31 13.61 -2.75
CA GLU E 198 17.41 14.76 -2.68
C GLU E 198 16.48 14.99 -3.88
N SER E 199 16.83 14.45 -5.04
CA SER E 199 16.02 14.68 -6.25
C SER E 199 14.54 14.33 -6.19
N ALA E 200 14.19 13.13 -5.71
CA ALA E 200 12.79 12.71 -5.62
C ALA E 200 11.94 13.76 -4.91
N THR E 201 12.48 14.32 -3.83
CA THR E 201 11.77 15.35 -3.09
C THR E 201 11.83 16.67 -3.83
N LEU E 202 13.03 17.06 -4.26
CA LEU E 202 13.15 18.33 -4.97
C LEU E 202 12.23 18.34 -6.18
N LEU E 203 12.45 17.38 -7.07
CA LEU E 203 11.68 17.20 -8.30
C LEU E 203 10.17 17.03 -8.09
N THR E 204 9.77 16.17 -7.17
CA THR E 204 8.35 15.97 -6.93
C THR E 204 7.66 17.24 -6.43
N MET E 205 8.20 17.84 -5.38
CA MET E 205 7.59 19.05 -4.82
C MET E 205 7.55 20.25 -5.77
N CYS E 206 8.53 20.38 -6.66
CA CYS E 206 8.49 21.49 -7.60
C CYS E 206 7.50 21.18 -8.74
N ALA E 207 7.58 19.95 -9.25
CA ALA E 207 6.71 19.52 -10.34
C ALA E 207 5.20 19.62 -10.04
N SER E 208 4.82 19.41 -8.79
CA SER E 208 3.43 19.46 -8.40
C SER E 208 3.04 20.77 -7.73
N GLN E 209 3.91 21.76 -7.80
CA GLN E 209 3.62 23.05 -7.20
C GLN E 209 4.01 24.24 -8.07
N GLY E 210 3.98 24.03 -9.39
CA GLY E 210 4.33 25.09 -10.31
C GLY E 210 5.69 25.74 -10.16
N LEU E 211 6.70 24.96 -9.78
CA LEU E 211 8.06 25.49 -9.64
C LEU E 211 8.95 24.70 -10.60
N ARG E 212 9.98 25.35 -11.13
CA ARG E 212 10.87 24.69 -12.06
C ARG E 212 12.07 24.11 -11.36
N ALA E 213 12.44 22.88 -11.71
CA ALA E 213 13.58 22.22 -11.10
C ALA E 213 14.45 21.44 -12.08
N GLY E 214 15.75 21.44 -11.81
CA GLY E 214 16.72 20.74 -12.62
C GLY E 214 17.65 19.99 -11.68
N MET E 215 18.26 18.92 -12.16
CA MET E 215 19.15 18.09 -11.34
C MET E 215 20.37 17.57 -12.10
N VAL E 216 21.56 18.02 -11.66
CA VAL E 216 22.82 17.59 -12.24
C VAL E 216 23.71 17.08 -11.12
N ALA E 217 24.64 16.18 -11.43
CA ALA E 217 25.51 15.64 -10.39
C ALA E 217 26.79 15.04 -10.96
N GLY E 218 27.89 15.25 -10.24
CA GLY E 218 29.17 14.71 -10.67
C GLY E 218 29.37 13.37 -9.99
N VAL E 219 29.86 12.37 -10.74
CA VAL E 219 30.07 11.04 -10.18
C VAL E 219 31.39 10.96 -9.40
N ILE E 220 31.30 10.56 -8.13
CA ILE E 220 32.50 10.44 -7.30
C ILE E 220 32.90 8.99 -7.05
N VAL E 221 32.07 8.05 -7.51
CA VAL E 221 32.36 6.63 -7.34
C VAL E 221 31.39 5.79 -8.16
N ASN E 222 31.87 4.64 -8.64
CA ASN E 222 31.02 3.73 -9.39
C ASN E 222 30.81 2.48 -8.56
N ARG E 223 29.56 2.19 -8.22
CA ARG E 223 29.21 1.04 -7.39
C ARG E 223 29.55 -0.32 -7.99
N THR E 224 30.33 -0.33 -9.07
CA THR E 224 30.72 -1.58 -9.72
C THR E 224 32.09 -1.52 -10.36
N GLN E 225 32.84 -0.43 -10.10
CA GLN E 225 34.18 -0.28 -10.66
C GLN E 225 35.24 -0.56 -9.61
N GLU E 238 33.84 18.39 -8.56
CA GLU E 238 32.84 19.39 -8.22
C GLU E 238 32.93 20.58 -9.17
N SER E 239 34.12 21.18 -9.28
CA SER E 239 34.36 22.33 -10.17
C SER E 239 33.69 22.16 -11.53
N HIS E 240 33.53 20.92 -11.97
CA HIS E 240 32.93 20.65 -13.26
C HIS E 240 31.40 20.78 -13.29
N ALA E 241 30.73 19.88 -12.56
CA ALA E 241 29.28 19.92 -12.50
C ALA E 241 28.84 21.29 -11.99
N VAL E 242 29.72 21.93 -11.21
CA VAL E 242 29.46 23.26 -10.67
C VAL E 242 29.48 24.28 -11.80
N LYS E 243 30.50 24.19 -12.66
CA LYS E 243 30.61 25.10 -13.79
C LYS E 243 29.37 24.95 -14.63
N ILE E 244 28.92 23.71 -14.79
CA ILE E 244 27.74 23.43 -15.58
C ILE E 244 26.46 24.02 -14.99
N VAL E 245 26.27 23.90 -13.68
CA VAL E 245 25.06 24.42 -13.05
C VAL E 245 25.04 25.94 -13.09
N VAL E 246 26.22 26.55 -13.02
CA VAL E 246 26.34 28.00 -13.09
C VAL E 246 26.00 28.44 -14.52
N GLU E 247 26.56 27.71 -15.48
CA GLU E 247 26.32 27.99 -16.89
C GLU E 247 24.83 27.76 -17.21
N ALA E 248 24.26 26.69 -16.67
CA ALA E 248 22.85 26.40 -16.91
C ALA E 248 21.98 27.49 -16.29
N ALA E 249 22.43 28.01 -15.16
CA ALA E 249 21.68 29.04 -14.46
C ALA E 249 21.56 30.31 -15.29
N ARG E 250 22.62 30.66 -16.00
CA ARG E 250 22.57 31.86 -16.82
C ARG E 250 21.60 31.69 -17.98
N ARG E 251 21.36 30.43 -18.37
CA ARG E 251 20.45 30.14 -19.46
C ARG E 251 18.98 30.18 -19.06
N LEU E 252 18.70 30.36 -17.76
CA LEU E 252 17.33 30.39 -17.26
C LEU E 252 16.92 31.68 -16.55
N LEU E 253 17.86 32.60 -16.36
CA LEU E 253 17.57 33.87 -15.70
C LEU E 253 16.42 34.63 -16.36
N SER F 4 4.58 -15.50 -38.98
CA SER F 4 4.79 -14.26 -38.17
C SER F 4 5.77 -14.48 -37.01
N ASP F 5 6.69 -13.54 -36.84
CA ASP F 5 7.68 -13.61 -35.78
C ASP F 5 7.08 -13.31 -34.39
N VAL F 6 5.95 -12.61 -34.37
CA VAL F 6 5.29 -12.25 -33.12
C VAL F 6 3.91 -12.88 -33.00
N PHE F 7 3.41 -12.97 -31.77
CA PHE F 7 2.13 -13.60 -31.50
C PHE F 7 0.86 -12.76 -31.72
N HIS F 8 0.96 -11.44 -31.71
CA HIS F 8 -0.23 -10.60 -31.90
C HIS F 8 -0.29 -9.66 -33.11
N LEU F 9 0.85 -9.10 -33.50
CA LEU F 9 0.87 -8.16 -34.61
C LEU F 9 0.85 -8.77 -36.01
N GLY F 10 1.19 -10.06 -36.10
CA GLY F 10 1.22 -10.73 -37.39
C GLY F 10 2.25 -10.11 -38.33
N LEU F 11 3.42 -9.80 -37.80
CA LEU F 11 4.48 -9.18 -38.60
C LEU F 11 5.76 -10.01 -38.50
N THR F 12 6.70 -9.76 -39.41
CA THR F 12 8.00 -10.43 -39.42
C THR F 12 9.03 -9.31 -39.36
N LYS F 13 10.24 -9.64 -38.92
CA LYS F 13 11.29 -8.65 -38.82
C LYS F 13 11.52 -8.02 -40.21
N ASN F 14 11.26 -8.80 -41.25
CA ASN F 14 11.42 -8.37 -42.63
C ASN F 14 10.48 -7.22 -43.01
N ASP F 15 9.28 -7.22 -42.44
CA ASP F 15 8.28 -6.18 -42.73
C ASP F 15 8.68 -4.79 -42.23
N LEU F 16 9.62 -4.72 -41.29
CA LEU F 16 10.04 -3.43 -40.79
C LEU F 16 11.04 -2.82 -41.75
N GLN F 17 11.61 -3.67 -42.60
CA GLN F 17 12.60 -3.22 -43.58
C GLN F 17 13.69 -2.40 -42.90
N GLY F 18 14.12 -2.83 -41.72
CA GLY F 18 15.16 -2.13 -41.01
C GLY F 18 14.68 -0.97 -40.16
N ALA F 19 13.36 -0.82 -40.05
CA ALA F 19 12.79 0.26 -39.25
C ALA F 19 13.27 0.14 -37.80
N GLN F 20 13.59 1.28 -37.19
CA GLN F 20 14.04 1.26 -35.81
C GLN F 20 13.19 2.20 -34.96
N LEU F 21 12.28 2.91 -35.61
CA LEU F 21 11.38 3.84 -34.93
C LEU F 21 9.96 3.53 -35.36
N ALA F 22 9.03 3.65 -34.43
CA ALA F 22 7.65 3.36 -34.76
C ALA F 22 6.71 4.42 -34.19
N ILE F 23 5.94 5.04 -35.07
CA ILE F 23 4.96 6.02 -34.64
C ILE F 23 3.78 5.13 -34.25
N VAL F 24 3.29 5.29 -33.03
CA VAL F 24 2.21 4.44 -32.58
C VAL F 24 0.96 5.16 -32.06
N PRO F 25 -0.09 5.22 -32.87
CA PRO F 25 -1.35 5.87 -32.50
C PRO F 25 -2.23 4.86 -31.76
N GLY F 26 -3.34 5.35 -31.21
CA GLY F 26 -4.24 4.48 -30.50
C GLY F 26 -5.29 3.89 -31.42
N ASP F 27 -5.86 4.75 -32.26
CA ASP F 27 -6.90 4.30 -33.18
C ASP F 27 -6.29 3.62 -34.41
N PRO F 28 -6.69 2.37 -34.67
CA PRO F 28 -6.16 1.63 -35.83
C PRO F 28 -6.58 2.30 -37.13
N GLU F 29 -7.69 3.02 -37.09
CA GLU F 29 -8.20 3.71 -38.27
C GLU F 29 -7.44 5.02 -38.50
N ARG F 30 -6.32 5.20 -37.82
CA ARG F 30 -5.52 6.43 -37.96
C ARG F 30 -4.10 6.14 -38.40
N VAL F 31 -3.72 4.87 -38.37
CA VAL F 31 -2.39 4.46 -38.79
C VAL F 31 -2.18 4.85 -40.26
N GLU F 32 -3.22 4.66 -41.07
CA GLU F 32 -3.18 4.97 -42.48
C GLU F 32 -3.03 6.45 -42.79
N LYS F 33 -3.75 7.29 -42.03
CA LYS F 33 -3.67 8.73 -42.21
C LYS F 33 -2.26 9.22 -41.90
N ILE F 34 -1.60 8.52 -40.99
CA ILE F 34 -0.25 8.86 -40.58
C ILE F 34 0.79 8.36 -41.57
N ALA F 35 0.55 7.19 -42.16
CA ALA F 35 1.50 6.64 -43.12
C ALA F 35 1.44 7.47 -44.40
N ALA F 36 0.26 7.95 -44.72
CA ALA F 36 0.04 8.76 -45.92
C ALA F 36 0.93 10.01 -45.95
N LEU F 37 1.16 10.58 -44.77
CA LEU F 37 1.99 11.78 -44.64
C LEU F 37 3.47 11.51 -44.94
N MET F 38 3.81 10.26 -45.24
CA MET F 38 5.20 9.90 -45.50
C MET F 38 5.41 9.27 -46.88
N ASP F 39 6.67 8.91 -47.15
CA ASP F 39 7.02 8.31 -48.42
C ASP F 39 6.73 6.82 -48.51
N LYS F 40 6.34 6.38 -49.69
CA LYS F 40 6.04 4.98 -49.99
C LYS F 40 5.30 4.21 -48.91
N PRO F 41 4.09 4.67 -48.51
CA PRO F 41 3.36 3.93 -47.49
C PRO F 41 2.94 2.56 -48.00
N VAL F 42 2.91 1.59 -47.09
CA VAL F 42 2.53 0.22 -47.41
C VAL F 42 1.82 -0.40 -46.21
N LYS F 43 0.68 -1.04 -46.45
CA LYS F 43 -0.07 -1.67 -45.37
C LYS F 43 0.57 -3.03 -45.08
N LEU F 44 0.84 -3.30 -43.81
CA LEU F 44 1.47 -4.55 -43.42
C LEU F 44 0.48 -5.60 -42.93
N ALA F 45 -0.30 -5.24 -41.89
CA ALA F 45 -1.27 -6.20 -41.36
C ALA F 45 -2.34 -5.57 -40.48
N SER F 46 -3.41 -6.31 -40.27
CA SER F 46 -4.50 -5.86 -39.41
C SER F 46 -5.06 -7.02 -38.58
N HIS F 47 -4.63 -7.10 -37.33
CA HIS F 47 -5.11 -8.15 -36.43
C HIS F 47 -5.66 -7.46 -35.19
N ARG F 48 -6.92 -7.74 -34.87
CA ARG F 48 -7.56 -7.15 -33.72
C ARG F 48 -7.36 -5.64 -33.79
N GLU F 49 -6.86 -5.07 -32.71
CA GLU F 49 -6.62 -3.65 -32.60
C GLU F 49 -5.24 -3.19 -33.08
N PHE F 50 -4.48 -4.12 -33.66
CA PHE F 50 -3.13 -3.77 -34.13
C PHE F 50 -2.98 -3.74 -35.66
N THR F 51 -3.39 -2.63 -36.28
CA THR F 51 -3.25 -2.47 -37.74
C THR F 51 -1.91 -1.74 -37.98
N SER F 52 -1.00 -2.34 -38.71
CA SER F 52 0.30 -1.72 -38.95
C SER F 52 0.63 -1.36 -40.40
N TRP F 53 1.29 -0.22 -40.54
CA TRP F 53 1.74 0.29 -41.83
C TRP F 53 3.24 0.60 -41.79
N ARG F 54 3.85 0.70 -42.97
CA ARG F 54 5.26 1.01 -43.06
C ARG F 54 5.42 2.18 -44.02
N ALA F 55 6.42 3.01 -43.77
CA ALA F 55 6.67 4.16 -44.61
C ALA F 55 8.15 4.45 -44.60
N GLU F 56 8.54 5.45 -45.38
CA GLU F 56 9.93 5.83 -45.46
C GLU F 56 9.99 7.32 -45.17
N LEU F 57 10.92 7.70 -44.30
CA LEU F 57 11.09 9.10 -43.92
C LEU F 57 12.57 9.40 -44.14
N ASP F 58 12.86 10.27 -45.09
CA ASP F 58 14.24 10.63 -45.40
C ASP F 58 15.08 9.42 -45.81
N GLY F 59 14.47 8.48 -46.53
CA GLY F 59 15.21 7.32 -46.99
C GLY F 59 15.41 6.24 -45.95
N LYS F 60 14.63 6.31 -44.87
CA LYS F 60 14.72 5.31 -43.81
C LYS F 60 13.33 4.80 -43.51
N ALA F 61 13.23 3.51 -43.26
CA ALA F 61 11.94 2.90 -42.97
C ALA F 61 11.43 3.35 -41.60
N VAL F 62 10.10 3.42 -41.49
CA VAL F 62 9.44 3.82 -40.26
C VAL F 62 8.15 3.00 -40.18
N ILE F 63 7.74 2.68 -38.97
CA ILE F 63 6.53 1.92 -38.77
C ILE F 63 5.48 2.73 -38.05
N VAL F 64 4.23 2.54 -38.44
CA VAL F 64 3.11 3.21 -37.78
C VAL F 64 2.25 2.03 -37.37
N CYS F 65 2.16 1.79 -36.07
CA CYS F 65 1.38 0.68 -35.54
C CYS F 65 0.47 1.11 -34.39
N SER F 66 -0.84 0.90 -34.58
CA SER F 66 -1.83 1.26 -33.58
C SER F 66 -1.56 0.41 -32.35
N THR F 67 -1.83 0.97 -31.18
CA THR F 67 -1.59 0.27 -29.93
C THR F 67 -2.88 -0.26 -29.31
N GLY F 68 -3.98 0.43 -29.57
CA GLY F 68 -5.25 0.05 -29.01
C GLY F 68 -5.45 0.90 -27.76
N ILE F 69 -6.61 0.76 -27.12
CA ILE F 69 -6.88 1.54 -25.91
C ILE F 69 -6.38 0.90 -24.63
N GLY F 70 -5.58 1.66 -23.88
CA GLY F 70 -5.06 1.19 -22.62
C GLY F 70 -3.69 0.55 -22.67
N GLY F 71 -3.05 0.51 -21.51
CA GLY F 71 -1.72 -0.07 -21.38
C GLY F 71 -1.64 -1.56 -21.64
N PRO F 72 -2.69 -2.34 -21.33
CA PRO F 72 -2.57 -3.78 -21.59
C PRO F 72 -2.39 -4.05 -23.09
N SER F 73 -3.17 -3.35 -23.90
CA SER F 73 -3.11 -3.49 -25.34
C SER F 73 -1.80 -2.90 -25.85
N THR F 74 -1.41 -1.75 -25.29
CA THR F 74 -0.18 -1.08 -25.69
C THR F 74 1.06 -1.91 -25.38
N SER F 75 1.12 -2.47 -24.17
CA SER F 75 2.28 -3.27 -23.77
C SER F 75 2.56 -4.39 -24.76
N ILE F 76 1.50 -4.97 -25.33
CA ILE F 76 1.67 -6.03 -26.31
C ILE F 76 2.34 -5.45 -27.55
N ALA F 77 1.77 -4.36 -28.06
CA ALA F 77 2.30 -3.69 -29.25
C ALA F 77 3.76 -3.32 -29.11
N VAL F 78 4.09 -2.63 -28.02
CA VAL F 78 5.47 -2.20 -27.79
C VAL F 78 6.42 -3.38 -27.64
N GLU F 79 5.99 -4.39 -26.89
CA GLU F 79 6.80 -5.57 -26.64
C GLU F 79 7.12 -6.38 -27.90
N GLU F 80 6.11 -6.58 -28.74
CA GLU F 80 6.32 -7.35 -29.96
C GLU F 80 7.03 -6.53 -31.03
N LEU F 81 6.76 -5.23 -31.05
CA LEU F 81 7.41 -4.35 -32.01
C LEU F 81 8.89 -4.22 -31.62
N ALA F 82 9.16 -4.25 -30.31
CA ALA F 82 10.52 -4.13 -29.81
C ALA F 82 11.24 -5.42 -30.19
N GLN F 83 10.56 -6.54 -29.99
CA GLN F 83 11.13 -7.84 -30.35
C GLN F 83 11.52 -7.80 -31.83
N LEU F 84 10.66 -7.16 -32.63
CA LEU F 84 10.89 -7.06 -34.06
C LEU F 84 12.04 -6.12 -34.44
N GLY F 85 12.54 -5.38 -33.47
CA GLY F 85 13.65 -4.49 -33.75
C GLY F 85 13.43 -2.99 -33.55
N ILE F 86 12.24 -2.57 -33.16
CA ILE F 86 11.99 -1.14 -32.93
C ILE F 86 12.65 -0.74 -31.60
N ARG F 87 13.22 0.46 -31.54
CA ARG F 87 13.89 0.92 -30.33
C ARG F 87 13.37 2.27 -29.85
N THR F 88 12.80 3.06 -30.77
CA THR F 88 12.27 4.37 -30.42
C THR F 88 10.77 4.42 -30.72
N PHE F 89 9.97 4.80 -29.72
CA PHE F 89 8.53 4.87 -29.90
C PHE F 89 8.02 6.29 -29.68
N LEU F 90 7.32 6.82 -30.67
CA LEU F 90 6.73 8.15 -30.56
C LEU F 90 5.23 7.92 -30.55
N ARG F 91 4.60 8.20 -29.43
CA ARG F 91 3.16 8.00 -29.35
C ARG F 91 2.39 9.27 -29.66
N ILE F 92 1.37 9.12 -30.50
CA ILE F 92 0.53 10.24 -30.91
C ILE F 92 -0.89 9.87 -30.46
N GLY F 93 -1.48 10.74 -29.64
CA GLY F 93 -2.82 10.45 -29.16
C GLY F 93 -3.74 11.66 -29.08
N THR F 94 -4.96 11.43 -28.59
CA THR F 94 -5.93 12.51 -28.39
C THR F 94 -5.99 12.68 -26.87
N THR F 95 -6.59 13.74 -26.37
CA THR F 95 -6.59 13.92 -24.92
C THR F 95 -7.56 14.96 -24.37
N GLY F 96 -7.88 14.82 -23.08
CA GLY F 96 -8.79 15.75 -22.41
C GLY F 96 -8.01 16.66 -21.46
N ALA F 97 -7.92 17.93 -21.83
CA ALA F 97 -7.21 18.92 -21.02
C ALA F 97 -7.96 19.24 -19.73
N ILE F 98 -7.24 19.30 -18.62
CA ILE F 98 -7.87 19.61 -17.33
C ILE F 98 -7.58 21.04 -16.85
N GLN F 99 -6.78 21.77 -17.61
CA GLN F 99 -6.44 23.16 -17.28
C GLN F 99 -7.30 24.09 -18.14
N PRO F 100 -7.91 25.12 -17.54
CA PRO F 100 -8.75 26.08 -18.26
C PRO F 100 -8.12 26.80 -19.43
N HIS F 101 -6.80 26.97 -19.40
CA HIS F 101 -6.11 27.68 -20.47
C HIS F 101 -5.78 26.86 -21.71
N ILE F 102 -5.91 25.54 -21.64
CA ILE F 102 -5.62 24.72 -22.82
C ILE F 102 -6.83 24.66 -23.74
N ASN F 103 -6.60 24.96 -25.01
CA ASN F 103 -7.64 24.96 -26.03
C ASN F 103 -7.68 23.70 -26.87
N VAL F 104 -8.87 23.36 -27.35
CA VAL F 104 -9.06 22.19 -28.21
C VAL F 104 -8.15 22.36 -29.42
N GLY F 105 -7.37 21.32 -29.73
CA GLY F 105 -6.47 21.41 -30.86
C GLY F 105 -5.05 21.72 -30.45
N ASP F 106 -4.85 22.17 -29.21
CA ASP F 106 -3.51 22.48 -28.72
C ASP F 106 -2.72 21.17 -28.67
N VAL F 107 -1.41 21.28 -28.80
CA VAL F 107 -0.55 20.11 -28.78
C VAL F 107 0.19 20.01 -27.44
N LEU F 108 0.00 18.90 -26.74
CA LEU F 108 0.63 18.68 -25.43
C LEU F 108 1.73 17.62 -25.47
N VAL F 109 2.96 18.02 -25.16
CA VAL F 109 4.06 17.07 -25.13
C VAL F 109 4.22 16.67 -23.67
N THR F 110 4.24 15.36 -23.43
CA THR F 110 4.34 14.84 -22.07
C THR F 110 5.75 14.45 -21.63
N THR F 111 6.21 15.05 -20.54
CA THR F 111 7.52 14.76 -19.99
C THR F 111 7.46 13.52 -19.09
N ALA F 112 6.35 13.35 -18.38
CA ALA F 112 6.14 12.20 -17.50
C ALA F 112 4.67 12.12 -17.13
N SER F 113 4.20 10.91 -16.80
CA SER F 113 2.80 10.69 -16.47
C SER F 113 2.49 10.15 -15.08
N VAL F 114 1.31 10.47 -14.57
CA VAL F 114 0.88 9.95 -13.27
C VAL F 114 0.41 8.53 -13.59
N ARG F 115 0.94 7.54 -12.89
CA ARG F 115 0.59 6.16 -13.15
C ARG F 115 -0.74 5.72 -12.55
N LEU F 116 -1.83 6.12 -13.20
CA LEU F 116 -3.17 5.78 -12.78
C LEU F 116 -3.60 4.54 -13.57
N ASP F 117 -2.60 3.79 -14.01
CA ASP F 117 -2.81 2.58 -14.78
C ASP F 117 -2.46 1.41 -13.88
N GLY F 118 -2.09 0.30 -14.49
CA GLY F 118 -1.73 -0.88 -13.73
C GLY F 118 -0.65 -1.67 -14.42
N ALA F 119 -0.60 -1.60 -15.75
CA ALA F 119 0.40 -2.34 -16.52
C ALA F 119 1.83 -1.83 -16.26
N SER F 120 1.98 -0.53 -15.95
CA SER F 120 3.31 -0.01 -15.70
C SER F 120 3.91 -0.71 -14.48
N LEU F 121 3.05 -1.11 -13.55
CA LEU F 121 3.47 -1.82 -12.34
C LEU F 121 4.02 -3.20 -12.73
N HIS F 122 3.78 -3.60 -13.97
CA HIS F 122 4.27 -4.87 -14.46
C HIS F 122 5.71 -4.78 -14.96
N PHE F 123 6.23 -3.56 -15.01
CA PHE F 123 7.59 -3.35 -15.49
C PHE F 123 8.49 -2.73 -14.40
N ALA F 124 7.92 -1.86 -13.56
CA ALA F 124 8.66 -1.22 -12.48
C ALA F 124 7.70 -0.92 -11.34
N PRO F 125 8.24 -0.77 -10.11
CA PRO F 125 7.36 -0.49 -8.97
C PRO F 125 6.85 0.94 -9.13
N MET F 126 5.79 1.27 -8.40
CA MET F 126 5.18 2.59 -8.49
C MET F 126 6.15 3.75 -8.26
N GLU F 127 7.23 3.49 -7.52
CA GLU F 127 8.20 4.53 -7.23
C GLU F 127 8.99 4.94 -8.46
N PHE F 128 9.01 4.08 -9.48
CA PHE F 128 9.72 4.37 -10.72
C PHE F 128 8.91 5.36 -11.56
N PRO F 129 9.57 6.44 -12.06
CA PRO F 129 8.91 7.48 -12.86
C PRO F 129 8.55 7.10 -14.30
N ALA F 130 7.31 7.37 -14.68
CA ALA F 130 6.83 7.11 -16.03
C ALA F 130 7.29 8.35 -16.81
N VAL F 131 8.60 8.40 -17.08
CA VAL F 131 9.23 9.52 -17.76
C VAL F 131 9.62 9.18 -19.20
N ALA F 132 9.54 10.18 -20.07
CA ALA F 132 9.88 9.99 -21.47
C ALA F 132 11.35 10.25 -21.74
N ASP F 133 11.80 9.76 -22.90
CA ASP F 133 13.17 9.92 -23.34
C ASP F 133 13.42 11.40 -23.60
N PHE F 134 14.59 11.89 -23.18
CA PHE F 134 14.92 13.30 -23.36
C PHE F 134 15.01 13.69 -24.84
N ALA F 135 15.66 12.86 -25.65
CA ALA F 135 15.78 13.16 -27.07
C ALA F 135 14.40 13.21 -27.73
N CYS F 136 13.57 12.20 -27.47
CA CYS F 136 12.24 12.16 -28.07
C CYS F 136 11.43 13.40 -27.68
N THR F 137 11.44 13.73 -26.40
CA THR F 137 10.71 14.90 -25.94
C THR F 137 11.25 16.16 -26.60
N THR F 138 12.58 16.23 -26.73
CA THR F 138 13.24 17.37 -27.35
C THR F 138 12.80 17.52 -28.80
N ALA F 139 12.78 16.40 -29.53
CA ALA F 139 12.38 16.40 -30.92
C ALA F 139 10.92 16.85 -31.05
N LEU F 140 10.06 16.34 -30.17
CA LEU F 140 8.65 16.69 -30.21
C LEU F 140 8.45 18.17 -29.90
N VAL F 141 9.18 18.66 -28.92
CA VAL F 141 9.08 20.06 -28.55
C VAL F 141 9.54 20.95 -29.71
N GLU F 142 10.70 20.64 -30.27
CA GLU F 142 11.26 21.42 -31.38
C GLU F 142 10.42 21.34 -32.67
N ALA F 143 9.91 20.15 -32.99
CA ALA F 143 9.11 19.97 -34.19
C ALA F 143 7.85 20.82 -34.11
N ALA F 144 7.26 20.91 -32.92
CA ALA F 144 6.07 21.71 -32.73
C ALA F 144 6.44 23.18 -32.95
N LYS F 145 7.62 23.54 -32.44
CA LYS F 145 8.13 24.90 -32.56
C LYS F 145 8.33 25.22 -34.05
N SER F 146 8.89 24.26 -34.78
CA SER F 146 9.13 24.41 -36.22
C SER F 146 7.86 24.73 -36.96
N ILE F 147 6.74 24.20 -36.46
CA ILE F 147 5.45 24.44 -37.06
C ILE F 147 4.85 25.71 -36.50
N GLY F 148 5.08 25.95 -35.21
CA GLY F 148 4.55 27.13 -34.56
C GLY F 148 3.15 26.89 -34.01
N ALA F 149 2.92 25.67 -33.53
CA ALA F 149 1.62 25.29 -32.98
C ALA F 149 1.56 25.54 -31.48
N THR F 150 0.39 25.93 -30.98
CA THR F 150 0.20 26.15 -29.55
C THR F 150 0.62 24.84 -28.87
N THR F 151 1.70 24.89 -28.09
CA THR F 151 2.21 23.69 -27.44
C THR F 151 2.36 23.85 -25.93
N HIS F 152 2.11 22.78 -25.20
CA HIS F 152 2.23 22.80 -23.76
C HIS F 152 3.01 21.56 -23.36
N VAL F 153 4.11 21.78 -22.64
CA VAL F 153 4.96 20.68 -22.19
C VAL F 153 4.75 20.47 -20.70
N GLY F 154 4.49 19.23 -20.30
CA GLY F 154 4.26 18.97 -18.89
C GLY F 154 3.92 17.55 -18.53
N VAL F 155 3.32 17.39 -17.36
CA VAL F 155 2.92 16.09 -16.80
C VAL F 155 1.50 15.70 -17.24
N THR F 156 1.29 14.42 -17.49
CA THR F 156 -0.01 13.93 -17.90
C THR F 156 -0.53 12.86 -16.94
N ALA F 157 -1.85 12.77 -16.80
CA ALA F 157 -2.47 11.77 -15.94
C ALA F 157 -3.00 10.66 -16.84
N SER F 158 -2.41 9.47 -16.71
CA SER F 158 -2.76 8.30 -17.52
C SER F 158 -3.49 7.21 -16.73
N SER F 159 -4.78 6.99 -17.04
CA SER F 159 -5.53 5.99 -16.30
C SER F 159 -6.06 4.80 -17.10
N ASP F 160 -6.40 3.73 -16.38
CA ASP F 160 -6.92 2.49 -16.96
C ASP F 160 -8.40 2.51 -17.28
N THR F 161 -9.01 3.67 -17.14
CA THR F 161 -10.44 3.81 -17.45
C THR F 161 -10.64 5.18 -18.04
N PHE F 162 -11.70 5.32 -18.83
CA PHE F 162 -12.02 6.58 -19.45
C PHE F 162 -12.97 7.38 -18.57
N TYR F 163 -13.84 6.67 -17.83
CA TYR F 163 -14.80 7.36 -16.99
C TYR F 163 -14.45 7.62 -15.51
N PRO F 164 -14.59 6.62 -14.63
CA PRO F 164 -14.25 6.91 -13.23
C PRO F 164 -12.81 7.38 -13.00
N GLY F 165 -11.87 6.77 -13.70
CA GLY F 165 -10.47 7.14 -13.56
C GLY F 165 -10.13 8.58 -13.91
N GLN F 166 -10.93 9.19 -14.79
CA GLN F 166 -10.72 10.58 -15.20
C GLN F 166 -11.81 11.42 -14.54
N GLU F 167 -12.44 10.81 -13.54
CA GLU F 167 -13.52 11.38 -12.75
C GLU F 167 -14.72 11.89 -13.54
N ARG F 168 -15.25 11.05 -14.43
CA ARG F 168 -16.44 11.41 -15.20
C ARG F 168 -17.65 10.90 -14.43
N TYR F 169 -18.56 11.79 -14.09
CA TYR F 169 -19.76 11.39 -13.35
C TYR F 169 -20.96 11.09 -14.22
N ASP F 170 -20.95 11.59 -15.45
CA ASP F 170 -22.07 11.37 -16.35
C ASP F 170 -22.11 9.93 -16.85
N THR F 171 -22.30 9.00 -15.94
CA THR F 171 -22.29 7.59 -16.30
C THR F 171 -23.52 6.83 -15.81
N TYR F 172 -23.48 5.51 -16.01
CA TYR F 172 -24.55 4.60 -15.61
C TYR F 172 -24.83 4.65 -14.10
N SER F 173 -23.77 4.68 -13.30
CA SER F 173 -23.91 4.72 -11.85
C SER F 173 -23.79 6.14 -11.31
N GLY F 174 -23.12 6.99 -12.07
CA GLY F 174 -22.93 8.37 -11.64
C GLY F 174 -22.04 8.54 -10.43
N ARG F 175 -21.35 7.48 -10.01
CA ARG F 175 -20.46 7.57 -8.86
C ARG F 175 -19.03 7.19 -9.21
N VAL F 176 -18.07 7.68 -8.45
CA VAL F 176 -16.66 7.34 -8.67
C VAL F 176 -16.05 6.88 -7.35
N VAL F 177 -15.42 5.72 -7.37
CA VAL F 177 -14.82 5.14 -6.17
C VAL F 177 -13.97 6.19 -5.43
N ARG F 178 -13.94 6.07 -4.11
CA ARG F 178 -13.20 6.97 -3.22
C ARG F 178 -11.83 7.41 -3.77
N ARG F 179 -11.06 6.45 -4.25
CA ARG F 179 -9.75 6.71 -4.82
C ARG F 179 -9.72 7.93 -5.74
N PHE F 180 -10.78 8.12 -6.52
CA PHE F 180 -10.82 9.22 -7.46
C PHE F 180 -11.78 10.36 -7.18
N LYS F 181 -12.51 10.31 -6.07
CA LYS F 181 -13.43 11.41 -5.75
C LYS F 181 -12.58 12.66 -5.50
N GLY F 182 -12.86 13.74 -6.23
CA GLY F 182 -12.08 14.96 -6.06
C GLY F 182 -10.62 14.78 -6.49
N SER F 183 -10.39 13.93 -7.48
CA SER F 183 -9.04 13.69 -7.97
C SER F 183 -8.66 14.66 -9.10
N MET F 184 -9.58 14.90 -10.03
CA MET F 184 -9.29 15.82 -11.12
C MET F 184 -8.79 17.16 -10.55
N GLU F 185 -9.47 17.67 -9.53
CA GLU F 185 -9.07 18.94 -8.94
C GLU F 185 -7.65 18.86 -8.36
N GLU F 186 -7.27 17.69 -7.86
CA GLU F 186 -5.92 17.50 -7.32
C GLU F 186 -4.91 17.67 -8.46
N TRP F 187 -4.98 16.79 -9.47
CA TRP F 187 -4.06 16.84 -10.60
C TRP F 187 -4.01 18.26 -11.18
N GLN F 188 -5.18 18.91 -11.23
CA GLN F 188 -5.28 20.26 -11.75
C GLN F 188 -4.43 21.22 -10.94
N ALA F 189 -4.53 21.11 -9.63
CA ALA F 189 -3.78 21.96 -8.70
C ALA F 189 -2.27 21.65 -8.72
N MET F 190 -1.91 20.44 -9.13
CA MET F 190 -0.51 20.04 -9.21
C MET F 190 0.10 20.39 -10.57
N GLY F 191 -0.71 21.03 -11.42
CA GLY F 191 -0.20 21.43 -12.72
C GLY F 191 -0.34 20.41 -13.83
N VAL F 192 -0.92 19.26 -13.54
CA VAL F 192 -1.12 18.21 -14.55
C VAL F 192 -1.92 18.84 -15.70
N MET F 193 -1.48 18.63 -16.93
CA MET F 193 -2.16 19.23 -18.10
C MET F 193 -3.37 18.50 -18.66
N ASN F 194 -3.34 17.18 -18.65
CA ASN F 194 -4.42 16.44 -19.28
C ASN F 194 -4.55 14.99 -18.85
N TYR F 195 -5.54 14.32 -19.46
CA TYR F 195 -5.85 12.91 -19.23
C TYR F 195 -5.78 12.16 -20.55
N GLU F 196 -5.15 11.00 -20.55
CA GLU F 196 -5.13 10.13 -21.73
C GLU F 196 -5.07 8.72 -21.16
N MET F 197 -4.83 7.69 -21.97
CA MET F 197 -4.85 6.35 -21.40
C MET F 197 -3.73 5.37 -21.71
N GLU F 198 -2.61 5.80 -22.27
CA GLU F 198 -1.57 4.83 -22.56
C GLU F 198 -0.14 5.23 -22.24
N SER F 199 0.11 6.53 -22.12
CA SER F 199 1.45 7.03 -21.83
C SER F 199 2.11 6.45 -20.59
N ALA F 200 1.31 6.18 -19.54
CA ALA F 200 1.86 5.65 -18.30
C ALA F 200 2.58 4.32 -18.52
N THR F 201 1.90 3.37 -19.15
CA THR F 201 2.46 2.07 -19.45
C THR F 201 3.60 2.24 -20.45
N LEU F 202 3.33 3.02 -21.49
CA LEU F 202 4.34 3.24 -22.53
C LEU F 202 5.65 3.78 -21.97
N LEU F 203 5.59 4.96 -21.37
CA LEU F 203 6.78 5.58 -20.81
C LEU F 203 7.47 4.72 -19.77
N THR F 204 6.70 3.94 -19.01
CA THR F 204 7.26 3.09 -17.97
C THR F 204 8.01 1.91 -18.56
N MET F 205 7.27 1.07 -19.29
CA MET F 205 7.88 -0.10 -19.89
C MET F 205 9.08 0.27 -20.77
N CYS F 206 9.07 1.46 -21.38
CA CYS F 206 10.21 1.81 -22.22
C CYS F 206 11.39 2.31 -21.39
N ALA F 207 11.12 3.27 -20.53
CA ALA F 207 12.17 3.82 -19.67
C ALA F 207 12.83 2.74 -18.84
N SER F 208 12.11 1.64 -18.60
CA SER F 208 12.62 0.55 -17.78
C SER F 208 13.22 -0.63 -18.53
N GLN F 209 13.30 -0.53 -19.85
CA GLN F 209 13.86 -1.62 -20.64
C GLN F 209 14.80 -1.12 -21.74
N GLY F 210 15.39 0.06 -21.52
CA GLY F 210 16.32 0.61 -22.49
C GLY F 210 15.70 0.97 -23.83
N LEU F 211 14.45 1.41 -23.81
CA LEU F 211 13.76 1.81 -25.03
C LEU F 211 13.40 3.29 -24.90
N ARG F 212 13.74 4.07 -25.92
CA ARG F 212 13.43 5.49 -25.90
C ARG F 212 11.97 5.65 -26.25
N ALA F 213 11.30 6.65 -25.67
CA ALA F 213 9.90 6.85 -25.96
C ALA F 213 9.46 8.31 -25.83
N GLY F 214 8.62 8.74 -26.75
CA GLY F 214 8.12 10.10 -26.76
C GLY F 214 6.60 10.10 -26.67
N MET F 215 6.02 11.24 -26.33
CA MET F 215 4.57 11.31 -26.21
C MET F 215 4.00 12.69 -26.55
N VAL F 216 3.04 12.70 -27.48
CA VAL F 216 2.37 13.93 -27.91
C VAL F 216 0.90 13.61 -28.17
N ALA F 217 0.02 14.58 -27.90
CA ALA F 217 -1.41 14.38 -28.14
C ALA F 217 -2.13 15.67 -28.51
N GLY F 218 -3.31 15.52 -29.09
CA GLY F 218 -4.12 16.66 -29.48
C GLY F 218 -5.31 16.78 -28.55
N VAL F 219 -5.61 18.01 -28.14
CA VAL F 219 -6.73 18.22 -27.24
C VAL F 219 -8.06 18.15 -28.00
N ILE F 220 -8.96 17.29 -27.53
CA ILE F 220 -10.27 17.18 -28.17
C ILE F 220 -11.41 17.58 -27.23
N VAL F 221 -11.06 17.94 -25.99
CA VAL F 221 -12.04 18.37 -25.01
C VAL F 221 -11.37 19.00 -23.79
N ASN F 222 -12.03 19.98 -23.18
CA ASN F 222 -11.49 20.61 -21.99
C ASN F 222 -12.40 20.25 -20.82
N ARG F 223 -11.92 19.34 -19.99
CA ARG F 223 -12.64 18.82 -18.82
C ARG F 223 -13.09 19.83 -17.78
N THR F 224 -12.60 21.06 -17.87
CA THR F 224 -13.03 22.06 -16.91
C THR F 224 -14.35 22.62 -17.42
N GLN F 225 -14.75 22.21 -18.63
CA GLN F 225 -16.00 22.69 -19.22
C GLN F 225 -17.00 21.59 -19.54
N GLN F 226 -16.52 20.41 -19.90
CA GLN F 226 -17.45 19.32 -20.22
C GLN F 226 -16.77 17.97 -20.15
N GLU F 227 -17.56 16.94 -19.94
CA GLU F 227 -17.02 15.58 -19.87
C GLU F 227 -16.82 14.96 -21.25
N ILE F 228 -17.74 15.25 -22.17
CA ILE F 228 -17.64 14.69 -23.52
C ILE F 228 -17.76 15.79 -24.57
N PRO F 229 -16.88 15.76 -25.58
CA PRO F 229 -16.91 16.78 -26.64
C PRO F 229 -18.08 16.52 -27.58
N ASN F 230 -18.39 17.50 -28.41
CA ASN F 230 -19.49 17.37 -29.35
C ASN F 230 -19.04 16.67 -30.63
N THR F 237 -6.89 20.64 -36.35
CA THR F 237 -5.72 20.75 -35.48
C THR F 237 -5.10 19.38 -35.24
N GLU F 238 -5.92 18.33 -35.29
CA GLU F 238 -5.42 16.97 -35.09
C GLU F 238 -4.27 16.81 -36.06
N SER F 239 -4.46 17.32 -37.27
CA SER F 239 -3.44 17.24 -38.32
C SER F 239 -2.12 17.79 -37.79
N HIS F 240 -2.19 18.76 -36.89
CA HIS F 240 -0.98 19.36 -36.32
C HIS F 240 -0.24 18.37 -35.45
N ALA F 241 -0.96 17.75 -34.52
CA ALA F 241 -0.36 16.77 -33.62
C ALA F 241 0.39 15.72 -34.45
N VAL F 242 -0.28 15.22 -35.48
CA VAL F 242 0.34 14.19 -36.33
C VAL F 242 1.49 14.73 -37.17
N LYS F 243 1.38 15.98 -37.63
CA LYS F 243 2.46 16.57 -38.42
C LYS F 243 3.71 16.61 -37.54
N ILE F 244 3.48 16.91 -36.26
CA ILE F 244 4.53 17.00 -35.25
C ILE F 244 5.20 15.65 -34.94
N VAL F 245 4.39 14.60 -34.79
CA VAL F 245 4.94 13.28 -34.49
C VAL F 245 5.78 12.76 -35.65
N VAL F 246 5.49 13.23 -36.86
CA VAL F 246 6.23 12.82 -38.05
C VAL F 246 7.54 13.61 -38.17
N GLU F 247 7.43 14.93 -38.10
CA GLU F 247 8.59 15.82 -38.16
C GLU F 247 9.53 15.40 -37.03
N ALA F 248 8.94 15.06 -35.88
CA ALA F 248 9.72 14.62 -34.71
C ALA F 248 10.45 13.35 -35.05
N ALA F 249 9.71 12.38 -35.60
CA ALA F 249 10.29 11.10 -35.98
C ALA F 249 11.45 11.34 -36.93
N ARG F 250 11.27 12.31 -37.80
CA ARG F 250 12.26 12.67 -38.80
C ARG F 250 13.62 13.01 -38.19
N ARG F 251 13.60 13.63 -37.01
CA ARG F 251 14.82 14.03 -36.31
C ARG F 251 15.41 12.90 -35.48
N LEU F 252 14.69 11.79 -35.38
CA LEU F 252 15.13 10.67 -34.58
C LEU F 252 15.59 9.45 -35.36
N LEU F 253 15.69 9.59 -36.67
CA LEU F 253 16.13 8.47 -37.52
C LEU F 253 17.65 8.42 -37.65
S SO4 G . 7.90 2.17 25.92
O1 SO4 G . 6.86 2.27 26.96
O2 SO4 G . 8.08 3.47 25.26
O3 SO4 G . 9.17 1.75 26.54
O4 SO4 G . 7.49 1.17 24.92
S SO4 H . 15.20 19.69 16.25
O1 SO4 H . 15.33 21.06 16.76
O2 SO4 H . 15.51 19.67 14.80
O3 SO4 H . 16.13 18.80 16.98
O4 SO4 H . 13.81 19.23 16.45
N1 U5P I . -4.83 -14.67 -22.28
C2 U5P I . -3.45 -14.62 -22.10
N3 U5P I . -2.83 -15.84 -21.93
C4 U5P I . -3.44 -17.09 -21.95
C5 U5P I . -4.86 -17.05 -22.13
C6 U5P I . -5.49 -15.88 -22.29
O2 U5P I . -2.82 -13.56 -22.08
O4 U5P I . -2.75 -18.10 -21.79
C1' U5P I . -5.53 -13.40 -22.47
C2' U5P I . -5.25 -12.73 -23.81
O2' U5P I . -5.22 -11.32 -23.65
C3' U5P I . -6.43 -13.22 -24.65
C4' U5P I . -7.57 -13.19 -23.64
O3' U5P I . -6.68 -12.35 -25.76
O4' U5P I . -6.93 -13.62 -22.40
C5' U5P I . -8.74 -14.09 -23.93
O5' U5P I . -8.98 -14.16 -25.36
P U5P I . -9.83 -13.02 -26.14
O1P U5P I . -11.28 -13.21 -25.72
O2P U5P I . -9.25 -11.66 -25.73
O3P U5P I . -9.62 -13.29 -27.62
S SO4 J . 25.43 16.63 -2.13
O1 SO4 J . 25.84 18.03 -2.35
O2 SO4 J . 26.62 15.78 -2.24
O3 SO4 J . 24.84 16.48 -0.79
O4 SO4 J . 24.44 16.24 -3.15
S SO4 K . -5.74 7.67 -28.61
O1 SO4 K . -5.02 7.57 -29.90
O2 SO4 K . -5.94 6.33 -28.04
O3 SO4 K . -4.94 8.48 -27.67
O4 SO4 K . -7.05 8.32 -28.84
#